data_5IP0
#
_entry.id   5IP0
#
_cell.length_a   131.785
_cell.length_b   174.141
_cell.length_c   198.820
_cell.angle_alpha   90.00
_cell.angle_beta   90.00
_cell.angle_gamma   90.00
#
_symmetry.space_group_name_H-M   'C 2 2 21'
#
loop_
_entity.id
_entity.type
_entity.pdbx_description
1 polymer 'PHA granule-associated protein'
2 non-polymer 'CADMIUM ION'
#
_entity_poly.entity_id   1
_entity_poly.type   'polypeptide(L)'
_entity_poly.pdbx_seq_one_letter_code
;MNMDVIKSFTEQMQGFAAPLTRYNQLLASNIEQLTRLQLASANAYAELGLNQLQAVSKVQDTQSLAALGTVQLETASQLS
RQMLDDIQKLSALGQQFKEELDVLTADGIKKSTGKA
;
_entity_poly.pdbx_strand_id   A,B,C,D,E,F,G,H,I,J,K,L,M,N,O,P
#
loop_
_chem_comp.id
_chem_comp.type
_chem_comp.name
_chem_comp.formula
CD non-polymer 'CADMIUM ION' 'Cd 2'
#
# COMPACT_ATOMS: atom_id res chain seq x y z
N MET A 3 -13.04 6.54 6.64
CA MET A 3 -11.99 6.81 7.63
C MET A 3 -10.76 5.94 7.38
N ASP A 4 -10.97 4.80 6.74
CA ASP A 4 -9.85 3.99 6.24
C ASP A 4 -9.07 4.74 5.17
N VAL A 5 -9.78 5.50 4.35
CA VAL A 5 -9.21 6.13 3.17
C VAL A 5 -8.26 7.27 3.56
N ILE A 6 -8.69 8.12 4.50
CA ILE A 6 -7.88 9.24 4.96
C ILE A 6 -6.55 8.74 5.51
N LYS A 7 -6.61 7.74 6.39
CA LYS A 7 -5.40 7.25 7.03
C LYS A 7 -4.48 6.60 6.00
N SER A 8 -5.05 5.85 5.05
CA SER A 8 -4.21 5.24 4.02
C SER A 8 -3.55 6.29 3.13
N PHE A 9 -4.29 7.38 2.84
CA PHE A 9 -3.75 8.51 2.06
C PHE A 9 -2.63 9.22 2.80
N THR A 10 -2.82 9.51 4.08
CA THR A 10 -1.80 10.21 4.86
C THR A 10 -0.57 9.34 5.08
N GLU A 11 -0.73 8.04 5.31
CA GLU A 11 0.45 7.17 5.39
C GLU A 11 1.14 7.11 4.02
N GLN A 12 0.34 7.09 2.95
CA GLN A 12 0.85 7.16 1.58
C GLN A 12 1.60 8.48 1.32
N MET A 13 1.25 9.53 2.07
CA MET A 13 1.87 10.84 1.97
C MET A 13 3.13 10.97 2.81
N GLN A 14 3.12 10.43 4.03
CA GLN A 14 4.31 10.41 4.88
C GLN A 14 5.46 9.75 4.13
N GLY A 15 5.19 8.59 3.54
CA GLY A 15 6.15 7.92 2.71
C GLY A 15 7.13 7.05 3.46
N PHE A 16 6.68 6.43 4.55
CA PHE A 16 7.51 5.52 5.34
C PHE A 16 7.30 4.04 4.99
N ALA A 17 6.06 3.57 4.87
CA ALA A 17 5.84 2.17 4.53
C ALA A 17 5.98 1.91 3.03
N ALA A 18 5.89 2.95 2.20
CA ALA A 18 5.93 2.75 0.75
C ALA A 18 7.26 2.18 0.27
N PRO A 19 8.44 2.73 0.62
CA PRO A 19 9.70 2.15 0.09
C PRO A 19 9.98 0.74 0.58
N LEU A 20 9.70 0.45 1.84
CA LEU A 20 9.87 -0.90 2.35
C LEU A 20 8.94 -1.88 1.64
N THR A 21 7.65 -1.54 1.57
CA THR A 21 6.72 -2.34 0.79
C THR A 21 7.22 -2.54 -0.64
N ARG A 22 7.84 -1.50 -1.22
CA ARG A 22 8.43 -1.67 -2.53
C ARG A 22 9.47 -2.78 -2.51
N TYR A 23 10.26 -2.85 -1.45
CA TYR A 23 11.32 -3.85 -1.37
C TYR A 23 10.76 -5.27 -1.27
N ASN A 24 9.83 -5.48 -0.32
CA ASN A 24 9.20 -6.78 -0.17
C ASN A 24 8.50 -7.20 -1.46
N GLN A 25 7.69 -6.28 -2.00
CA GLN A 25 6.99 -6.47 -3.27
C GLN A 25 7.94 -6.95 -4.35
N LEU A 26 9.13 -6.33 -4.41
CA LEU A 26 10.10 -6.67 -5.44
C LEU A 26 10.57 -8.11 -5.28
N LEU A 27 10.93 -8.46 -4.04
CA LEU A 27 11.36 -9.83 -3.71
C LEU A 27 10.30 -10.85 -4.10
N ALA A 28 9.08 -10.66 -3.60
CA ALA A 28 8.00 -11.60 -3.89
C ALA A 28 7.84 -11.79 -5.39
N SER A 29 7.93 -10.68 -6.16
CA SER A 29 7.81 -10.76 -7.61
C SER A 29 8.89 -11.64 -8.21
N ASN A 30 10.13 -11.44 -7.80
CA ASN A 30 11.18 -12.24 -8.41
C ASN A 30 11.08 -13.72 -8.02
N ILE A 31 10.63 -13.99 -6.79
CA ILE A 31 10.35 -15.38 -6.40
C ILE A 31 9.29 -16.00 -7.32
N GLU A 32 8.20 -15.27 -7.54
CA GLU A 32 7.14 -15.73 -8.44
C GLU A 32 7.67 -16.04 -9.85
N GLN A 33 8.50 -15.12 -10.39
CA GLN A 33 9.00 -15.25 -11.76
C GLN A 33 9.98 -16.42 -11.88
N LEU A 34 10.83 -16.61 -10.87
CA LEU A 34 11.67 -17.80 -10.79
C LEU A 34 10.84 -19.09 -10.72
N THR A 35 9.82 -19.10 -9.89
CA THR A 35 8.98 -20.28 -9.82
C THR A 35 8.39 -20.61 -11.18
N ARG A 36 7.86 -19.61 -11.87
CA ARG A 36 7.22 -19.85 -13.16
C ARG A 36 8.24 -20.34 -14.19
N LEU A 37 9.48 -19.85 -14.13
CA LEU A 37 10.55 -20.41 -14.95
C LEU A 37 10.78 -21.89 -14.66
N GLN A 38 10.84 -22.27 -13.38
CA GLN A 38 11.06 -23.67 -13.02
C GLN A 38 9.90 -24.55 -13.51
N LEU A 39 8.66 -24.07 -13.37
CA LEU A 39 7.51 -24.79 -13.89
C LEU A 39 7.60 -24.99 -15.39
N ALA A 40 7.97 -23.95 -16.13
CA ALA A 40 8.08 -24.07 -17.58
C ALA A 40 9.20 -25.04 -17.97
N SER A 41 10.36 -24.96 -17.32
CA SER A 41 11.43 -25.93 -17.60
C SER A 41 10.94 -27.34 -17.34
N ALA A 42 10.33 -27.57 -16.17
CA ALA A 42 9.84 -28.90 -15.83
C ALA A 42 8.84 -29.39 -16.87
N ASN A 43 7.87 -28.56 -17.23
CA ASN A 43 6.90 -29.00 -18.22
C ASN A 43 7.58 -29.32 -19.55
N ALA A 44 8.62 -28.58 -19.90
CA ALA A 44 9.34 -28.82 -21.14
C ALA A 44 10.05 -30.17 -21.12
N TYR A 45 10.85 -30.43 -20.09
CA TYR A 45 11.52 -31.74 -20.00
C TYR A 45 10.50 -32.89 -19.98
N ALA A 46 9.38 -32.70 -19.30
CA ALA A 46 8.37 -33.75 -19.30
C ALA A 46 7.84 -33.99 -20.72
N GLU A 47 7.44 -32.92 -21.42
CA GLU A 47 6.91 -33.09 -22.77
C GLU A 47 7.94 -33.74 -23.69
N LEU A 48 9.23 -33.47 -23.49
CA LEU A 48 10.27 -34.16 -24.25
C LEU A 48 10.26 -35.66 -23.97
N GLY A 49 10.36 -36.05 -22.70
CA GLY A 49 10.48 -37.46 -22.41
C GLY A 49 9.25 -38.22 -22.86
N LEU A 50 8.08 -37.60 -22.71
CA LEU A 50 6.82 -38.23 -23.07
C LEU A 50 6.71 -38.43 -24.58
N ASN A 51 6.97 -37.36 -25.35
CA ASN A 51 6.81 -37.45 -26.79
C ASN A 51 7.90 -38.34 -27.41
N GLN A 52 9.06 -38.45 -26.77
CA GLN A 52 10.07 -39.43 -27.19
C GLN A 52 9.66 -40.85 -26.86
N LEU A 53 8.84 -41.03 -25.83
CA LEU A 53 8.36 -42.35 -25.44
C LEU A 53 7.29 -42.85 -26.41
N GLN A 54 6.29 -42.02 -26.67
CA GLN A 54 5.31 -42.32 -27.71
C GLN A 54 5.98 -42.50 -29.07
N ALA A 55 6.99 -41.67 -29.33
CA ALA A 55 7.68 -41.73 -30.62
C ALA A 55 8.42 -43.04 -30.79
N VAL A 56 9.22 -43.43 -29.80
CA VAL A 56 9.93 -44.69 -29.87
C VAL A 56 8.95 -45.86 -29.91
N SER A 57 7.74 -45.68 -29.36
CA SER A 57 6.72 -46.73 -29.50
C SER A 57 6.20 -46.83 -30.92
N LYS A 58 5.98 -45.69 -31.59
CA LYS A 58 5.50 -45.80 -32.96
C LYS A 58 6.61 -46.26 -33.91
N VAL A 59 7.88 -46.07 -33.53
CA VAL A 59 8.95 -46.67 -34.31
C VAL A 59 9.05 -48.16 -34.02
N GLN A 60 8.77 -48.56 -32.77
CA GLN A 60 8.69 -49.98 -32.43
C GLN A 60 7.79 -50.72 -33.40
N ASP A 61 6.60 -50.18 -33.68
CA ASP A 61 5.59 -50.74 -34.58
C ASP A 61 5.86 -50.37 -36.04
N THR A 62 7.13 -50.41 -36.41
CA THR A 62 7.62 -50.27 -37.79
C THR A 62 9.11 -50.60 -37.73
N GLN A 63 9.82 -50.49 -38.83
CA GLN A 63 11.23 -50.88 -38.85
C GLN A 63 12.18 -49.77 -39.29
N SER A 64 11.67 -48.70 -39.88
CA SER A 64 12.49 -47.65 -40.48
C SER A 64 13.38 -47.03 -39.41
N LEU A 65 14.69 -47.20 -39.56
CA LEU A 65 15.63 -46.52 -38.68
C LEU A 65 15.72 -45.05 -39.00
N ALA A 66 15.18 -44.64 -40.16
CA ALA A 66 15.06 -43.24 -40.52
C ALA A 66 14.09 -42.49 -39.62
N ALA A 67 12.92 -43.09 -39.34
CA ALA A 67 11.99 -42.46 -38.42
C ALA A 67 12.61 -42.34 -37.03
N LEU A 68 13.37 -43.37 -36.62
CA LEU A 68 14.09 -43.31 -35.36
C LEU A 68 15.06 -42.14 -35.37
N GLY A 69 15.83 -42.00 -36.46
CA GLY A 69 16.75 -40.88 -36.56
C GLY A 69 16.04 -39.54 -36.56
N THR A 70 14.85 -39.48 -37.15
CA THR A 70 14.12 -38.22 -37.19
C THR A 70 13.64 -37.84 -35.80
N VAL A 71 13.24 -38.84 -35.01
CA VAL A 71 12.86 -38.55 -33.63
C VAL A 71 14.09 -38.13 -32.83
N GLN A 72 15.25 -38.77 -33.08
CA GLN A 72 16.47 -38.40 -32.37
C GLN A 72 16.83 -36.95 -32.66
N LEU A 73 16.81 -36.61 -33.94
CA LEU A 73 17.08 -35.27 -34.42
C LEU A 73 16.19 -34.24 -33.76
N GLU A 74 14.87 -34.48 -33.78
CA GLU A 74 13.91 -33.56 -33.20
C GLU A 74 14.15 -33.35 -31.70
N THR A 75 14.31 -34.44 -30.96
CA THR A 75 14.43 -34.31 -29.51
C THR A 75 15.75 -33.65 -29.10
N ALA A 76 16.86 -33.97 -29.79
CA ALA A 76 18.12 -33.31 -29.43
C ALA A 76 18.09 -31.82 -29.78
N SER A 77 17.59 -31.49 -30.97
CA SER A 77 17.55 -30.10 -31.40
C SER A 77 16.65 -29.27 -30.50
N GLN A 78 15.47 -29.80 -30.16
CA GLN A 78 14.58 -29.07 -29.29
C GLN A 78 15.13 -28.98 -27.88
N LEU A 79 15.86 -30.00 -27.43
CA LEU A 79 16.50 -29.90 -26.12
C LEU A 79 17.49 -28.73 -26.08
N SER A 80 18.42 -28.66 -27.05
CA SER A 80 19.31 -27.49 -27.09
C SER A 80 18.51 -26.19 -27.12
N ARG A 81 17.49 -26.13 -27.97
CA ARG A 81 16.60 -24.96 -28.02
C ARG A 81 16.19 -24.57 -26.61
N GLN A 82 15.46 -25.47 -25.94
CA GLN A 82 14.87 -25.18 -24.64
C GLN A 82 15.93 -24.78 -23.63
N MET A 83 17.10 -25.41 -23.70
CA MET A 83 18.14 -25.14 -22.71
C MET A 83 18.69 -23.73 -22.86
N LEU A 84 18.97 -23.32 -24.09
CA LEU A 84 19.48 -21.98 -24.31
C LEU A 84 18.42 -20.92 -24.01
N ASP A 85 17.16 -21.14 -24.46
CA ASP A 85 16.13 -20.15 -24.19
C ASP A 85 15.88 -20.02 -22.69
N ASP A 86 15.94 -21.12 -21.95
CA ASP A 86 15.82 -21.08 -20.49
C ASP A 86 16.93 -20.24 -19.86
N ILE A 87 18.18 -20.47 -20.28
CA ILE A 87 19.27 -19.66 -19.75
C ILE A 87 19.05 -18.19 -20.04
N GLN A 88 18.58 -17.87 -21.25
CA GLN A 88 18.39 -16.46 -21.59
C GLN A 88 17.29 -15.84 -20.73
N LYS A 89 16.12 -16.47 -20.67
CA LYS A 89 15.06 -16.07 -19.74
C LYS A 89 15.63 -15.76 -18.36
N LEU A 90 16.44 -16.68 -17.82
CA LEU A 90 16.97 -16.46 -16.49
C LEU A 90 17.88 -15.25 -16.44
N SER A 91 18.75 -15.08 -17.44
CA SER A 91 19.62 -13.92 -17.46
C SER A 91 18.80 -12.63 -17.45
N ALA A 92 17.74 -12.59 -18.26
CA ALA A 92 16.88 -11.42 -18.27
C ALA A 92 16.33 -11.15 -16.90
N LEU A 93 15.84 -12.20 -16.24
CA LEU A 93 15.26 -12.04 -14.92
C LEU A 93 16.28 -11.44 -13.95
N GLY A 94 17.53 -11.91 -14.05
CA GLY A 94 18.58 -11.40 -13.19
C GLY A 94 18.91 -9.95 -13.48
N GLN A 95 18.97 -9.58 -14.76
CA GLN A 95 19.19 -8.19 -15.14
C GLN A 95 18.10 -7.29 -14.58
N GLN A 96 16.84 -7.57 -14.92
CA GLN A 96 15.77 -6.67 -14.51
C GLN A 96 15.72 -6.56 -12.98
N PHE A 97 16.15 -7.61 -12.25
CA PHE A 97 16.24 -7.53 -10.79
C PHE A 97 17.36 -6.60 -10.31
N LYS A 98 18.54 -6.72 -10.91
CA LYS A 98 19.60 -5.74 -10.64
C LYS A 98 19.10 -4.32 -10.90
N GLU A 99 18.44 -4.10 -12.04
CA GLU A 99 17.90 -2.78 -12.35
C GLU A 99 16.95 -2.29 -11.26
N GLU A 100 15.94 -3.08 -10.91
CA GLU A 100 14.95 -2.56 -9.99
C GLU A 100 15.60 -2.22 -8.66
N LEU A 101 16.60 -3.02 -8.26
CA LEU A 101 17.35 -2.76 -7.03
C LEU A 101 18.14 -1.45 -7.10
N ASP A 102 18.78 -1.17 -8.24
CA ASP A 102 19.52 0.07 -8.37
C ASP A 102 18.61 1.28 -8.32
N VAL A 103 17.39 1.15 -8.87
CA VAL A 103 16.44 2.25 -8.75
C VAL A 103 16.07 2.46 -7.27
N LEU A 104 15.84 1.37 -6.54
CA LEU A 104 15.45 1.49 -5.14
C LEU A 104 16.58 2.04 -4.25
N THR A 105 17.84 1.65 -4.50
CA THR A 105 18.92 2.25 -3.73
C THR A 105 19.06 3.72 -4.08
N ALA A 106 19.00 4.00 -5.39
CA ALA A 106 19.13 5.37 -5.88
C ALA A 106 18.08 6.29 -5.24
N ASP A 107 16.81 5.88 -5.26
CA ASP A 107 15.78 6.70 -4.64
C ASP A 107 15.93 6.74 -3.14
N GLY A 108 16.51 5.69 -2.54
CA GLY A 108 16.73 5.70 -1.10
C GLY A 108 17.55 6.87 -0.60
N ILE A 109 18.66 7.17 -1.27
CA ILE A 109 19.59 8.22 -0.85
C ILE A 109 18.93 9.60 -0.61
N PHE B 9 -0.90 -49.39 -26.34
CA PHE B 9 -0.15 -49.07 -25.13
C PHE B 9 0.29 -47.61 -25.09
N THR B 10 0.82 -47.12 -26.22
CA THR B 10 1.26 -45.73 -26.31
C THR B 10 0.13 -44.75 -26.02
N GLU B 11 -1.11 -45.17 -26.30
CA GLU B 11 -2.30 -44.43 -25.88
C GLU B 11 -2.21 -43.96 -24.43
N GLN B 12 -1.77 -44.86 -23.54
CA GLN B 12 -1.71 -44.55 -22.11
C GLN B 12 -0.83 -43.35 -21.81
N MET B 13 0.10 -43.02 -22.70
CA MET B 13 1.00 -41.89 -22.47
C MET B 13 0.25 -40.57 -22.40
N GLN B 14 -0.89 -40.46 -23.09
CA GLN B 14 -1.74 -39.28 -22.90
C GLN B 14 -2.04 -39.07 -21.41
N GLY B 15 -2.38 -40.16 -20.73
CA GLY B 15 -2.72 -40.13 -19.32
C GLY B 15 -1.55 -39.84 -18.40
N PHE B 16 -0.33 -39.71 -18.92
CA PHE B 16 0.73 -39.15 -18.10
C PHE B 16 0.66 -37.63 -18.07
N ALA B 17 0.36 -37.02 -19.23
CA ALA B 17 0.48 -35.57 -19.36
C ALA B 17 -0.46 -34.83 -18.43
N ALA B 18 -1.66 -35.37 -18.22
CA ALA B 18 -2.61 -34.68 -17.34
C ALA B 18 -2.05 -34.53 -15.94
N PRO B 19 -1.79 -35.60 -15.18
CA PRO B 19 -1.31 -35.39 -13.81
C PRO B 19 0.04 -34.70 -13.75
N LEU B 20 0.97 -35.05 -14.65
CA LEU B 20 2.32 -34.46 -14.58
C LEU B 20 2.23 -32.94 -14.51
N THR B 21 1.67 -32.33 -15.55
CA THR B 21 1.42 -30.90 -15.50
C THR B 21 0.60 -30.54 -14.26
N ARG B 22 -0.52 -31.24 -14.05
CA ARG B 22 -1.32 -30.97 -12.87
C ARG B 22 -0.48 -31.02 -11.60
N TYR B 23 0.46 -31.95 -11.52
CA TYR B 23 1.37 -31.97 -10.39
C TYR B 23 2.24 -30.72 -10.41
N ASN B 24 2.97 -30.49 -11.50
CA ASN B 24 3.91 -29.37 -11.53
C ASN B 24 3.19 -28.05 -11.28
N GLN B 25 2.06 -27.84 -11.95
CA GLN B 25 1.26 -26.64 -11.70
C GLN B 25 0.95 -26.50 -10.22
N LEU B 26 0.46 -27.57 -9.60
CA LEU B 26 0.08 -27.48 -8.20
C LEU B 26 1.27 -27.03 -7.37
N LEU B 27 2.44 -27.64 -7.57
CA LEU B 27 3.59 -27.24 -6.78
C LEU B 27 3.75 -25.73 -6.83
N ALA B 28 3.81 -25.20 -8.06
CA ALA B 28 4.09 -23.79 -8.26
C ALA B 28 2.95 -22.91 -7.75
N SER B 29 1.70 -23.38 -7.93
CA SER B 29 0.57 -22.77 -7.24
C SER B 29 0.92 -22.53 -5.77
N ASN B 30 1.19 -23.62 -5.04
CA ASN B 30 1.40 -23.47 -3.62
C ASN B 30 2.57 -22.56 -3.31
N ILE B 31 3.59 -22.53 -4.17
CA ILE B 31 4.71 -21.66 -3.89
C ILE B 31 4.28 -20.20 -3.99
N GLU B 32 3.62 -19.84 -5.10
CA GLU B 32 3.19 -18.46 -5.31
C GLU B 32 2.41 -17.96 -4.11
N GLN B 33 1.28 -18.62 -3.83
CA GLN B 33 0.42 -18.27 -2.70
C GLN B 33 1.19 -18.13 -1.40
N LEU B 34 2.08 -19.08 -1.10
CA LEU B 34 2.80 -18.96 0.15
C LEU B 34 3.60 -17.66 0.18
N THR B 35 4.29 -17.35 -0.93
CA THR B 35 5.03 -16.10 -1.06
C THR B 35 4.13 -14.87 -0.87
N ARG B 36 2.92 -14.91 -1.41
CA ARG B 36 2.04 -13.78 -1.17
C ARG B 36 1.74 -13.64 0.32
N LEU B 37 1.44 -14.77 0.97
CA LEU B 37 1.31 -14.78 2.42
C LEU B 37 2.54 -14.15 3.06
N GLN B 38 3.72 -14.65 2.70
CA GLN B 38 4.94 -14.13 3.28
C GLN B 38 5.05 -12.64 3.02
N LEU B 39 4.52 -12.19 1.87
CA LEU B 39 4.52 -10.78 1.54
C LEU B 39 3.53 -10.01 2.40
N ALA B 40 2.28 -10.47 2.47
CA ALA B 40 1.28 -9.73 3.23
C ALA B 40 1.75 -9.55 4.67
N SER B 41 2.06 -10.66 5.35
CA SER B 41 2.66 -10.57 6.67
C SER B 41 3.80 -9.56 6.70
N ALA B 42 4.74 -9.69 5.76
CA ALA B 42 5.95 -8.88 5.82
C ALA B 42 5.64 -7.39 5.75
N ASN B 43 4.55 -6.99 5.09
CA ASN B 43 4.25 -5.56 5.16
C ASN B 43 3.17 -5.23 6.18
N ALA B 44 2.39 -6.21 6.64
CA ALA B 44 1.53 -5.97 7.80
C ALA B 44 2.36 -5.54 9.02
N TYR B 45 3.39 -6.32 9.37
CA TYR B 45 4.29 -5.88 10.43
C TYR B 45 4.79 -4.47 10.13
N ALA B 46 5.15 -4.23 8.87
CA ALA B 46 5.81 -2.97 8.53
C ALA B 46 4.89 -1.80 8.84
N GLU B 47 3.59 -1.96 8.65
CA GLU B 47 2.69 -0.88 9.00
C GLU B 47 2.74 -0.60 10.50
N LEU B 48 2.63 -1.65 11.31
CA LEU B 48 2.75 -1.49 12.75
C LEU B 48 4.09 -0.89 13.16
N GLY B 49 5.12 -1.01 12.32
CA GLY B 49 6.39 -0.37 12.66
C GLY B 49 6.29 1.13 12.65
N LEU B 50 5.56 1.68 11.67
CA LEU B 50 5.38 3.14 11.57
C LEU B 50 4.56 3.66 12.74
N ASN B 51 3.73 2.82 13.34
CA ASN B 51 2.93 3.18 14.48
C ASN B 51 3.69 3.01 15.80
N THR B 62 -1.95 -3.16 21.11
CA THR B 62 -1.40 -4.49 21.37
C THR B 62 -2.45 -5.59 21.16
N GLN B 63 -3.71 -5.18 21.03
CA GLN B 63 -4.76 -6.11 20.61
C GLN B 63 -4.76 -6.28 19.10
N SER B 64 -4.32 -5.23 18.39
CA SER B 64 -4.12 -5.32 16.95
C SER B 64 -3.09 -6.39 16.60
N LEU B 65 -2.13 -6.65 17.51
CA LEU B 65 -1.11 -7.67 17.31
C LEU B 65 -1.69 -9.08 17.43
N ALA B 66 -2.50 -9.28 18.48
CA ALA B 66 -3.18 -10.55 18.67
C ALA B 66 -4.07 -10.85 17.46
N ALA B 67 -4.90 -9.88 17.09
CA ALA B 67 -5.76 -10.06 15.93
C ALA B 67 -4.94 -10.33 14.67
N LEU B 68 -3.83 -9.62 14.48
CA LEU B 68 -2.97 -9.83 13.31
C LEU B 68 -2.49 -11.27 13.23
N GLY B 69 -1.99 -11.80 14.34
CA GLY B 69 -1.59 -13.20 14.37
C GLY B 69 -2.74 -14.14 14.05
N THR B 70 -3.89 -13.93 14.70
CA THR B 70 -5.04 -14.79 14.41
C THR B 70 -5.36 -14.79 12.92
N VAL B 71 -5.31 -13.61 12.30
CA VAL B 71 -5.76 -13.56 10.92
C VAL B 71 -4.74 -14.22 9.99
N GLN B 72 -3.44 -14.04 10.25
CA GLN B 72 -2.44 -14.78 9.49
C GLN B 72 -2.63 -16.29 9.61
N LEU B 73 -2.74 -16.80 10.85
CA LEU B 73 -2.93 -18.22 11.05
C LEU B 73 -4.17 -18.74 10.30
N GLU B 74 -5.24 -17.93 10.26
CA GLU B 74 -6.47 -18.36 9.61
C GLU B 74 -6.34 -18.39 8.09
N THR B 75 -5.78 -17.31 7.51
CA THR B 75 -5.45 -17.26 6.09
C THR B 75 -4.68 -18.51 5.66
N ALA B 76 -3.53 -18.73 6.29
CA ALA B 76 -2.74 -19.91 6.00
C ALA B 76 -3.54 -21.20 6.17
N SER B 77 -4.40 -21.28 7.19
CA SER B 77 -5.20 -22.49 7.33
C SER B 77 -6.10 -22.72 6.12
N GLN B 78 -6.72 -21.65 5.62
CA GLN B 78 -7.61 -21.80 4.47
C GLN B 78 -6.83 -22.23 3.24
N LEU B 79 -5.73 -21.53 2.93
CA LEU B 79 -4.84 -22.01 1.88
C LEU B 79 -4.47 -23.48 2.09
N SER B 80 -4.36 -23.92 3.34
CA SER B 80 -3.99 -25.30 3.61
C SER B 80 -5.11 -26.26 3.26
N ARG B 81 -6.34 -25.94 3.67
CA ARG B 81 -7.48 -26.77 3.28
C ARG B 81 -7.54 -26.89 1.78
N GLN B 82 -7.45 -25.75 1.07
CA GLN B 82 -7.50 -25.81 -0.38
C GLN B 82 -6.36 -26.65 -0.95
N MET B 83 -5.15 -26.44 -0.44
CA MET B 83 -4.01 -27.22 -0.92
C MET B 83 -4.27 -28.71 -0.74
N LEU B 84 -4.83 -29.10 0.42
CA LEU B 84 -5.05 -30.53 0.69
C LEU B 84 -6.17 -31.11 -0.15
N ASP B 85 -7.20 -30.32 -0.48
CA ASP B 85 -8.24 -30.82 -1.38
C ASP B 85 -7.69 -31.01 -2.79
N ASP B 86 -6.91 -30.04 -3.29
CA ASP B 86 -6.33 -30.18 -4.63
C ASP B 86 -5.37 -31.37 -4.68
N ILE B 87 -4.66 -31.64 -3.58
CA ILE B 87 -3.79 -32.82 -3.53
C ILE B 87 -4.63 -34.09 -3.52
N GLN B 88 -5.82 -34.04 -2.90
CA GLN B 88 -6.71 -35.19 -2.95
C GLN B 88 -7.14 -35.49 -4.38
N LYS B 89 -7.69 -34.47 -5.08
CA LYS B 89 -8.14 -34.68 -6.45
C LYS B 89 -7.02 -35.20 -7.33
N LEU B 90 -5.84 -34.59 -7.20
CA LEU B 90 -4.69 -35.01 -7.99
C LEU B 90 -4.34 -36.46 -7.71
N SER B 91 -4.24 -36.83 -6.44
CA SER B 91 -3.84 -38.19 -6.10
C SER B 91 -4.87 -39.20 -6.57
N ALA B 92 -6.14 -38.81 -6.60
CA ALA B 92 -7.17 -39.68 -7.20
C ALA B 92 -6.90 -39.88 -8.68
N LEU B 93 -6.63 -38.79 -9.40
CA LEU B 93 -6.25 -38.92 -10.80
C LEU B 93 -5.10 -39.90 -10.97
N GLY B 94 -4.02 -39.69 -10.21
CA GLY B 94 -2.84 -40.53 -10.36
C GLY B 94 -3.11 -41.98 -10.04
N GLN B 95 -3.94 -42.23 -9.02
CA GLN B 95 -4.20 -43.60 -8.55
C GLN B 95 -5.10 -44.37 -9.50
N GLN B 96 -6.15 -43.72 -10.01
CA GLN B 96 -6.94 -44.30 -11.09
C GLN B 96 -6.06 -44.63 -12.28
N PHE B 97 -5.18 -43.68 -12.65
CA PHE B 97 -4.28 -43.89 -13.77
C PHE B 97 -3.32 -45.06 -13.53
N LYS B 98 -2.89 -45.25 -12.27
CA LYS B 98 -2.02 -46.38 -11.98
C LYS B 98 -2.79 -47.70 -12.01
N GLU B 99 -4.06 -47.70 -11.57
CA GLU B 99 -4.87 -48.91 -11.69
C GLU B 99 -4.96 -49.32 -13.16
N GLU B 100 -5.22 -48.36 -14.05
CA GLU B 100 -5.32 -48.70 -15.47
C GLU B 100 -3.98 -49.16 -16.04
N LEU B 101 -2.87 -48.56 -15.59
CA LEU B 101 -1.57 -48.94 -16.13
C LEU B 101 -1.14 -50.33 -15.65
N ASP B 102 -1.31 -50.62 -14.36
CA ASP B 102 -1.02 -51.93 -13.82
C ASP B 102 -1.90 -53.00 -14.46
N VAL B 103 -3.11 -52.63 -14.90
CA VAL B 103 -3.91 -53.56 -15.67
C VAL B 103 -3.35 -53.74 -17.09
N LEU B 104 -2.84 -52.64 -17.69
CA LEU B 104 -2.39 -52.71 -19.07
C LEU B 104 -1.06 -53.47 -19.22
N THR B 105 -0.21 -53.45 -18.20
CA THR B 105 1.01 -54.26 -18.27
C THR B 105 0.70 -55.74 -18.10
N ALA B 106 -0.38 -56.08 -17.40
CA ALA B 106 -0.76 -57.47 -17.21
C ALA B 106 -1.17 -58.10 -18.54
N ALA C 17 21.82 -35.45 -16.21
CA ALA C 17 22.84 -34.68 -15.51
C ALA C 17 23.08 -33.37 -16.25
N ALA C 18 24.35 -32.94 -16.29
CA ALA C 18 24.81 -31.92 -17.23
C ALA C 18 24.29 -30.54 -16.85
N PRO C 19 24.55 -29.52 -17.68
CA PRO C 19 23.99 -28.19 -17.38
C PRO C 19 22.48 -28.15 -17.23
N LEU C 20 21.72 -29.09 -17.76
CA LEU C 20 20.28 -29.09 -17.46
C LEU C 20 20.07 -29.05 -15.94
N THR C 21 20.53 -30.11 -15.26
CA THR C 21 20.51 -30.14 -13.81
C THR C 21 21.12 -28.88 -13.21
N ARG C 22 22.31 -28.49 -13.70
CA ARG C 22 22.98 -27.30 -13.15
C ARG C 22 22.06 -26.07 -13.17
N TYR C 23 21.24 -25.94 -14.21
CA TYR C 23 20.33 -24.81 -14.38
C TYR C 23 19.13 -24.89 -13.45
N ASN C 24 18.51 -26.07 -13.34
CA ASN C 24 17.41 -26.18 -12.39
C ASN C 24 17.89 -25.94 -10.96
N GLN C 25 19.12 -26.34 -10.68
CA GLN C 25 19.70 -26.14 -9.36
C GLN C 25 19.91 -24.66 -9.08
N LEU C 26 20.52 -23.91 -10.01
CA LEU C 26 20.65 -22.46 -9.83
C LEU C 26 19.29 -21.79 -9.63
N LEU C 27 18.29 -22.19 -10.43
CA LEU C 27 16.94 -21.65 -10.30
C LEU C 27 16.41 -21.80 -8.87
N ALA C 28 16.36 -23.05 -8.40
CA ALA C 28 15.84 -23.33 -7.07
C ALA C 28 16.69 -22.65 -6.00
N SER C 29 18.01 -22.66 -6.21
CA SER C 29 18.96 -22.00 -5.33
C SER C 29 18.55 -20.55 -5.09
N ASN C 30 18.29 -19.83 -6.18
CA ASN C 30 17.94 -18.43 -6.06
C ASN C 30 16.58 -18.25 -5.37
N ILE C 31 15.62 -19.13 -5.68
CA ILE C 31 14.33 -19.05 -4.99
C ILE C 31 14.53 -19.12 -3.47
N GLU C 32 15.33 -20.09 -3.02
CA GLU C 32 15.57 -20.29 -1.59
C GLU C 32 16.18 -19.06 -0.96
N GLN C 33 17.33 -18.59 -1.50
CA GLN C 33 17.98 -17.39 -0.96
C GLN C 33 17.03 -16.20 -0.87
N LEU C 34 16.23 -15.97 -1.91
CA LEU C 34 15.28 -14.86 -1.87
C LEU C 34 14.29 -15.05 -0.73
N THR C 35 13.77 -16.26 -0.56
CA THR C 35 12.86 -16.52 0.57
C THR C 35 13.53 -16.21 1.91
N ARG C 36 14.76 -16.70 2.12
CA ARG C 36 15.42 -16.36 3.37
C ARG C 36 15.58 -14.85 3.53
N LEU C 37 15.72 -14.12 2.41
CA LEU C 37 15.78 -12.66 2.45
C LEU C 37 14.44 -12.05 2.88
N GLN C 38 13.34 -12.55 2.32
CA GLN C 38 12.06 -12.00 2.69
C GLN C 38 11.79 -12.29 4.16
N LEU C 39 12.22 -13.47 4.63
CA LEU C 39 12.11 -13.83 6.04
C LEU C 39 12.93 -12.92 6.94
N ALA C 40 14.19 -12.69 6.60
CA ALA C 40 15.00 -11.77 7.37
C ALA C 40 14.29 -10.44 7.49
N SER C 41 13.86 -9.92 6.34
CA SER C 41 13.08 -8.68 6.34
C SER C 41 11.86 -8.74 7.26
N ALA C 42 11.02 -9.78 7.12
CA ALA C 42 9.78 -9.83 7.91
C ALA C 42 10.07 -9.83 9.39
N ASN C 43 11.06 -10.62 9.82
CA ASN C 43 11.48 -10.63 11.21
C ASN C 43 11.95 -9.26 11.65
N ALA C 44 12.77 -8.60 10.83
CA ALA C 44 13.28 -7.29 11.17
C ALA C 44 12.16 -6.26 11.30
N TYR C 45 11.05 -6.44 10.58
CA TYR C 45 9.91 -5.54 10.77
C TYR C 45 9.19 -5.85 12.08
N ALA C 46 8.98 -7.14 12.37
CA ALA C 46 8.26 -7.50 13.60
C ALA C 46 9.02 -7.03 14.83
N GLU C 47 10.32 -7.33 14.91
CA GLU C 47 11.16 -6.61 15.85
C GLU C 47 11.15 -5.14 15.45
N LEU C 48 11.28 -4.25 16.45
CA LEU C 48 11.15 -2.80 16.25
C LEU C 48 9.68 -2.45 16.02
N GLY C 49 8.94 -3.31 15.31
CA GLY C 49 7.49 -3.20 15.34
C GLY C 49 6.97 -3.37 16.74
N LEU C 50 7.67 -4.16 17.57
CA LEU C 50 7.37 -4.33 18.99
C LEU C 50 7.74 -3.08 19.80
N GLN C 60 15.53 8.14 18.35
CA GLN C 60 16.75 7.50 17.88
C GLN C 60 16.49 6.28 16.99
N ASP C 61 15.21 6.01 16.72
CA ASP C 61 14.85 4.78 16.01
C ASP C 61 14.75 4.96 14.50
N THR C 62 14.35 6.14 14.01
CA THR C 62 14.31 6.39 12.58
C THR C 62 15.71 6.28 11.95
N GLN C 63 16.76 6.50 12.74
CA GLN C 63 18.10 6.18 12.29
C GLN C 63 18.21 4.70 11.93
N SER C 64 17.65 3.84 12.81
CA SER C 64 17.63 2.40 12.56
C SER C 64 16.70 1.99 11.42
N LEU C 65 15.62 2.75 11.19
CA LEU C 65 14.74 2.47 10.03
C LEU C 65 15.46 2.72 8.70
N ALA C 66 16.02 3.93 8.55
CA ALA C 66 16.79 4.21 7.34
C ALA C 66 17.93 3.23 7.19
N ALA C 67 18.58 2.90 8.31
CA ALA C 67 19.62 1.88 8.29
C ALA C 67 19.09 0.54 7.78
N LEU C 68 17.90 0.13 8.24
CA LEU C 68 17.32 -1.16 7.84
C LEU C 68 17.05 -1.21 6.34
N GLY C 69 16.37 -0.18 5.81
CA GLY C 69 16.16 -0.11 4.38
C GLY C 69 17.47 -0.17 3.61
N THR C 70 18.48 0.57 4.10
CA THR C 70 19.79 0.52 3.45
C THR C 70 20.36 -0.89 3.49
N VAL C 71 20.27 -1.56 4.63
CA VAL C 71 20.95 -2.84 4.75
C VAL C 71 20.27 -3.90 3.90
N GLN C 72 18.94 -3.97 3.92
CA GLN C 72 18.26 -4.96 3.09
C GLN C 72 18.39 -4.65 1.60
N LEU C 73 18.47 -3.37 1.23
CA LEU C 73 18.82 -3.06 -0.14
C LEU C 73 20.20 -3.60 -0.50
N GLU C 74 21.18 -3.40 0.40
CA GLU C 74 22.57 -3.75 0.07
C GLU C 74 22.79 -5.26 0.04
N THR C 75 22.08 -6.00 0.90
CA THR C 75 22.10 -7.47 0.85
C THR C 75 21.47 -7.98 -0.44
N ALA C 76 20.28 -7.50 -0.76
CA ALA C 76 19.67 -7.94 -2.01
C ALA C 76 20.60 -7.63 -3.18
N SER C 77 21.22 -6.45 -3.17
CA SER C 77 22.14 -6.04 -4.23
C SER C 77 23.28 -7.04 -4.39
N GLN C 78 23.88 -7.44 -3.27
CA GLN C 78 24.97 -8.43 -3.35
C GLN C 78 24.49 -9.75 -3.94
N LEU C 79 23.33 -10.24 -3.46
CA LEU C 79 22.75 -11.46 -4.00
C LEU C 79 22.54 -11.35 -5.52
N SER C 80 22.11 -10.19 -5.99
CA SER C 80 21.95 -10.04 -7.43
C SER C 80 23.30 -10.15 -8.14
N ARG C 81 24.36 -9.57 -7.54
CA ARG C 81 25.68 -9.73 -8.13
C ARG C 81 26.01 -11.21 -8.30
N GLN C 82 25.85 -12.00 -7.22
CA GLN C 82 26.24 -13.40 -7.29
C GLN C 82 25.37 -14.16 -8.28
N MET C 83 24.05 -13.89 -8.29
CA MET C 83 23.19 -14.57 -9.24
C MET C 83 23.65 -14.33 -10.66
N LEU C 84 24.07 -13.10 -10.97
CA LEU C 84 24.52 -12.84 -12.35
C LEU C 84 25.85 -13.51 -12.67
N ASP C 85 26.76 -13.61 -11.68
CA ASP C 85 27.99 -14.38 -11.91
C ASP C 85 27.67 -15.85 -12.19
N ASP C 86 26.82 -16.46 -11.35
CA ASP C 86 26.46 -17.85 -11.59
C ASP C 86 25.77 -18.00 -12.94
N ILE C 87 25.05 -16.98 -13.37
CA ILE C 87 24.43 -17.10 -14.69
C ILE C 87 25.50 -17.14 -15.78
N GLN C 88 26.52 -16.27 -15.68
CA GLN C 88 27.60 -16.28 -16.66
C GLN C 88 28.31 -17.63 -16.73
N LYS C 89 28.73 -18.15 -15.57
CA LYS C 89 29.41 -19.45 -15.60
C LYS C 89 28.49 -20.53 -16.14
N LEU C 90 27.22 -20.49 -15.74
CA LEU C 90 26.26 -21.45 -16.24
C LEU C 90 26.21 -21.41 -17.74
N SER C 91 26.23 -20.20 -18.31
CA SER C 91 26.22 -20.07 -19.76
C SER C 91 27.42 -20.77 -20.37
N ALA C 92 28.56 -20.73 -19.68
CA ALA C 92 29.75 -21.44 -20.16
C ALA C 92 29.53 -22.96 -20.22
N LEU C 93 29.14 -23.55 -19.07
CA LEU C 93 28.87 -25.00 -19.05
C LEU C 93 27.83 -25.39 -20.11
N GLY C 94 26.81 -24.55 -20.26
CA GLY C 94 25.84 -24.73 -21.34
C GLY C 94 26.46 -24.73 -22.72
N GLN C 95 27.52 -23.94 -22.91
CA GLN C 95 28.26 -24.01 -24.18
C GLN C 95 28.83 -25.39 -24.41
N GLN C 96 29.51 -25.94 -23.39
CA GLN C 96 30.02 -27.31 -23.51
C GLN C 96 28.91 -28.28 -23.89
N PHE C 97 27.76 -28.18 -23.22
CA PHE C 97 26.69 -29.13 -23.46
C PHE C 97 26.15 -29.02 -24.89
N LYS C 98 25.87 -27.80 -25.37
CA LYS C 98 25.35 -27.70 -26.73
C LYS C 98 26.33 -28.24 -27.75
N GLU C 99 27.64 -28.07 -27.51
CA GLU C 99 28.63 -28.79 -28.33
C GLU C 99 28.32 -30.28 -28.31
N GLU C 100 27.99 -30.82 -27.13
CA GLU C 100 27.73 -32.26 -27.07
C GLU C 100 26.43 -32.65 -27.80
N LEU C 101 25.41 -31.78 -27.79
CA LEU C 101 24.10 -32.12 -28.34
C LEU C 101 24.07 -32.05 -29.85
N ASP C 102 24.81 -31.08 -30.44
CA ASP C 102 24.85 -30.92 -31.90
C ASP C 102 25.38 -32.17 -32.61
N VAL C 103 26.22 -32.96 -31.92
CA VAL C 103 26.68 -34.22 -32.48
C VAL C 103 25.55 -35.24 -32.48
N LEU C 104 24.73 -35.21 -31.43
CA LEU C 104 23.57 -36.09 -31.37
C LEU C 104 22.55 -35.75 -32.45
N THR C 105 22.29 -34.44 -32.69
CA THR C 105 21.34 -34.12 -33.75
C THR C 105 21.93 -34.42 -35.14
N ALA C 106 23.24 -34.30 -35.33
CA ALA C 106 23.77 -34.61 -36.66
C ALA C 106 23.77 -36.11 -36.93
N ASP C 107 23.96 -36.93 -35.89
CA ASP C 107 23.75 -38.37 -36.01
C ASP C 107 22.28 -38.67 -36.33
N GLY C 108 21.36 -37.93 -35.70
CA GLY C 108 19.95 -38.06 -36.05
C GLY C 108 19.67 -37.76 -37.51
N ILE C 109 20.31 -36.71 -38.05
CA ILE C 109 20.12 -36.36 -39.44
C ILE C 109 20.65 -37.46 -40.36
N LYS C 110 21.86 -37.95 -40.09
CA LYS C 110 22.42 -39.02 -40.95
C LYS C 110 21.52 -40.25 -40.97
N LYS C 111 21.03 -40.67 -39.80
CA LYS C 111 20.12 -41.82 -39.75
C LYS C 111 18.80 -41.52 -40.44
N SER C 112 18.35 -40.26 -40.34
CA SER C 112 17.08 -39.83 -40.93
C SER C 112 17.13 -39.88 -42.45
N THR C 113 18.29 -39.66 -43.04
CA THR C 113 18.43 -39.94 -44.46
C THR C 113 18.59 -41.42 -44.73
N GLY C 114 18.94 -42.20 -43.70
CA GLY C 114 18.99 -43.65 -43.83
C GLY C 114 17.94 -44.32 -44.71
N LYS C 115 16.72 -44.48 -44.21
CA LYS C 115 15.70 -45.19 -44.99
C LYS C 115 15.04 -44.22 -45.98
N MET D 3 24.88 -6.78 25.00
CA MET D 3 23.68 -5.99 24.83
C MET D 3 22.69 -6.59 23.83
N ASP D 4 23.19 -7.29 22.81
CA ASP D 4 22.29 -8.02 21.91
C ASP D 4 21.64 -9.18 22.66
N VAL D 5 22.41 -9.80 23.56
CA VAL D 5 22.00 -11.03 24.23
C VAL D 5 20.88 -10.77 25.25
N ILE D 6 21.05 -9.76 26.12
CA ILE D 6 20.04 -9.42 27.12
C ILE D 6 18.71 -9.11 26.46
N LYS D 7 18.77 -8.29 25.40
CA LYS D 7 17.54 -7.83 24.74
C LYS D 7 16.84 -9.00 24.06
N SER D 8 17.58 -9.88 23.37
CA SER D 8 16.91 -11.04 22.76
C SER D 8 16.37 -11.99 23.82
N PHE D 9 17.05 -12.10 24.97
CA PHE D 9 16.55 -12.90 26.09
C PHE D 9 15.24 -12.34 26.62
N THR D 10 15.17 -11.02 26.82
CA THR D 10 13.93 -10.43 27.30
C THR D 10 12.82 -10.48 26.25
N GLU D 11 13.13 -10.37 24.96
CA GLU D 11 12.07 -10.55 23.96
C GLU D 11 11.55 -11.98 23.95
N GLN D 12 12.46 -12.95 23.99
CA GLN D 12 12.07 -14.35 24.07
C GLN D 12 11.26 -14.61 25.34
N MET D 13 11.45 -13.79 26.37
CA MET D 13 10.71 -13.96 27.61
C MET D 13 9.34 -13.30 27.56
N GLN D 14 9.27 -12.08 27.03
CA GLN D 14 7.97 -11.42 26.83
C GLN D 14 7.07 -12.28 25.96
N GLY D 15 7.60 -12.75 24.83
CA GLY D 15 6.88 -13.67 24.00
C GLY D 15 5.87 -12.99 23.11
N PHE D 16 6.15 -11.76 22.69
CA PHE D 16 5.26 -11.07 21.76
C PHE D 16 5.72 -11.20 20.31
N ALA D 17 7.01 -11.04 20.05
CA ALA D 17 7.52 -11.20 18.68
C ALA D 17 7.80 -12.66 18.32
N ALA D 18 7.91 -13.53 19.31
CA ALA D 18 8.32 -14.92 19.01
C ALA D 18 7.30 -15.66 18.15
N PRO D 19 6.00 -15.71 18.49
CA PRO D 19 5.07 -16.53 17.70
C PRO D 19 4.86 -16.03 16.27
N LEU D 20 4.87 -14.72 16.06
CA LEU D 20 4.77 -14.22 14.69
C LEU D 20 5.97 -14.70 13.89
N THR D 21 7.18 -14.48 14.42
CA THR D 21 8.38 -15.02 13.79
C THR D 21 8.26 -16.51 13.52
N ARG D 22 7.64 -17.25 14.43
CA ARG D 22 7.38 -18.66 14.19
C ARG D 22 6.51 -18.87 12.97
N TYR D 23 5.52 -18.01 12.76
CA TYR D 23 4.64 -18.12 11.59
C TYR D 23 5.39 -17.84 10.29
N ASN D 24 6.12 -16.73 10.26
CA ASN D 24 6.98 -16.40 9.12
C ASN D 24 7.97 -17.51 8.82
N GLN D 25 8.57 -18.09 9.87
CA GLN D 25 9.48 -19.22 9.66
C GLN D 25 8.74 -20.43 9.08
N LEU D 26 7.52 -20.69 9.55
CA LEU D 26 6.74 -21.79 9.00
C LEU D 26 6.57 -21.65 7.49
N LEU D 27 6.10 -20.48 7.06
CA LEU D 27 5.90 -20.18 5.64
C LEU D 27 7.20 -20.32 4.84
N ALA D 28 8.27 -19.67 5.32
CA ALA D 28 9.54 -19.73 4.61
C ALA D 28 10.00 -21.16 4.42
N SER D 29 9.83 -22.00 5.46
CA SER D 29 10.20 -23.41 5.37
C SER D 29 9.39 -24.15 4.32
N ASN D 30 8.07 -23.94 4.28
CA ASN D 30 7.31 -24.64 3.26
C ASN D 30 7.65 -24.18 1.86
N ILE D 31 7.91 -22.88 1.66
CA ILE D 31 8.37 -22.42 0.36
C ILE D 31 9.65 -23.15 -0.02
N GLU D 32 10.56 -23.26 0.93
CA GLU D 32 11.79 -24.00 0.71
C GLU D 32 11.52 -25.45 0.30
N GLN D 33 10.64 -26.14 1.03
CA GLN D 33 10.40 -27.55 0.74
C GLN D 33 9.69 -27.74 -0.58
N LEU D 34 8.70 -26.90 -0.88
CA LEU D 34 8.05 -26.97 -2.19
C LEU D 34 9.06 -26.73 -3.31
N THR D 35 9.92 -25.73 -3.16
CA THR D 35 10.96 -25.49 -4.16
C THR D 35 11.80 -26.74 -4.39
N ARG D 36 12.25 -27.38 -3.31
CA ARG D 36 13.10 -28.55 -3.46
C ARG D 36 12.35 -29.72 -4.09
N LEU D 37 11.08 -29.88 -3.75
CA LEU D 37 10.28 -30.93 -4.37
C LEU D 37 10.17 -30.72 -5.87
N GLN D 38 9.94 -29.47 -6.30
CA GLN D 38 9.86 -29.13 -7.73
C GLN D 38 11.18 -29.37 -8.42
N LEU D 39 12.28 -28.96 -7.81
CA LEU D 39 13.60 -29.23 -8.39
C LEU D 39 13.83 -30.72 -8.57
N ALA D 40 13.46 -31.53 -7.57
CA ALA D 40 13.62 -32.97 -7.70
C ALA D 40 12.80 -33.52 -8.87
N SER D 41 11.55 -33.09 -8.98
CA SER D 41 10.70 -33.50 -10.10
C SER D 41 11.33 -33.11 -11.43
N ALA D 42 11.77 -31.85 -11.52
CA ALA D 42 12.37 -31.37 -12.76
C ALA D 42 13.58 -32.21 -13.14
N ASN D 43 14.45 -32.44 -12.18
CA ASN D 43 15.64 -33.24 -12.46
C ASN D 43 15.28 -34.66 -12.88
N ALA D 44 14.18 -35.21 -12.33
CA ALA D 44 13.74 -36.55 -12.71
C ALA D 44 13.30 -36.60 -14.18
N TYR D 45 12.41 -35.69 -14.59
CA TYR D 45 11.98 -35.67 -15.99
C TYR D 45 13.17 -35.44 -16.92
N ALA D 46 14.09 -34.56 -16.51
CA ALA D 46 15.27 -34.29 -17.31
C ALA D 46 16.10 -35.55 -17.50
N GLU D 47 16.39 -36.25 -16.40
CA GLU D 47 17.21 -37.46 -16.46
C GLU D 47 16.56 -38.55 -17.31
N LEU D 48 15.24 -38.72 -17.18
CA LEU D 48 14.64 -39.83 -17.89
C LEU D 48 14.58 -39.53 -19.39
N GLY D 49 14.24 -38.28 -19.75
CA GLY D 49 14.34 -37.84 -21.13
C GLY D 49 15.73 -38.03 -21.73
N LEU D 50 16.75 -37.52 -21.04
CA LEU D 50 18.11 -37.54 -21.58
C LEU D 50 18.63 -38.97 -21.72
N ASN D 51 18.35 -39.83 -20.74
CA ASN D 51 18.76 -41.21 -20.93
C ASN D 51 18.09 -41.83 -22.13
N GLN D 52 16.79 -41.56 -22.35
CA GLN D 52 16.16 -42.20 -23.50
C GLN D 52 16.72 -41.65 -24.81
N LEU D 53 17.10 -40.36 -24.83
CA LEU D 53 17.81 -39.81 -25.98
C LEU D 53 19.13 -40.52 -26.22
N GLN D 54 19.98 -40.64 -25.20
CA GLN D 54 21.24 -41.37 -25.42
C GLN D 54 21.00 -42.80 -25.84
N ALA D 55 19.93 -43.42 -25.35
CA ALA D 55 19.63 -44.79 -25.76
C ALA D 55 19.25 -44.86 -27.23
N VAL D 56 18.40 -43.93 -27.69
CA VAL D 56 18.00 -43.86 -29.10
C VAL D 56 19.19 -43.52 -30.00
N SER D 57 20.17 -42.77 -29.47
CA SER D 57 21.40 -42.49 -30.20
C SER D 57 22.30 -43.72 -30.29
N LYS D 58 22.25 -44.59 -29.27
CA LYS D 58 23.00 -45.83 -29.31
C LYS D 58 22.39 -46.85 -30.28
N VAL D 59 21.30 -46.54 -31.00
CA VAL D 59 20.63 -47.53 -31.84
C VAL D 59 21.48 -47.78 -33.08
N GLN D 60 20.88 -47.65 -34.27
CA GLN D 60 21.45 -48.20 -35.50
C GLN D 60 21.55 -49.73 -35.42
N ASP D 61 21.54 -50.39 -36.57
CA ASP D 61 21.41 -51.84 -36.68
C ASP D 61 20.03 -52.27 -36.17
N THR D 62 19.13 -52.57 -37.10
CA THR D 62 17.71 -52.80 -36.80
C THR D 62 17.50 -53.80 -35.68
N GLN D 63 18.49 -54.65 -35.39
CA GLN D 63 18.38 -55.62 -34.31
C GLN D 63 18.37 -54.92 -32.96
N SER D 64 18.57 -53.60 -32.98
CA SER D 64 18.57 -52.82 -31.75
C SER D 64 17.16 -52.49 -31.24
N LEU D 65 16.13 -53.22 -31.65
CA LEU D 65 14.80 -53.03 -31.10
C LEU D 65 14.69 -53.56 -29.68
N ALA D 66 15.68 -54.34 -29.23
CA ALA D 66 15.75 -54.77 -27.85
C ALA D 66 16.00 -53.59 -26.92
N ALA D 67 16.96 -52.73 -27.26
CA ALA D 67 17.18 -51.52 -26.48
C ALA D 67 15.93 -50.64 -26.50
N LEU D 68 15.22 -50.64 -27.63
CA LEU D 68 13.98 -49.88 -27.75
C LEU D 68 12.93 -50.34 -26.75
N GLY D 69 12.61 -51.64 -26.75
CA GLY D 69 11.59 -52.14 -25.82
C GLY D 69 12.02 -52.10 -24.35
N THR D 70 13.29 -52.35 -24.09
CA THR D 70 13.74 -52.39 -22.70
C THR D 70 13.84 -50.99 -22.09
N VAL D 71 14.40 -50.03 -22.82
CA VAL D 71 14.44 -48.67 -22.28
C VAL D 71 13.04 -48.07 -22.28
N GLN D 72 12.21 -48.40 -23.27
CA GLN D 72 10.86 -47.86 -23.29
C GLN D 72 10.05 -48.38 -22.10
N LEU D 73 10.06 -49.70 -21.87
CA LEU D 73 9.35 -50.26 -20.72
C LEU D 73 9.91 -49.71 -19.40
N GLU D 74 11.25 -49.72 -19.25
CA GLU D 74 11.90 -49.18 -18.06
C GLU D 74 11.50 -47.73 -17.82
N THR D 75 11.57 -46.93 -18.88
CA THR D 75 11.29 -45.50 -18.77
C THR D 75 9.84 -45.28 -18.37
N ALA D 76 8.92 -46.05 -18.95
CA ALA D 76 7.50 -45.85 -18.65
C ALA D 76 7.17 -46.25 -17.21
N SER D 77 7.57 -47.44 -16.78
CA SER D 77 7.23 -47.85 -15.43
C SER D 77 7.92 -46.96 -14.40
N GLN D 78 9.18 -46.63 -14.62
CA GLN D 78 9.88 -45.76 -13.67
C GLN D 78 9.26 -44.37 -13.64
N LEU D 79 8.72 -43.89 -14.75
CA LEU D 79 8.04 -42.61 -14.72
C LEU D 79 6.71 -42.69 -13.98
N SER D 80 6.12 -43.87 -13.95
CA SER D 80 4.92 -44.07 -13.17
C SER D 80 5.40 -43.83 -11.77
N ARG D 81 6.32 -44.64 -11.32
CA ARG D 81 6.80 -44.47 -9.99
C ARG D 81 7.03 -43.00 -9.69
N GLN D 82 7.90 -42.37 -10.44
CA GLN D 82 8.25 -40.98 -10.13
C GLN D 82 7.00 -40.16 -9.85
N MET D 83 6.03 -40.17 -10.77
CA MET D 83 4.84 -39.33 -10.61
C MET D 83 4.06 -39.68 -9.34
N LEU D 84 3.88 -40.97 -9.06
CA LEU D 84 3.10 -41.34 -7.87
C LEU D 84 3.82 -40.98 -6.57
N ASP D 85 5.11 -41.29 -6.49
CA ASP D 85 5.88 -40.95 -5.29
C ASP D 85 5.94 -39.45 -5.10
N ASP D 86 6.01 -38.68 -6.20
CA ASP D 86 5.96 -37.23 -6.11
C ASP D 86 4.64 -36.77 -5.50
N ILE D 87 3.53 -37.36 -5.95
CA ILE D 87 2.24 -37.03 -5.35
C ILE D 87 2.26 -37.34 -3.85
N GLN D 88 2.87 -38.46 -3.45
CA GLN D 88 2.93 -38.79 -2.03
C GLN D 88 3.76 -37.77 -1.25
N LYS D 89 4.95 -37.41 -1.74
CA LYS D 89 5.74 -36.39 -1.05
C LYS D 89 4.94 -35.11 -0.88
N LEU D 90 4.27 -34.66 -1.95
CA LEU D 90 3.50 -33.43 -1.87
C LEU D 90 2.36 -33.54 -0.86
N SER D 91 1.64 -34.67 -0.87
CA SER D 91 0.56 -34.83 0.10
C SER D 91 1.11 -34.76 1.51
N ALA D 92 2.24 -35.43 1.74
CA ALA D 92 2.87 -35.39 3.05
C ALA D 92 3.19 -33.97 3.46
N LEU D 93 3.76 -33.20 2.53
CA LEU D 93 4.11 -31.80 2.77
C LEU D 93 2.88 -30.97 3.15
N GLY D 94 1.77 -31.18 2.44
CA GLY D 94 0.54 -30.45 2.74
C GLY D 94 -0.08 -30.84 4.07
N GLN D 95 -0.07 -32.14 4.35
CA GLN D 95 -0.50 -32.71 5.63
C GLN D 95 0.27 -32.10 6.80
N GLN D 96 1.60 -32.17 6.76
CA GLN D 96 2.43 -31.66 7.83
C GLN D 96 2.29 -30.15 7.97
N PHE D 97 2.11 -29.45 6.84
CA PHE D 97 1.86 -28.01 6.90
C PHE D 97 0.59 -27.71 7.68
N LYS D 98 -0.51 -28.39 7.32
CA LYS D 98 -1.74 -28.37 8.13
C LYS D 98 -1.43 -28.55 9.61
N GLU D 99 -0.69 -29.61 9.93
CA GLU D 99 -0.37 -29.93 11.32
C GLU D 99 0.26 -28.76 12.05
N GLU D 100 1.40 -28.28 11.56
CA GLU D 100 2.08 -27.21 12.30
C GLU D 100 1.20 -25.99 12.41
N LEU D 101 0.37 -25.73 11.40
CA LEU D 101 -0.59 -24.65 11.51
C LEU D 101 -1.53 -24.87 12.67
N ASP D 102 -2.02 -26.10 12.84
CA ASP D 102 -2.97 -26.38 13.92
C ASP D 102 -2.32 -26.27 15.31
N VAL D 103 -1.05 -26.64 15.46
CA VAL D 103 -0.41 -26.39 16.76
C VAL D 103 -0.21 -24.88 16.96
N LEU D 104 0.12 -24.14 15.91
CA LEU D 104 0.30 -22.69 16.05
C LEU D 104 -1.01 -21.97 16.41
N THR D 105 -2.14 -22.40 15.82
CA THR D 105 -3.44 -21.84 16.19
C THR D 105 -3.80 -22.22 17.62
N ALA D 106 -3.59 -23.50 17.96
CA ALA D 106 -3.87 -24.00 19.31
C ALA D 106 -3.09 -23.23 20.36
N ASP D 107 -1.78 -23.07 20.17
CA ASP D 107 -0.93 -22.33 21.10
C ASP D 107 -1.23 -20.84 21.07
N GLY D 108 -1.69 -20.32 19.92
CA GLY D 108 -2.06 -18.92 19.85
C GLY D 108 -3.30 -18.60 20.66
N ILE D 109 -4.25 -19.52 20.70
CA ILE D 109 -5.45 -19.35 21.51
C ILE D 109 -5.07 -19.17 22.99
N LYS D 110 -4.37 -20.14 23.55
CA LYS D 110 -4.07 -20.20 24.98
C LYS D 110 -3.17 -19.07 25.49
N MET E 3 43.64 -34.89 26.46
CA MET E 3 43.85 -33.51 26.89
C MET E 3 42.51 -32.99 27.38
N ASP E 4 41.52 -33.88 27.38
CA ASP E 4 40.20 -33.55 27.89
C ASP E 4 40.21 -33.20 29.37
N VAL E 5 41.00 -33.93 30.18
CA VAL E 5 40.95 -33.79 31.63
C VAL E 5 41.56 -32.46 32.08
N ILE E 6 42.72 -32.11 31.53
CA ILE E 6 43.32 -30.81 31.82
C ILE E 6 42.33 -29.70 31.49
N LYS E 7 41.70 -29.80 30.32
CA LYS E 7 40.81 -28.73 29.89
C LYS E 7 39.64 -28.57 30.84
N SER E 8 39.02 -29.68 31.26
CA SER E 8 37.89 -29.54 32.18
C SER E 8 38.32 -29.03 33.56
N PHE E 9 39.53 -29.42 34.01
CA PHE E 9 40.06 -28.89 35.26
C PHE E 9 40.26 -27.39 35.20
N THR E 10 40.88 -26.91 34.10
CA THR E 10 41.17 -25.49 33.91
C THR E 10 39.91 -24.66 33.74
N GLU E 11 38.90 -25.21 33.07
CA GLU E 11 37.61 -24.50 32.99
C GLU E 11 36.97 -24.41 34.37
N GLN E 12 36.99 -25.51 35.14
CA GLN E 12 36.46 -25.46 36.50
C GLN E 12 37.21 -24.44 37.35
N MET E 13 38.47 -24.17 37.05
CA MET E 13 39.25 -23.23 37.84
C MET E 13 38.99 -21.79 37.38
N GLN E 14 38.81 -21.60 36.06
CA GLN E 14 38.42 -20.30 35.50
C GLN E 14 37.18 -19.76 36.17
N GLY E 15 36.12 -20.57 36.19
CA GLY E 15 34.88 -20.24 36.86
C GLY E 15 33.95 -19.37 36.07
N PHE E 16 33.95 -19.50 34.74
CA PHE E 16 33.00 -18.78 33.90
C PHE E 16 31.81 -19.64 33.48
N ALA E 17 32.05 -20.89 33.08
CA ALA E 17 30.96 -21.78 32.68
C ALA E 17 30.23 -22.38 33.87
N ALA E 18 30.82 -22.34 35.06
CA ALA E 18 30.16 -22.97 36.21
C ALA E 18 28.85 -22.31 36.57
N PRO E 19 28.75 -20.98 36.77
CA PRO E 19 27.47 -20.42 37.24
C PRO E 19 26.35 -20.60 36.23
N LEU E 20 26.68 -20.46 34.95
CA LEU E 20 25.69 -20.66 33.90
C LEU E 20 25.22 -22.10 33.84
N THR E 21 26.17 -23.05 33.87
CA THR E 21 25.83 -24.48 33.94
C THR E 21 24.97 -24.81 35.18
N ARG E 22 25.31 -24.25 36.34
CA ARG E 22 24.51 -24.41 37.54
C ARG E 22 23.06 -23.93 37.34
N TYR E 23 22.88 -22.82 36.64
CA TYR E 23 21.54 -22.30 36.43
C TYR E 23 20.73 -23.19 35.49
N ASN E 24 21.31 -23.58 34.35
CA ASN E 24 20.56 -24.45 33.45
C ASN E 24 20.23 -25.78 34.10
N GLN E 25 21.17 -26.30 34.89
CA GLN E 25 20.92 -27.51 35.67
C GLN E 25 19.76 -27.32 36.63
N LEU E 26 19.76 -26.20 37.34
CA LEU E 26 18.65 -25.88 38.25
C LEU E 26 17.31 -25.89 37.53
N LEU E 27 17.21 -25.20 36.39
CA LEU E 27 15.93 -25.19 35.67
C LEU E 27 15.52 -26.60 35.26
N ALA E 28 16.41 -27.35 34.60
CA ALA E 28 16.05 -28.70 34.15
C ALA E 28 15.62 -29.59 35.33
N SER E 29 16.28 -29.46 36.48
CA SER E 29 15.86 -30.24 37.64
C SER E 29 14.43 -29.92 38.05
N ASN E 30 14.10 -28.63 38.21
CA ASN E 30 12.75 -28.33 38.65
C ASN E 30 11.71 -28.76 37.61
N ILE E 31 12.03 -28.71 36.32
CA ILE E 31 11.12 -29.26 35.32
C ILE E 31 10.89 -30.74 35.55
N GLU E 32 11.98 -31.49 35.75
CA GLU E 32 11.90 -32.93 36.02
C GLU E 32 10.99 -33.22 37.22
N GLN E 33 11.17 -32.46 38.31
CA GLN E 33 10.38 -32.71 39.50
C GLN E 33 8.91 -32.34 39.32
N LEU E 34 8.60 -31.21 38.70
CA LEU E 34 7.20 -30.88 38.42
C LEU E 34 6.54 -31.96 37.57
N THR E 35 7.23 -32.41 36.52
CA THR E 35 6.73 -33.55 35.76
C THR E 35 6.44 -34.74 36.67
N ARG E 36 7.37 -35.05 37.58
CA ARG E 36 7.20 -36.21 38.43
C ARG E 36 6.04 -36.07 39.40
N LEU E 37 5.87 -34.89 40.00
CA LEU E 37 4.71 -34.63 40.81
C LEU E 37 3.43 -34.83 40.01
N GLN E 38 3.41 -34.35 38.77
CA GLN E 38 2.22 -34.50 37.95
C GLN E 38 1.95 -35.98 37.65
N LEU E 39 2.98 -36.75 37.34
CA LEU E 39 2.79 -38.18 37.12
C LEU E 39 2.21 -38.84 38.36
N ALA E 40 2.72 -38.44 39.53
CA ALA E 40 2.26 -39.00 40.80
C ALA E 40 0.78 -38.72 41.02
N SER E 41 0.37 -37.45 40.90
CA SER E 41 -1.04 -37.09 41.05
C SER E 41 -1.91 -37.86 40.07
N ALA E 42 -1.49 -37.89 38.81
CA ALA E 42 -2.29 -38.56 37.78
C ALA E 42 -2.50 -40.04 38.10
N ASN E 43 -1.43 -40.74 38.45
CA ASN E 43 -1.61 -42.14 38.83
C ASN E 43 -2.48 -42.27 40.08
N ALA E 44 -2.40 -41.31 41.00
CA ALA E 44 -3.24 -41.34 42.17
C ALA E 44 -4.71 -41.25 41.80
N TYR E 45 -5.10 -40.20 41.08
CA TYR E 45 -6.50 -40.06 40.69
C TYR E 45 -6.95 -41.27 39.85
N ALA E 46 -6.07 -41.82 39.03
CA ALA E 46 -6.44 -43.02 38.28
C ALA E 46 -6.78 -44.19 39.23
N GLU E 47 -5.93 -44.43 40.26
CA GLU E 47 -6.30 -45.49 41.20
C GLU E 47 -7.58 -45.17 41.96
N LEU E 48 -7.78 -43.92 42.42
CA LEU E 48 -9.04 -43.56 43.08
C LEU E 48 -10.25 -43.83 42.18
N GLY E 49 -10.15 -43.47 40.92
CA GLY E 49 -11.27 -43.71 40.02
C GLY E 49 -11.57 -45.20 39.88
N LEU E 50 -10.53 -46.00 39.63
CA LEU E 50 -10.76 -47.42 39.41
C LEU E 50 -11.22 -48.14 40.68
N ASN E 51 -10.55 -47.89 41.79
CA ASN E 51 -10.97 -48.49 43.06
C ASN E 51 -12.42 -48.15 43.35
N GLN E 52 -12.81 -46.90 43.15
CA GLN E 52 -14.20 -46.55 43.38
C GLN E 52 -15.12 -47.34 42.45
N LEU E 53 -14.70 -47.51 41.20
CA LEU E 53 -15.55 -48.21 40.24
C LEU E 53 -15.72 -49.68 40.62
N GLN E 54 -14.60 -50.39 40.82
CA GLN E 54 -14.65 -51.81 41.20
C GLN E 54 -15.39 -52.02 42.52
N ALA E 55 -15.16 -51.13 43.49
CA ALA E 55 -15.84 -51.27 44.76
C ALA E 55 -17.34 -51.08 44.60
N VAL E 56 -17.75 -50.11 43.78
CA VAL E 56 -19.17 -49.95 43.52
C VAL E 56 -19.72 -51.20 42.81
N SER E 57 -18.88 -51.88 42.03
CA SER E 57 -19.33 -53.11 41.38
C SER E 57 -19.47 -54.24 42.39
N LYS E 58 -18.62 -54.29 43.41
CA LYS E 58 -18.78 -55.31 44.47
C LYS E 58 -20.00 -55.01 45.31
N VAL E 59 -20.33 -53.74 45.46
CA VAL E 59 -21.54 -53.36 46.21
C VAL E 59 -22.80 -53.67 45.40
N GLN E 60 -22.71 -53.69 44.07
CA GLN E 60 -23.87 -54.09 43.27
C GLN E 60 -24.30 -55.54 43.59
N ASP E 61 -23.34 -56.46 43.73
CA ASP E 61 -23.67 -57.86 43.98
C ASP E 61 -24.06 -58.08 45.44
N THR E 62 -24.52 -57.02 46.07
CA THR E 62 -25.16 -57.03 47.37
C THR E 62 -26.08 -55.80 47.35
N GLN E 63 -26.60 -55.40 48.51
CA GLN E 63 -27.25 -54.10 48.55
C GLN E 63 -26.87 -53.28 49.79
N SER E 64 -25.78 -53.63 50.46
CA SER E 64 -25.50 -53.01 51.74
C SER E 64 -25.13 -51.56 51.53
N LEU E 65 -26.00 -50.64 51.99
CA LEU E 65 -25.65 -49.24 52.00
C LEU E 65 -24.58 -48.91 53.04
N ALA E 66 -24.31 -49.81 54.00
CA ALA E 66 -23.14 -49.64 54.86
C ALA E 66 -21.86 -49.74 54.05
N ALA E 67 -21.83 -50.72 53.12
CA ALA E 67 -20.71 -50.86 52.20
C ALA E 67 -20.55 -49.64 51.31
N LEU E 68 -21.67 -49.07 50.87
CA LEU E 68 -21.67 -47.84 50.07
C LEU E 68 -21.07 -46.70 50.88
N GLY E 69 -21.51 -46.53 52.13
CA GLY E 69 -20.94 -45.51 53.00
C GLY E 69 -19.48 -45.76 53.26
N THR E 70 -19.07 -47.03 53.17
CA THR E 70 -17.66 -47.41 53.35
C THR E 70 -16.83 -46.96 52.15
N VAL E 71 -17.36 -47.16 50.94
CA VAL E 71 -16.67 -46.70 49.74
C VAL E 71 -16.59 -45.19 49.74
N GLN E 72 -17.64 -44.53 50.20
CA GLN E 72 -17.65 -43.08 50.30
C GLN E 72 -16.58 -42.60 51.30
N LEU E 73 -16.55 -43.21 52.48
CA LEU E 73 -15.57 -42.86 53.51
C LEU E 73 -14.14 -43.02 53.01
N GLU E 74 -13.85 -44.20 52.45
CA GLU E 74 -12.52 -44.51 51.95
C GLU E 74 -12.09 -43.53 50.87
N THR E 75 -12.95 -43.32 49.87
CA THR E 75 -12.60 -42.50 48.71
C THR E 75 -12.41 -41.04 49.09
N ALA E 76 -13.30 -40.48 49.90
CA ALA E 76 -13.15 -39.08 50.23
C ALA E 76 -11.92 -38.83 51.10
N SER E 77 -11.68 -39.68 52.11
CA SER E 77 -10.48 -39.46 52.94
C SER E 77 -9.19 -39.64 52.13
N GLN E 78 -9.15 -40.63 51.23
CA GLN E 78 -7.97 -40.80 50.40
C GLN E 78 -7.76 -39.60 49.46
N LEU E 79 -8.83 -39.01 48.94
CA LEU E 79 -8.67 -37.82 48.12
C LEU E 79 -8.15 -36.65 48.94
N SER E 80 -8.84 -36.32 50.03
CA SER E 80 -8.34 -35.30 50.94
C SER E 80 -6.85 -35.46 51.21
N ARG E 81 -6.43 -36.68 51.57
CA ARG E 81 -5.01 -36.97 51.77
C ARG E 81 -4.19 -36.56 50.55
N GLN E 82 -4.52 -37.12 49.37
CA GLN E 82 -3.75 -36.81 48.16
C GLN E 82 -3.62 -35.32 47.98
N MET E 83 -4.71 -34.60 48.10
CA MET E 83 -4.71 -33.18 47.78
C MET E 83 -3.82 -32.41 48.74
N LEU E 84 -4.00 -32.61 50.04
CA LEU E 84 -3.19 -31.81 50.94
C LEU E 84 -1.71 -32.15 50.77
N ASP E 85 -1.41 -33.45 50.61
CA ASP E 85 -0.03 -33.90 50.44
C ASP E 85 0.59 -33.36 49.14
N ASP E 86 -0.18 -33.31 48.05
CA ASP E 86 0.30 -32.76 46.77
C ASP E 86 0.63 -31.28 46.90
N ILE E 87 -0.26 -30.49 47.47
CA ILE E 87 0.04 -29.09 47.73
C ILE E 87 1.27 -28.95 48.64
N GLN E 88 1.45 -29.86 49.59
CA GLN E 88 2.63 -29.76 50.43
C GLN E 88 3.90 -30.02 49.62
N LYS E 89 3.83 -30.97 48.69
CA LYS E 89 5.01 -31.32 47.91
C LYS E 89 5.41 -30.15 47.03
N LEU E 90 4.44 -29.59 46.30
CA LEU E 90 4.68 -28.45 45.43
C LEU E 90 5.18 -27.27 46.22
N SER E 91 4.59 -27.00 47.39
CA SER E 91 5.11 -25.88 48.18
C SER E 91 6.57 -26.08 48.51
N ALA E 92 6.97 -27.32 48.87
CA ALA E 92 8.38 -27.60 49.13
C ALA E 92 9.26 -27.33 47.90
N LEU E 93 8.79 -27.76 46.72
CA LEU E 93 9.53 -27.54 45.48
C LEU E 93 9.72 -26.05 45.18
N GLY E 94 8.69 -25.25 45.41
CA GLY E 94 8.82 -23.83 45.21
C GLY E 94 9.78 -23.17 46.17
N GLN E 95 9.73 -23.57 47.44
CA GLN E 95 10.67 -23.05 48.43
C GLN E 95 12.10 -23.48 48.12
N GLN E 96 12.27 -24.68 47.58
CA GLN E 96 13.59 -25.12 47.16
C GLN E 96 14.11 -24.21 46.03
N PHE E 97 13.31 -24.06 44.96
CA PHE E 97 13.72 -23.29 43.78
C PHE E 97 14.07 -21.86 44.17
N LYS E 98 13.27 -21.25 45.04
CA LYS E 98 13.60 -19.92 45.54
C LYS E 98 14.98 -19.93 46.18
N GLU E 99 15.20 -20.83 47.15
CA GLU E 99 16.42 -20.76 47.95
C GLU E 99 17.68 -21.04 47.14
N GLU E 100 17.61 -21.93 46.16
CA GLU E 100 18.77 -22.12 45.29
C GLU E 100 19.00 -20.91 44.41
N LEU E 101 17.92 -20.24 43.96
CA LEU E 101 18.13 -19.01 43.22
C LEU E 101 18.84 -17.98 44.09
N ASP E 102 18.48 -17.90 45.36
CA ASP E 102 19.14 -16.93 46.22
C ASP E 102 20.60 -17.28 46.42
N VAL E 103 20.93 -18.57 46.45
CA VAL E 103 22.32 -19.00 46.53
C VAL E 103 23.11 -18.65 45.27
N LEU E 104 22.53 -18.94 44.10
CA LEU E 104 23.22 -18.61 42.84
C LEU E 104 23.35 -17.10 42.68
N THR E 105 22.36 -16.35 43.15
CA THR E 105 22.42 -14.89 43.13
C THR E 105 23.57 -14.42 44.01
N ALA E 106 23.69 -14.96 45.22
CA ALA E 106 24.76 -14.57 46.13
C ALA E 106 26.15 -14.87 45.57
N ASP E 107 26.39 -16.08 45.07
CA ASP E 107 27.70 -16.43 44.50
C ASP E 107 27.97 -15.75 43.16
N GLY E 108 26.93 -15.28 42.45
CA GLY E 108 27.16 -14.48 41.25
C GLY E 108 27.78 -13.13 41.56
N ILE E 109 27.39 -12.54 42.70
CA ILE E 109 27.99 -11.32 43.23
C ILE E 109 29.49 -11.52 43.49
N PHE F 9 -16.51 -59.60 34.72
CA PHE F 9 -16.42 -58.21 34.25
C PHE F 9 -15.35 -57.39 34.97
N THR F 10 -15.40 -57.38 36.31
CA THR F 10 -14.49 -56.52 37.08
C THR F 10 -13.04 -56.89 36.82
N GLU F 11 -12.78 -58.17 36.55
CA GLU F 11 -11.47 -58.63 36.07
C GLU F 11 -10.85 -57.59 35.14
N GLN F 12 -11.64 -57.14 34.17
CA GLN F 12 -11.11 -56.33 33.08
C GLN F 12 -10.46 -55.05 33.57
N MET F 13 -10.93 -54.48 34.69
CA MET F 13 -10.36 -53.20 35.11
C MET F 13 -8.97 -53.33 35.72
N GLN F 14 -8.56 -54.54 36.10
CA GLN F 14 -7.13 -54.77 36.31
C GLN F 14 -6.35 -54.38 35.07
N GLY F 15 -6.75 -54.94 33.92
CA GLY F 15 -6.14 -54.62 32.64
C GLY F 15 -6.44 -53.19 32.21
N PHE F 16 -7.13 -52.44 33.09
CA PHE F 16 -7.25 -51.01 32.87
C PHE F 16 -6.00 -50.28 33.33
N ALA F 17 -5.52 -50.60 34.54
CA ALA F 17 -4.47 -49.77 35.12
C ALA F 17 -3.13 -49.94 34.40
N ALA F 18 -2.86 -51.12 33.84
CA ALA F 18 -1.59 -51.33 33.17
C ALA F 18 -1.44 -50.30 32.06
N PRO F 19 -2.32 -50.27 31.05
CA PRO F 19 -2.14 -49.27 29.97
C PRO F 19 -2.21 -47.84 30.49
N LEU F 20 -3.28 -47.48 31.21
CA LEU F 20 -3.38 -46.19 31.87
C LEU F 20 -2.06 -45.75 32.46
N THR F 21 -1.60 -46.50 33.46
CA THR F 21 -0.34 -46.15 34.12
C THR F 21 0.79 -46.09 33.11
N ARG F 22 0.90 -47.12 32.26
CA ARG F 22 1.95 -47.18 31.25
C ARG F 22 1.92 -45.95 30.36
N TYR F 23 0.74 -45.44 30.07
CA TYR F 23 0.62 -44.22 29.29
C TYR F 23 1.21 -43.04 30.05
N ASN F 24 0.71 -42.79 31.26
CA ASN F 24 1.24 -41.69 32.06
C ASN F 24 2.75 -41.77 32.17
N GLN F 25 3.27 -42.97 32.46
CA GLN F 25 4.69 -43.25 32.46
C GLN F 25 5.37 -42.62 31.26
N LEU F 26 5.06 -43.12 30.05
CA LEU F 26 5.67 -42.60 28.82
C LEU F 26 5.61 -41.08 28.75
N LEU F 27 4.43 -40.49 29.01
CA LEU F 27 4.31 -39.04 28.93
C LEU F 27 5.41 -38.38 29.76
N ALA F 28 5.49 -38.73 31.04
CA ALA F 28 6.47 -38.08 31.91
C ALA F 28 7.89 -38.42 31.47
N SER F 29 8.10 -39.66 31.03
CA SER F 29 9.41 -40.03 30.52
C SER F 29 9.78 -39.15 29.36
N ASN F 30 8.86 -39.00 28.42
CA ASN F 30 9.20 -38.23 27.24
C ASN F 30 9.45 -36.80 27.61
N ILE F 31 8.79 -36.28 28.65
CA ILE F 31 9.09 -34.91 29.03
C ILE F 31 10.50 -34.84 29.57
N GLU F 32 10.83 -35.76 30.49
CA GLU F 32 12.14 -35.75 31.14
C GLU F 32 13.25 -35.76 30.10
N GLN F 33 13.33 -36.83 29.31
CA GLN F 33 14.34 -36.92 28.27
C GLN F 33 14.48 -35.62 27.45
N LEU F 34 13.36 -35.01 27.02
CA LEU F 34 13.48 -33.81 26.20
C LEU F 34 14.19 -32.70 26.97
N THR F 35 13.73 -32.44 28.19
CA THR F 35 14.44 -31.48 29.03
C THR F 35 15.93 -31.79 29.09
N ARG F 36 16.28 -33.05 29.39
CA ARG F 36 17.70 -33.36 29.52
C ARG F 36 18.41 -33.08 28.20
N LEU F 37 17.77 -33.48 27.08
CA LEU F 37 18.23 -33.13 25.74
C LEU F 37 18.42 -31.63 25.62
N GLN F 38 17.35 -30.88 25.90
CA GLN F 38 17.47 -29.43 25.95
C GLN F 38 18.66 -29.02 26.79
N LEU F 39 18.77 -29.58 28.01
CA LEU F 39 19.84 -29.18 28.92
C LEU F 39 21.19 -29.38 28.27
N ALA F 40 21.39 -30.53 27.61
CA ALA F 40 22.67 -30.76 26.97
C ALA F 40 22.96 -29.66 25.95
N SER F 41 22.03 -29.44 25.03
CA SER F 41 22.17 -28.34 24.08
C SER F 41 22.40 -27.03 24.82
N ALA F 42 21.61 -26.79 25.87
CA ALA F 42 21.72 -25.53 26.60
C ALA F 42 23.16 -25.26 27.03
N ASN F 43 23.90 -26.29 27.45
CA ASN F 43 25.21 -25.94 27.95
C ASN F 43 26.31 -26.10 26.90
N ALA F 44 26.06 -26.82 25.79
CA ALA F 44 27.06 -26.83 24.73
C ALA F 44 27.24 -25.43 24.17
N TYR F 45 26.12 -24.73 23.90
CA TYR F 45 26.24 -23.33 23.52
C TYR F 45 27.04 -22.55 24.54
N ALA F 46 26.81 -22.80 25.84
CA ALA F 46 27.56 -22.06 26.85
C ALA F 46 29.06 -22.27 26.69
N GLU F 47 29.49 -23.51 26.42
CA GLU F 47 30.91 -23.77 26.18
C GLU F 47 31.46 -22.82 25.13
N LEU F 48 30.79 -22.74 23.97
CA LEU F 48 31.29 -21.92 22.89
C LEU F 48 31.12 -20.44 23.18
N GLY F 49 30.22 -20.07 24.10
CA GLY F 49 30.19 -18.69 24.54
C GLY F 49 31.44 -18.34 25.31
N LEU F 50 31.94 -19.29 26.11
CA LEU F 50 33.19 -19.07 26.83
C LEU F 50 34.38 -19.07 25.87
N ASN F 51 34.25 -19.75 24.73
CA ASN F 51 35.28 -19.70 23.71
C ASN F 51 35.14 -18.42 22.84
N THR F 62 34.25 -23.03 13.83
CA THR F 62 33.01 -22.82 13.08
C THR F 62 32.53 -24.08 12.34
N GLN F 63 33.41 -25.06 12.19
CA GLN F 63 32.98 -26.38 11.76
C GLN F 63 32.33 -27.15 12.91
N SER F 64 32.82 -26.89 14.12
CA SER F 64 32.24 -27.50 15.31
C SER F 64 30.77 -27.15 15.45
N LEU F 65 30.35 -25.97 14.97
CA LEU F 65 28.92 -25.67 14.95
C LEU F 65 28.16 -26.74 14.19
N ALA F 66 28.61 -27.06 12.98
CA ALA F 66 27.91 -28.05 12.15
C ALA F 66 27.88 -29.41 12.84
N ALA F 67 29.01 -29.82 13.44
CA ALA F 67 29.03 -31.10 14.18
C ALA F 67 28.01 -31.08 15.32
N LEU F 68 28.00 -30.01 16.11
CA LEU F 68 27.04 -29.87 17.18
C LEU F 68 25.62 -30.08 16.69
N GLY F 69 25.22 -29.30 15.68
CA GLY F 69 23.90 -29.47 15.09
C GLY F 69 23.64 -30.91 14.68
N THR F 70 24.65 -31.57 14.12
CA THR F 70 24.48 -32.95 13.71
C THR F 70 24.17 -33.84 14.90
N VAL F 71 24.95 -33.75 15.97
CA VAL F 71 24.79 -34.72 17.07
C VAL F 71 23.50 -34.47 17.83
N GLN F 72 23.12 -33.20 18.02
CA GLN F 72 21.78 -32.90 18.53
C GLN F 72 20.72 -33.60 17.71
N LEU F 73 20.77 -33.44 16.39
CA LEU F 73 19.72 -34.05 15.59
C LEU F 73 19.77 -35.57 15.68
N GLU F 74 20.97 -36.15 15.78
CA GLU F 74 21.06 -37.61 15.81
C GLU F 74 20.50 -38.16 17.12
N THR F 75 20.93 -37.59 18.25
CA THR F 75 20.39 -37.95 19.56
C THR F 75 18.87 -37.87 19.58
N ALA F 76 18.33 -36.68 19.34
CA ALA F 76 16.88 -36.51 19.29
C ALA F 76 16.22 -37.45 18.30
N SER F 77 16.88 -37.74 17.19
CA SER F 77 16.29 -38.69 16.26
C SER F 77 16.16 -40.06 16.90
N GLN F 78 17.14 -40.44 17.74
CA GLN F 78 17.11 -41.76 18.39
C GLN F 78 16.04 -41.82 19.46
N LEU F 79 16.01 -40.80 20.32
CA LEU F 79 14.90 -40.63 21.24
C LEU F 79 13.56 -40.76 20.55
N SER F 80 13.41 -40.12 19.39
CA SER F 80 12.18 -40.28 18.62
C SER F 80 11.96 -41.73 18.22
N ARG F 81 12.98 -42.39 17.67
CA ARG F 81 12.83 -43.80 17.30
C ARG F 81 12.23 -44.58 18.45
N GLN F 82 12.86 -44.45 19.62
CA GLN F 82 12.47 -45.23 20.79
C GLN F 82 11.07 -44.84 21.27
N MET F 83 10.82 -43.54 21.41
CA MET F 83 9.50 -43.04 21.78
C MET F 83 8.42 -43.60 20.87
N LEU F 84 8.71 -43.72 19.58
CA LEU F 84 7.71 -44.29 18.69
C LEU F 84 7.54 -45.79 18.90
N ASP F 85 8.63 -46.51 19.19
CA ASP F 85 8.49 -47.94 19.49
C ASP F 85 7.64 -48.16 20.74
N ASP F 86 7.93 -47.43 21.82
CA ASP F 86 7.15 -47.52 23.04
C ASP F 86 5.70 -47.11 22.80
N ILE F 87 5.46 -46.13 21.93
CA ILE F 87 4.08 -45.77 21.60
C ILE F 87 3.40 -46.91 20.85
N GLN F 88 4.15 -47.63 20.01
CA GLN F 88 3.61 -48.82 19.37
C GLN F 88 3.13 -49.83 20.40
N LYS F 89 4.02 -50.22 21.32
CA LYS F 89 3.65 -51.19 22.35
C LYS F 89 2.44 -50.72 23.13
N LEU F 90 2.45 -49.46 23.55
CA LEU F 90 1.33 -48.92 24.33
C LEU F 90 0.02 -49.00 23.55
N SER F 91 0.05 -48.58 22.28
CA SER F 91 -1.17 -48.64 21.47
C SER F 91 -1.66 -50.07 21.35
N ALA F 92 -0.73 -51.02 21.21
CA ALA F 92 -1.12 -52.42 21.04
C ALA F 92 -1.84 -52.93 22.29
N LEU F 93 -1.23 -52.72 23.47
CA LEU F 93 -1.90 -53.07 24.73
C LEU F 93 -3.29 -52.46 24.79
N GLY F 94 -3.39 -51.16 24.48
CA GLY F 94 -4.69 -50.51 24.52
C GLY F 94 -5.69 -51.10 23.55
N GLN F 95 -5.20 -51.68 22.44
CA GLN F 95 -6.12 -52.29 21.47
C GLN F 95 -6.57 -53.67 21.91
N GLN F 96 -5.65 -54.48 22.47
CA GLN F 96 -6.04 -55.75 23.06
C GLN F 96 -7.11 -55.55 24.13
N PHE F 97 -6.87 -54.58 25.02
CA PHE F 97 -7.84 -54.31 26.07
C PHE F 97 -9.14 -53.74 25.51
N LYS F 98 -9.08 -52.88 24.49
CA LYS F 98 -10.31 -52.27 23.99
C LYS F 98 -11.15 -53.29 23.23
N GLU F 99 -10.50 -54.23 22.54
CA GLU F 99 -11.21 -55.35 21.91
C GLU F 99 -11.81 -56.26 22.98
N GLU F 100 -11.05 -56.52 24.05
CA GLU F 100 -11.54 -57.35 25.15
C GLU F 100 -12.75 -56.74 25.84
N LEU F 101 -12.72 -55.43 26.09
CA LEU F 101 -13.85 -54.78 26.76
C LEU F 101 -15.04 -54.60 25.82
N ASP F 102 -14.79 -54.52 24.50
CA ASP F 102 -15.90 -54.45 23.55
C ASP F 102 -16.58 -55.79 23.37
N VAL F 103 -15.85 -56.89 23.60
CA VAL F 103 -16.49 -58.21 23.63
C VAL F 103 -17.20 -58.44 24.97
N LEU F 104 -16.65 -57.91 26.08
CA LEU F 104 -17.35 -58.00 27.37
C LEU F 104 -18.65 -57.21 27.36
N THR F 105 -18.65 -56.01 26.76
CA THR F 105 -19.87 -55.21 26.72
C THR F 105 -20.91 -55.81 25.78
N ALA F 106 -20.49 -56.61 24.82
CA ALA F 106 -21.40 -57.24 23.86
C ALA F 106 -22.06 -58.47 24.46
N ALA G 17 -13.63 -29.57 37.48
CA ALA G 17 -13.87 -28.50 38.44
C ALA G 17 -12.95 -28.60 39.66
N ALA G 18 -12.74 -27.45 40.34
CA ALA G 18 -12.28 -27.35 41.73
C ALA G 18 -10.77 -27.12 41.93
N PRO G 19 -10.31 -27.07 43.18
CA PRO G 19 -8.86 -26.98 43.43
C PRO G 19 -8.02 -28.09 42.79
N LEU G 20 -8.59 -29.27 42.51
CA LEU G 20 -7.88 -30.31 41.76
C LEU G 20 -7.32 -29.85 40.40
N THR G 21 -8.23 -29.55 39.47
CA THR G 21 -7.80 -28.88 38.24
C THR G 21 -6.91 -27.67 38.54
N ARG G 22 -7.27 -26.84 39.52
CA ARG G 22 -6.43 -25.66 39.80
C ARG G 22 -4.97 -26.07 40.07
N TYR G 23 -4.76 -27.21 40.74
CA TYR G 23 -3.41 -27.66 41.10
C TYR G 23 -2.68 -28.27 39.91
N ASN G 24 -3.36 -29.10 39.13
CA ASN G 24 -2.71 -29.59 37.93
C ASN G 24 -2.32 -28.44 37.01
N GLN G 25 -3.23 -27.46 36.84
CA GLN G 25 -2.94 -26.23 36.11
C GLN G 25 -1.65 -25.63 36.60
N LEU G 26 -1.52 -25.49 37.92
CA LEU G 26 -0.34 -24.80 38.45
C LEU G 26 0.92 -25.57 38.09
N LEU G 27 0.89 -26.89 38.22
CA LEU G 27 2.01 -27.71 37.81
C LEU G 27 2.36 -27.46 36.36
N ALA G 28 1.38 -27.64 35.47
CA ALA G 28 1.63 -27.55 34.03
C ALA G 28 2.13 -26.16 33.63
N SER G 29 1.50 -25.12 34.15
CA SER G 29 1.98 -23.76 33.95
C SER G 29 3.44 -23.62 34.32
N ASN G 30 3.80 -24.09 35.51
CA ASN G 30 5.17 -23.90 35.95
C ASN G 30 6.14 -24.69 35.07
N ILE G 31 5.76 -25.89 34.66
CA ILE G 31 6.59 -26.63 33.72
C ILE G 31 6.85 -25.78 32.49
N GLU G 32 5.78 -25.21 31.95
CA GLU G 32 5.82 -24.41 30.73
C GLU G 32 6.70 -23.16 30.90
N GLN G 33 6.39 -22.32 31.89
CA GLN G 33 7.21 -21.14 32.13
C GLN G 33 8.69 -21.51 32.25
N LEU G 34 9.00 -22.60 32.99
CA LEU G 34 10.40 -23.02 33.10
C LEU G 34 10.98 -23.44 31.76
N THR G 35 10.23 -24.17 30.96
CA THR G 35 10.68 -24.53 29.63
C THR G 35 11.00 -23.31 28.77
N ARG G 36 10.17 -22.26 28.84
CA ARG G 36 10.50 -21.00 28.18
C ARG G 36 11.82 -20.45 28.72
N LEU G 37 11.95 -20.32 30.04
CA LEU G 37 13.19 -19.85 30.65
C LEU G 37 14.41 -20.57 30.10
N GLN G 38 14.32 -21.89 30.00
CA GLN G 38 15.42 -22.67 29.46
C GLN G 38 15.63 -22.39 27.97
N LEU G 39 14.54 -22.21 27.21
CA LEU G 39 14.68 -21.88 25.79
C LEU G 39 15.35 -20.53 25.59
N ALA G 40 14.89 -19.50 26.29
CA ALA G 40 15.48 -18.17 26.24
C ALA G 40 16.96 -18.23 26.58
N SER G 41 17.32 -18.88 27.68
CA SER G 41 18.74 -19.02 27.97
C SER G 41 19.48 -19.68 26.81
N ALA G 42 19.02 -20.85 26.36
CA ALA G 42 19.80 -21.56 25.34
C ALA G 42 19.98 -20.69 24.11
N ASN G 43 18.96 -19.87 23.82
CA ASN G 43 19.04 -18.93 22.72
C ASN G 43 20.12 -17.91 22.96
N ALA G 44 20.14 -17.29 24.14
CA ALA G 44 21.19 -16.32 24.41
C ALA G 44 22.59 -16.95 24.34
N TYR G 45 22.75 -18.21 24.74
CA TYR G 45 24.08 -18.80 24.65
C TYR G 45 24.48 -19.04 23.20
N ALA G 46 23.52 -19.46 22.35
CA ALA G 46 23.81 -19.60 20.92
C ALA G 46 24.15 -18.23 20.32
N GLU G 47 23.34 -17.23 20.62
CA GLU G 47 23.75 -15.84 20.42
C GLU G 47 25.03 -15.64 21.21
N LEU G 48 25.69 -14.51 21.01
CA LEU G 48 26.96 -14.30 21.70
C LEU G 48 27.92 -15.50 21.66
N GLY G 49 27.38 -16.73 21.76
CA GLY G 49 28.16 -17.93 21.46
C GLY G 49 28.64 -18.02 20.03
N LEU G 50 27.90 -17.43 19.08
CA LEU G 50 28.41 -17.32 17.71
C LEU G 50 29.60 -16.33 17.63
N GLN G 60 34.48 -5.52 25.51
CA GLN G 60 33.36 -5.16 26.37
C GLN G 60 32.19 -6.13 26.21
N ASP G 61 32.47 -7.44 26.36
CA ASP G 61 31.48 -8.48 26.11
C ASP G 61 31.41 -9.53 27.21
N THR G 62 32.50 -9.71 27.99
CA THR G 62 32.32 -10.32 29.30
C THR G 62 31.33 -9.53 30.13
N GLN G 63 31.21 -8.23 29.84
CA GLN G 63 30.09 -7.46 30.37
C GLN G 63 28.76 -8.04 29.91
N SER G 64 28.66 -8.42 28.64
CA SER G 64 27.44 -9.07 28.16
C SER G 64 27.19 -10.40 28.88
N LEU G 65 28.26 -11.16 29.19
CA LEU G 65 28.08 -12.42 29.93
C LEU G 65 27.53 -12.18 31.32
N ALA G 66 28.24 -11.37 32.11
CA ALA G 66 27.78 -11.05 33.46
C ALA G 66 26.35 -10.55 33.46
N ALA G 67 26.02 -9.67 32.51
CA ALA G 67 24.65 -9.18 32.42
C ALA G 67 23.67 -10.31 32.09
N LEU G 68 24.08 -11.28 31.27
CA LEU G 68 23.19 -12.39 30.93
C LEU G 68 22.89 -13.26 32.15
N GLY G 69 23.93 -13.72 32.84
CA GLY G 69 23.72 -14.49 34.06
C GLY G 69 22.87 -13.73 35.07
N THR G 70 23.14 -12.44 35.25
CA THR G 70 22.36 -11.63 36.18
C THR G 70 20.91 -11.53 35.76
N VAL G 71 20.64 -11.32 34.47
CA VAL G 71 19.25 -11.09 34.08
C VAL G 71 18.47 -12.40 34.13
N GLN G 72 19.10 -13.53 33.77
CA GLN G 72 18.37 -14.80 33.85
C GLN G 72 18.16 -15.25 35.31
N LEU G 73 19.08 -14.88 36.22
CA LEU G 73 18.79 -15.05 37.64
C LEU G 73 17.62 -14.19 38.08
N GLU G 74 17.53 -12.94 37.60
CA GLU G 74 16.45 -12.10 38.13
C GLU G 74 15.10 -12.48 37.53
N THR G 75 15.10 -12.95 36.28
CA THR G 75 13.90 -13.49 35.67
C THR G 75 13.41 -14.70 36.42
N ALA G 76 14.31 -15.66 36.68
CA ALA G 76 13.94 -16.84 37.46
C ALA G 76 13.43 -16.44 38.85
N SER G 77 14.10 -15.50 39.51
CA SER G 77 13.60 -15.05 40.81
C SER G 77 12.16 -14.57 40.73
N GLN G 78 11.84 -13.77 39.70
CA GLN G 78 10.48 -13.31 39.50
C GLN G 78 9.50 -14.46 39.30
N LEU G 79 9.86 -15.41 38.44
CA LEU G 79 9.02 -16.59 38.27
C LEU G 79 8.78 -17.32 39.59
N SER G 80 9.81 -17.45 40.43
CA SER G 80 9.64 -18.14 41.70
C SER G 80 8.76 -17.35 42.67
N ARG G 81 8.91 -16.03 42.72
CA ARG G 81 8.00 -15.23 43.53
C ARG G 81 6.55 -15.47 43.12
N GLN G 82 6.29 -15.45 41.80
CA GLN G 82 4.93 -15.67 41.32
C GLN G 82 4.45 -17.06 41.67
N MET G 83 5.28 -18.06 41.42
CA MET G 83 4.90 -19.45 41.70
C MET G 83 4.57 -19.63 43.18
N LEU G 84 5.32 -18.97 44.07
CA LEU G 84 5.03 -19.12 45.49
C LEU G 84 3.75 -18.41 45.88
N ASP G 85 3.49 -17.21 45.34
CA ASP G 85 2.22 -16.56 45.61
C ASP G 85 1.05 -17.42 45.10
N ASP G 86 1.18 -17.98 43.90
CA ASP G 86 0.13 -18.86 43.40
C ASP G 86 -0.03 -20.10 44.28
N ILE G 87 1.05 -20.59 44.90
CA ILE G 87 0.93 -21.72 45.81
C ILE G 87 0.21 -21.33 47.09
N GLN G 88 0.58 -20.20 47.70
CA GLN G 88 -0.11 -19.76 48.92
C GLN G 88 -1.60 -19.59 48.64
N LYS G 89 -1.94 -18.97 47.52
CA LYS G 89 -3.33 -18.82 47.17
C LYS G 89 -4.01 -20.17 46.98
N LEU G 90 -3.34 -21.09 46.29
CA LEU G 90 -3.90 -22.45 46.07
C LEU G 90 -4.15 -23.19 47.38
N SER G 91 -3.27 -23.03 48.36
CA SER G 91 -3.42 -23.73 49.63
C SER G 91 -4.73 -23.36 50.36
N ALA G 92 -5.21 -22.12 50.21
CA ALA G 92 -6.49 -21.74 50.80
C ALA G 92 -7.66 -22.44 50.09
N LEU G 93 -7.65 -22.44 48.75
CA LEU G 93 -8.58 -23.29 48.01
C LEU G 93 -8.56 -24.71 48.55
N GLY G 94 -7.38 -25.23 48.90
CA GLY G 94 -7.30 -26.57 49.47
C GLY G 94 -7.93 -26.68 50.84
N GLN G 95 -7.81 -25.62 51.66
CA GLN G 95 -8.56 -25.60 52.91
C GLN G 95 -10.07 -25.72 52.66
N GLN G 96 -10.65 -24.83 51.82
CA GLN G 96 -12.08 -24.86 51.58
C GLN G 96 -12.53 -26.23 51.04
N PHE G 97 -11.83 -26.71 50.01
CA PHE G 97 -12.22 -27.98 49.39
C PHE G 97 -12.07 -29.13 50.37
N LYS G 98 -11.00 -29.12 51.17
CA LYS G 98 -10.85 -30.14 52.20
C LYS G 98 -12.04 -30.14 53.16
N GLU G 99 -12.42 -28.96 53.68
CA GLU G 99 -13.55 -28.90 54.58
C GLU G 99 -14.80 -29.56 53.98
N GLU G 100 -15.16 -29.24 52.72
CA GLU G 100 -16.38 -29.89 52.20
C GLU G 100 -16.15 -31.38 51.87
N LEU G 101 -14.89 -31.78 51.63
CA LEU G 101 -14.61 -33.22 51.51
C LEU G 101 -14.72 -33.93 52.84
N ASP G 102 -14.31 -33.27 53.93
CA ASP G 102 -14.46 -33.81 55.27
C ASP G 102 -15.93 -34.01 55.61
N VAL G 103 -16.80 -33.09 55.16
CA VAL G 103 -18.22 -33.36 55.23
C VAL G 103 -18.57 -34.68 54.54
N LEU G 104 -18.03 -34.91 53.34
CA LEU G 104 -18.39 -36.16 52.65
C LEU G 104 -17.91 -37.40 53.40
N THR G 105 -16.72 -37.32 54.04
CA THR G 105 -16.22 -38.44 54.86
C THR G 105 -17.08 -38.66 56.10
N ALA G 106 -17.51 -37.58 56.76
CA ALA G 106 -18.42 -37.67 57.89
C ALA G 106 -19.69 -38.42 57.52
N ASP G 107 -20.37 -37.96 56.47
CA ASP G 107 -21.58 -38.62 56.01
C ASP G 107 -21.33 -40.09 55.70
N GLY G 108 -20.19 -40.41 55.07
CA GLY G 108 -19.89 -41.81 54.81
C GLY G 108 -19.68 -42.63 56.07
N ILE G 109 -19.14 -41.99 57.12
CA ILE G 109 -18.98 -42.65 58.42
C ILE G 109 -20.34 -43.06 58.98
N LYS G 110 -21.28 -42.11 59.02
CA LYS G 110 -22.65 -42.40 59.45
C LYS G 110 -23.27 -43.53 58.63
N LYS G 111 -23.21 -43.42 57.31
CA LYS G 111 -23.78 -44.48 56.47
C LYS G 111 -23.11 -45.83 56.71
N SER G 112 -21.89 -45.84 57.22
CA SER G 112 -21.15 -47.09 57.35
C SER G 112 -21.27 -47.72 58.74
N THR G 113 -21.67 -46.95 59.76
CA THR G 113 -21.90 -47.45 61.10
C THR G 113 -23.36 -47.39 61.54
N GLY G 114 -24.31 -47.14 60.62
CA GLY G 114 -25.71 -47.05 60.97
C GLY G 114 -26.55 -48.31 60.76
N LYS G 115 -26.37 -48.98 59.63
CA LYS G 115 -27.17 -50.16 59.23
C LYS G 115 -27.35 -51.20 60.34
N MET H 3 19.24 -0.28 16.27
CA MET H 3 20.51 -1.01 16.09
C MET H 3 20.45 -2.52 16.31
N ASP H 4 19.50 -3.00 17.10
CA ASP H 4 19.27 -4.45 17.16
C ASP H 4 18.82 -5.00 15.83
N VAL H 5 18.07 -4.20 15.07
CA VAL H 5 17.41 -4.68 13.86
C VAL H 5 18.43 -5.01 12.77
N ILE H 6 19.43 -4.13 12.58
CA ILE H 6 20.48 -4.41 11.61
C ILE H 6 21.14 -5.73 11.94
N LYS H 7 21.49 -5.92 13.22
CA LYS H 7 22.22 -7.10 13.64
C LYS H 7 21.38 -8.35 13.46
N SER H 8 20.09 -8.31 13.82
CA SER H 8 19.27 -9.51 13.65
C SER H 8 18.99 -9.81 12.18
N PHE H 9 18.94 -8.79 11.33
CA PHE H 9 18.82 -9.02 9.89
C PHE H 9 20.05 -9.74 9.36
N THR H 10 21.24 -9.26 9.72
CA THR H 10 22.46 -9.88 9.23
C THR H 10 22.68 -11.27 9.86
N GLU H 11 22.29 -11.45 11.12
CA GLU H 11 22.40 -12.78 11.72
C GLU H 11 21.46 -13.77 11.04
N GLN H 12 20.21 -13.39 10.84
CA GLN H 12 19.29 -14.24 10.09
C GLN H 12 19.80 -14.50 8.69
N MET H 13 20.62 -13.59 8.14
CA MET H 13 21.08 -13.79 6.77
C MET H 13 22.29 -14.73 6.69
N GLN H 14 23.26 -14.61 7.60
CA GLN H 14 24.34 -15.59 7.64
C GLN H 14 23.79 -17.00 7.89
N GLY H 15 22.92 -17.15 8.89
CA GLY H 15 22.27 -18.43 9.06
C GLY H 15 23.08 -19.45 9.85
N PHE H 16 23.83 -18.99 10.86
CA PHE H 16 24.59 -19.87 11.73
C PHE H 16 23.79 -20.23 12.98
N ALA H 17 23.11 -19.25 13.59
CA ALA H 17 22.29 -19.46 14.78
C ALA H 17 20.88 -19.98 14.47
N ALA H 18 20.42 -19.83 13.23
CA ALA H 18 19.05 -20.23 12.92
C ALA H 18 18.80 -21.71 13.12
N PRO H 19 19.61 -22.63 12.58
CA PRO H 19 19.29 -24.07 12.75
C PRO H 19 19.36 -24.53 14.20
N LEU H 20 20.33 -24.01 14.95
CA LEU H 20 20.45 -24.44 16.34
C LEU H 20 19.24 -23.95 17.14
N THR H 21 18.93 -22.65 17.04
CA THR H 21 17.73 -22.09 17.67
C THR H 21 16.46 -22.80 17.21
N ARG H 22 16.44 -23.22 15.96
CA ARG H 22 15.32 -24.01 15.46
C ARG H 22 15.20 -25.31 16.24
N TYR H 23 16.34 -25.94 16.55
CA TYR H 23 16.32 -27.19 17.32
C TYR H 23 15.83 -26.97 18.74
N ASN H 24 16.41 -25.98 19.43
CA ASN H 24 15.94 -25.63 20.76
C ASN H 24 14.44 -25.34 20.76
N GLN H 25 13.98 -24.68 19.72
CA GLN H 25 12.57 -24.31 19.58
C GLN H 25 11.72 -25.58 19.52
N LEU H 26 12.15 -26.57 18.72
CA LEU H 26 11.37 -27.79 18.55
C LEU H 26 11.28 -28.59 19.86
N LEU H 27 12.37 -28.61 20.64
CA LEU H 27 12.31 -29.27 21.94
C LEU H 27 11.32 -28.57 22.86
N ALA H 28 11.46 -27.25 23.03
CA ALA H 28 10.53 -26.56 23.92
C ALA H 28 9.09 -26.76 23.48
N SER H 29 8.84 -26.81 22.17
CA SER H 29 7.50 -27.06 21.67
C SER H 29 6.97 -28.43 22.10
N ASN H 30 7.76 -29.48 21.88
CA ASN H 30 7.22 -30.80 22.24
C ASN H 30 7.09 -30.99 23.74
N ILE H 31 7.99 -30.40 24.52
CA ILE H 31 7.81 -30.44 25.97
C ILE H 31 6.49 -29.80 26.34
N GLU H 32 6.21 -28.64 25.76
CA GLU H 32 4.95 -27.95 26.06
C GLU H 32 3.75 -28.81 25.69
N GLN H 33 3.75 -29.41 24.51
CA GLN H 33 2.57 -30.16 24.11
C GLN H 33 2.37 -31.38 25.01
N LEU H 34 3.45 -32.11 25.30
CA LEU H 34 3.38 -33.25 26.21
C LEU H 34 2.87 -32.83 27.58
N THR H 35 3.38 -31.72 28.10
CA THR H 35 2.84 -31.19 29.34
C THR H 35 1.34 -30.97 29.24
N ARG H 36 0.85 -30.43 28.12
CA ARG H 36 -0.57 -30.15 27.99
C ARG H 36 -1.42 -31.42 27.92
N LEU H 37 -0.95 -32.41 27.18
CA LEU H 37 -1.63 -33.70 27.18
C LEU H 37 -1.67 -34.29 28.59
N GLN H 38 -0.58 -34.15 29.35
CA GLN H 38 -0.56 -34.63 30.72
C GLN H 38 -1.59 -33.88 31.56
N LEU H 39 -1.66 -32.56 31.41
CA LEU H 39 -2.69 -31.80 32.12
C LEU H 39 -4.08 -32.30 31.78
N ALA H 40 -4.32 -32.60 30.49
CA ALA H 40 -5.61 -33.10 30.09
C ALA H 40 -5.93 -34.43 30.77
N SER H 41 -5.01 -35.40 30.70
CA SER H 41 -5.25 -36.70 31.32
C SER H 41 -5.46 -36.58 32.83
N ALA H 42 -4.60 -35.83 33.52
CA ALA H 42 -4.75 -35.65 34.95
C ALA H 42 -6.13 -35.09 35.28
N ASN H 43 -6.54 -34.04 34.57
CA ASN H 43 -7.85 -33.44 34.83
C ASN H 43 -9.01 -34.38 34.54
N ALA H 44 -8.90 -35.20 33.50
CA ALA H 44 -9.96 -36.16 33.19
C ALA H 44 -10.11 -37.20 34.32
N TYR H 45 -9.01 -37.81 34.74
CA TYR H 45 -9.11 -38.77 35.84
C TYR H 45 -9.70 -38.10 37.07
N ALA H 46 -9.30 -36.85 37.33
CA ALA H 46 -9.83 -36.14 38.50
C ALA H 46 -11.34 -35.99 38.40
N GLU H 47 -11.85 -35.54 37.26
CA GLU H 47 -13.30 -35.37 37.21
C GLU H 47 -14.02 -36.72 37.28
N LEU H 48 -13.59 -37.71 36.50
CA LEU H 48 -14.29 -38.99 36.54
C LEU H 48 -14.40 -39.48 37.97
N GLY H 49 -13.27 -39.52 38.69
CA GLY H 49 -13.29 -39.99 40.07
C GLY H 49 -14.15 -39.14 40.98
N LEU H 50 -14.20 -37.83 40.73
CA LEU H 50 -14.92 -36.93 41.63
C LEU H 50 -16.42 -36.89 41.34
N ASN H 51 -16.81 -37.08 40.09
CA ASN H 51 -18.24 -37.17 39.82
C ASN H 51 -18.78 -38.51 40.28
N GLN H 52 -18.00 -39.59 40.18
CA GLN H 52 -18.43 -40.85 40.79
C GLN H 52 -18.52 -40.73 42.30
N LEU H 53 -17.62 -39.96 42.92
CA LEU H 53 -17.76 -39.75 44.36
C LEU H 53 -19.02 -38.95 44.71
N GLN H 54 -19.25 -37.82 44.03
CA GLN H 54 -20.45 -37.04 44.31
C GLN H 54 -21.70 -37.89 44.11
N ALA H 55 -21.69 -38.75 43.09
CA ALA H 55 -22.83 -39.61 42.78
C ALA H 55 -23.08 -40.61 43.89
N VAL H 56 -22.01 -41.24 44.38
CA VAL H 56 -22.16 -42.20 45.47
C VAL H 56 -22.59 -41.51 46.76
N SER H 57 -22.19 -40.26 46.97
CA SER H 57 -22.52 -39.58 48.23
C SER H 57 -23.99 -39.20 48.33
N LYS H 58 -24.63 -38.89 47.22
CA LYS H 58 -26.02 -38.43 47.24
C LYS H 58 -27.04 -39.51 47.56
N VAL H 59 -26.65 -40.78 47.74
CA VAL H 59 -27.60 -41.89 47.74
C VAL H 59 -28.40 -41.95 49.04
N GLN H 60 -28.40 -43.12 49.69
CA GLN H 60 -29.40 -43.54 50.66
C GLN H 60 -30.66 -44.01 49.95
N ASP H 61 -31.29 -45.05 50.51
CA ASP H 61 -32.46 -45.76 49.97
C ASP H 61 -32.07 -46.77 48.89
N THR H 62 -32.33 -48.05 49.17
CA THR H 62 -31.96 -49.16 48.30
C THR H 62 -32.48 -49.01 46.88
N GLN H 63 -33.55 -48.26 46.68
CA GLN H 63 -34.07 -48.09 45.33
C GLN H 63 -33.21 -47.17 44.46
N SER H 64 -31.97 -46.84 44.87
CA SER H 64 -31.10 -45.93 44.13
C SER H 64 -29.81 -46.63 43.67
N LEU H 65 -29.92 -47.90 43.28
CA LEU H 65 -28.88 -48.63 42.56
C LEU H 65 -28.91 -48.38 41.06
N ALA H 66 -29.92 -47.70 40.55
CA ALA H 66 -29.87 -47.30 39.14
C ALA H 66 -28.67 -46.40 38.90
N ALA H 67 -28.43 -45.46 39.82
CA ALA H 67 -27.26 -44.61 39.72
C ALA H 67 -25.96 -45.43 39.77
N LEU H 68 -25.96 -46.51 40.56
CA LEU H 68 -24.79 -47.37 40.63
C LEU H 68 -24.48 -48.01 39.27
N GLY H 69 -25.47 -48.68 38.67
CA GLY H 69 -25.23 -49.36 37.40
C GLY H 69 -24.95 -48.42 36.24
N THR H 70 -25.67 -47.29 36.20
CA THR H 70 -25.48 -46.35 35.09
C THR H 70 -24.20 -45.53 35.21
N VAL H 71 -23.91 -44.99 36.40
CA VAL H 71 -22.69 -44.22 36.57
C VAL H 71 -21.49 -45.14 36.43
N GLN H 72 -21.62 -46.38 36.90
CA GLN H 72 -20.52 -47.33 36.81
C GLN H 72 -20.19 -47.68 35.35
N LEU H 73 -21.18 -48.16 34.59
CA LEU H 73 -20.86 -48.52 33.20
C LEU H 73 -20.49 -47.29 32.37
N GLU H 74 -21.25 -46.19 32.51
CA GLU H 74 -20.91 -44.95 31.80
C GLU H 74 -19.46 -44.54 32.05
N THR H 75 -19.04 -44.57 33.31
CA THR H 75 -17.67 -44.21 33.62
C THR H 75 -16.70 -45.18 32.96
N ALA H 76 -17.06 -46.46 32.89
CA ALA H 76 -16.16 -47.45 32.31
C ALA H 76 -15.93 -47.20 30.82
N SER H 77 -17.01 -46.99 30.08
CA SER H 77 -16.88 -46.72 28.65
C SER H 77 -16.19 -45.38 28.40
N GLN H 78 -16.51 -44.38 29.23
CA GLN H 78 -15.89 -43.06 29.10
C GLN H 78 -14.38 -43.10 29.33
N LEU H 79 -13.93 -43.96 30.26
CA LEU H 79 -12.48 -44.14 30.44
C LEU H 79 -11.88 -44.89 29.26
N SER H 80 -12.64 -45.78 28.65
CA SER H 80 -12.12 -46.45 27.51
C SER H 80 -11.84 -45.38 26.49
N ARG H 81 -12.87 -44.75 25.98
CA ARG H 81 -12.60 -43.75 24.97
C ARG H 81 -11.49 -42.82 25.41
N GLN H 82 -11.62 -42.27 26.60
CA GLN H 82 -10.62 -41.31 27.08
C GLN H 82 -9.21 -41.78 26.76
N MET H 83 -8.80 -42.90 27.35
CA MET H 83 -7.42 -43.33 27.18
C MET H 83 -7.14 -43.76 25.75
N LEU H 84 -8.13 -44.31 25.03
CA LEU H 84 -7.86 -44.68 23.65
C LEU H 84 -7.52 -43.45 22.82
N ASP H 85 -8.28 -42.38 23.01
CA ASP H 85 -7.99 -41.11 22.36
C ASP H 85 -6.66 -40.53 22.84
N ASP H 86 -6.37 -40.64 24.14
CA ASP H 86 -5.10 -40.11 24.65
C ASP H 86 -3.91 -40.79 23.98
N ILE H 87 -3.94 -42.11 23.88
CA ILE H 87 -2.90 -42.83 23.17
C ILE H 87 -2.84 -42.36 21.72
N GLN H 88 -4.01 -42.07 21.14
CA GLN H 88 -4.01 -41.54 19.78
C GLN H 88 -3.23 -40.23 19.70
N LYS H 89 -3.49 -39.32 20.64
CA LYS H 89 -2.84 -38.02 20.63
C LYS H 89 -1.33 -38.17 20.76
N LEU H 90 -0.90 -38.98 21.72
CA LEU H 90 0.53 -39.17 21.95
C LEU H 90 1.20 -39.76 20.72
N SER H 91 0.56 -40.72 20.05
CA SER H 91 1.15 -41.25 18.83
C SER H 91 1.34 -40.14 17.81
N ALA H 92 0.34 -39.26 17.66
CA ALA H 92 0.48 -38.14 16.72
C ALA H 92 1.65 -37.24 17.11
N LEU H 93 1.76 -36.88 18.39
CA LEU H 93 2.86 -36.04 18.84
C LEU H 93 4.21 -36.64 18.48
N GLY H 94 4.35 -37.95 18.67
CA GLY H 94 5.61 -38.58 18.33
C GLY H 94 5.87 -38.54 16.85
N GLN H 95 4.83 -38.81 16.04
CA GLN H 95 5.01 -38.85 14.60
C GLN H 95 5.43 -37.48 14.06
N GLN H 96 4.79 -36.42 14.55
CA GLN H 96 5.14 -35.09 14.07
C GLN H 96 6.50 -34.65 14.56
N PHE H 97 6.87 -35.04 15.78
CA PHE H 97 8.25 -34.83 16.22
C PHE H 97 9.22 -35.53 15.28
N LYS H 98 8.90 -36.74 14.86
CA LYS H 98 9.77 -37.44 13.92
C LYS H 98 9.94 -36.63 12.66
N GLU H 99 8.81 -36.19 12.08
CA GLU H 99 8.84 -35.49 10.79
C GLU H 99 9.61 -34.18 10.90
N GLU H 100 9.34 -33.41 11.94
CA GLU H 100 10.03 -32.13 12.05
C GLU H 100 11.53 -32.33 12.20
N LEU H 101 11.94 -33.38 12.93
CA LEU H 101 13.36 -33.74 13.00
C LEU H 101 13.94 -34.09 11.63
N ASP H 102 13.15 -34.77 10.78
CA ASP H 102 13.64 -35.13 9.45
C ASP H 102 13.87 -33.90 8.57
N VAL H 103 12.97 -32.89 8.64
CA VAL H 103 13.22 -31.67 7.87
C VAL H 103 14.44 -30.94 8.42
N LEU H 104 14.62 -30.94 9.75
CA LEU H 104 15.78 -30.26 10.32
C LEU H 104 17.11 -30.93 9.92
N THR H 105 17.16 -32.26 9.86
CA THR H 105 18.41 -32.91 9.42
C THR H 105 18.68 -32.65 7.95
N ALA H 106 17.64 -32.78 7.12
CA ALA H 106 17.79 -32.52 5.69
C ALA H 106 18.31 -31.11 5.44
N ASP H 107 17.68 -30.11 6.07
CA ASP H 107 18.08 -28.72 5.89
C ASP H 107 19.47 -28.43 6.45
N GLY H 108 19.86 -29.11 7.52
CA GLY H 108 21.19 -28.90 8.06
C GLY H 108 22.28 -29.45 7.17
N ILE H 109 21.99 -30.55 6.45
CA ILE H 109 23.00 -31.10 5.53
C ILE H 109 23.49 -30.04 4.55
N LYS H 110 22.57 -29.40 3.85
CA LYS H 110 22.90 -28.44 2.79
C LYS H 110 23.81 -27.29 3.24
N MET I 3 -27.00 7.21 -24.28
CA MET I 3 -27.54 6.97 -22.94
C MET I 3 -26.58 7.31 -21.82
N ASP I 4 -25.29 7.24 -22.13
CA ASP I 4 -24.29 7.78 -21.22
C ASP I 4 -24.52 9.25 -20.99
N VAL I 5 -25.13 9.92 -21.98
CA VAL I 5 -25.26 11.36 -21.92
C VAL I 5 -26.17 11.76 -20.77
N ILE I 6 -27.32 11.11 -20.63
CA ILE I 6 -28.22 11.38 -19.51
C ILE I 6 -27.52 11.12 -18.19
N LYS I 7 -26.86 9.95 -18.07
CA LYS I 7 -26.25 9.59 -16.81
C LYS I 7 -25.22 10.63 -16.42
N SER I 8 -24.35 11.00 -17.35
CA SER I 8 -23.31 11.96 -17.06
C SER I 8 -23.88 13.35 -16.79
N PHE I 9 -25.00 13.70 -17.40
CA PHE I 9 -25.64 14.97 -17.08
C PHE I 9 -26.10 14.99 -15.62
N THR I 10 -26.82 13.94 -15.19
CA THR I 10 -27.28 13.88 -13.79
C THR I 10 -26.10 13.75 -12.83
N GLU I 11 -25.05 13.02 -13.22
CA GLU I 11 -23.85 12.94 -12.40
C GLU I 11 -23.20 14.31 -12.26
N GLN I 12 -23.08 15.06 -13.37
CA GLN I 12 -22.56 16.42 -13.35
C GLN I 12 -23.39 17.32 -12.46
N MET I 13 -24.69 17.03 -12.34
CA MET I 13 -25.60 17.86 -11.57
C MET I 13 -25.58 17.51 -10.08
N GLN I 14 -25.47 16.21 -9.77
CA GLN I 14 -25.28 15.75 -8.39
C GLN I 14 -24.03 16.38 -7.79
N GLY I 15 -22.92 16.30 -8.51
CA GLY I 15 -21.71 17.02 -8.14
C GLY I 15 -20.78 16.39 -7.14
N PHE I 16 -20.67 15.06 -7.12
CA PHE I 16 -19.68 14.41 -6.28
C PHE I 16 -18.40 14.15 -7.05
N ALA I 17 -18.51 13.72 -8.31
CA ALA I 17 -17.34 13.48 -9.15
C ALA I 17 -16.72 14.75 -9.70
N ALA I 18 -17.47 15.84 -9.73
CA ALA I 18 -16.92 17.07 -10.30
C ALA I 18 -15.72 17.54 -9.50
N PRO I 19 -15.80 17.76 -8.18
CA PRO I 19 -14.63 18.34 -7.48
C PRO I 19 -13.42 17.45 -7.57
N LEU I 20 -13.62 16.13 -7.50
CA LEU I 20 -12.49 15.23 -7.58
C LEU I 20 -11.81 15.29 -8.95
N THR I 21 -12.59 15.18 -10.03
CA THR I 21 -12.01 15.33 -11.38
C THR I 21 -11.29 16.67 -11.54
N ARG I 22 -11.88 17.75 -11.02
CA ARG I 22 -11.23 19.06 -11.04
C ARG I 22 -9.86 19.02 -10.34
N TYR I 23 -9.77 18.32 -9.21
CA TYR I 23 -8.51 18.22 -8.46
C TYR I 23 -7.47 17.39 -9.20
N ASN I 24 -7.83 16.21 -9.67
CA ASN I 24 -6.83 15.40 -10.34
C ASN I 24 -6.30 16.11 -11.58
N GLN I 25 -7.20 16.78 -12.31
CA GLN I 25 -6.85 17.65 -13.43
C GLN I 25 -5.87 18.75 -13.01
N LEU I 26 -6.19 19.44 -11.93
CA LEU I 26 -5.34 20.53 -11.46
C LEU I 26 -3.92 20.04 -11.24
N LEU I 27 -3.76 18.91 -10.54
CA LEU I 27 -2.42 18.41 -10.27
C LEU I 27 -1.70 18.08 -11.58
N ALA I 28 -2.36 17.32 -12.47
CA ALA I 28 -1.71 16.96 -13.73
C ALA I 28 -1.28 18.22 -14.52
N SER I 29 -2.12 19.26 -14.51
CA SER I 29 -1.79 20.49 -15.21
C SER I 29 -0.53 21.12 -14.65
N ASN I 30 -0.45 21.25 -13.32
CA ASN I 30 0.72 21.87 -12.74
C ASN I 30 2.00 21.06 -12.98
N ILE I 31 1.90 19.73 -13.00
CA ILE I 31 3.07 18.93 -13.37
C ILE I 31 3.52 19.25 -14.79
N GLU I 32 2.57 19.29 -15.72
CA GLU I 32 2.88 19.62 -17.11
C GLU I 32 3.55 20.99 -17.23
N GLN I 33 3.00 21.98 -16.55
CA GLN I 33 3.52 23.34 -16.71
C GLN I 33 4.93 23.50 -16.13
N LEU I 34 5.17 22.97 -14.93
CA LEU I 34 6.52 22.97 -14.34
C LEU I 34 7.52 22.23 -15.22
N THR I 35 7.11 21.08 -15.77
CA THR I 35 7.97 20.40 -16.71
C THR I 35 8.35 21.33 -17.84
N ARG I 36 7.36 22.04 -18.38
CA ARG I 36 7.61 22.94 -19.50
C ARG I 36 8.52 24.09 -19.08
N LEU I 37 8.33 24.63 -17.88
CA LEU I 37 9.22 25.66 -17.37
C LEU I 37 10.66 25.15 -17.32
N GLN I 38 10.84 23.89 -16.91
CA GLN I 38 12.17 23.29 -16.88
C GLN I 38 12.73 23.13 -18.30
N LEU I 39 11.89 22.68 -19.25
CA LEU I 39 12.33 22.61 -20.64
C LEU I 39 12.80 23.99 -21.12
N ALA I 40 12.09 25.03 -20.69
CA ALA I 40 12.41 26.40 -21.04
C ALA I 40 13.77 26.84 -20.52
N SER I 41 14.01 26.68 -19.21
CA SER I 41 15.34 27.02 -18.69
C SER I 41 16.42 26.21 -19.37
N ALA I 42 16.22 24.90 -19.47
CA ALA I 42 17.25 24.03 -20.03
C ALA I 42 17.62 24.44 -21.45
N ASN I 43 16.62 24.62 -22.32
CA ASN I 43 16.94 25.04 -23.68
C ASN I 43 17.61 26.41 -23.72
N ALA I 44 17.24 27.30 -22.80
CA ALA I 44 17.90 28.60 -22.74
C ALA I 44 19.39 28.46 -22.36
N TYR I 45 19.70 27.77 -21.26
CA TYR I 45 21.10 27.60 -20.86
C TYR I 45 21.91 26.93 -21.95
N ALA I 46 21.34 25.94 -22.61
CA ALA I 46 22.07 25.30 -23.70
C ALA I 46 22.37 26.31 -24.80
N GLU I 47 21.38 27.13 -25.13
CA GLU I 47 21.55 28.11 -26.20
C GLU I 47 22.60 29.16 -25.84
N LEU I 48 22.63 29.60 -24.58
CA LEU I 48 23.72 30.47 -24.13
C LEU I 48 25.08 29.81 -24.31
N GLY I 49 25.27 28.63 -23.70
CA GLY I 49 26.60 28.05 -23.71
C GLY I 49 27.09 27.79 -25.11
N LEU I 50 26.18 27.40 -26.00
CA LEU I 50 26.54 27.14 -27.39
C LEU I 50 26.94 28.43 -28.11
N ASN I 51 26.14 29.49 -27.97
CA ASN I 51 26.43 30.76 -28.64
C ASN I 51 27.69 31.40 -28.09
N GLN I 52 27.97 31.19 -26.80
CA GLN I 52 29.22 31.65 -26.21
C GLN I 52 30.40 30.85 -26.73
N LEU I 53 30.17 29.56 -27.00
CA LEU I 53 31.21 28.72 -27.56
C LEU I 53 31.59 29.20 -28.95
N GLN I 54 30.59 29.32 -29.84
CA GLN I 54 30.84 29.79 -31.20
C GLN I 54 31.38 31.22 -31.21
N ALA I 55 30.87 32.06 -30.31
CA ALA I 55 31.34 33.44 -30.26
C ALA I 55 32.79 33.50 -29.86
N VAL I 56 33.19 32.71 -28.86
CA VAL I 56 34.59 32.66 -28.49
C VAL I 56 35.44 32.04 -29.61
N SER I 57 34.85 31.14 -30.41
CA SER I 57 35.64 30.55 -31.50
C SER I 57 35.90 31.57 -32.60
N LYS I 58 34.92 32.42 -32.91
CA LYS I 58 35.17 33.48 -33.89
C LYS I 58 36.02 34.61 -33.31
N VAL I 59 36.12 34.72 -31.98
CA VAL I 59 37.06 35.67 -31.40
C VAL I 59 38.48 35.16 -31.50
N GLN I 60 38.68 33.83 -31.42
CA GLN I 60 40.02 33.28 -31.57
C GLN I 60 40.64 33.66 -32.93
N ASP I 61 39.87 33.49 -34.02
CA ASP I 61 40.28 33.88 -35.36
C ASP I 61 40.33 35.40 -35.56
N THR I 62 40.36 36.16 -34.47
CA THR I 62 40.67 37.59 -34.46
C THR I 62 41.55 37.83 -33.23
N GLN I 63 41.84 39.09 -32.89
CA GLN I 63 42.63 39.37 -31.70
C GLN I 63 42.07 40.50 -30.84
N SER I 64 40.84 40.95 -31.09
CA SER I 64 40.30 42.08 -30.37
C SER I 64 39.72 41.64 -29.03
N LEU I 65 39.96 42.46 -28.01
CA LEU I 65 39.30 42.29 -26.72
C LEU I 65 37.96 42.98 -26.67
N ALA I 66 37.67 43.87 -27.62
CA ALA I 66 36.34 44.43 -27.71
C ALA I 66 35.34 43.35 -28.07
N ALA I 67 35.69 42.48 -29.01
CA ALA I 67 34.79 41.38 -29.37
C ALA I 67 34.51 40.49 -28.17
N LEU I 68 35.56 40.21 -27.40
CA LEU I 68 35.45 39.41 -26.17
C LEU I 68 34.55 40.10 -25.16
N GLY I 69 34.77 41.40 -24.97
CA GLY I 69 33.95 42.17 -24.05
C GLY I 69 32.51 42.23 -24.49
N THR I 70 32.28 42.14 -25.79
CA THR I 70 30.91 42.12 -26.34
C THR I 70 30.26 40.78 -26.02
N VAL I 71 31.03 39.68 -26.10
CA VAL I 71 30.49 38.37 -25.72
C VAL I 71 30.13 38.35 -24.24
N GLN I 72 30.97 38.95 -23.40
CA GLN I 72 30.69 39.05 -21.99
C GLN I 72 29.43 39.88 -21.74
N LEU I 73 29.34 41.02 -22.41
CA LEU I 73 28.16 41.88 -22.31
C LEU I 73 26.89 41.12 -22.65
N GLU I 74 26.90 40.45 -23.80
CA GLU I 74 25.74 39.71 -24.27
C GLU I 74 25.35 38.60 -23.31
N THR I 75 26.31 37.76 -22.91
CA THR I 75 25.96 36.62 -22.08
C THR I 75 25.52 37.06 -20.68
N ALA I 76 26.21 38.02 -20.08
CA ALA I 76 25.81 38.43 -18.74
C ALA I 76 24.42 39.02 -18.78
N SER I 77 24.15 39.87 -19.78
CA SER I 77 22.82 40.46 -19.90
C SER I 77 21.73 39.41 -20.11
N GLN I 78 21.99 38.41 -20.97
CA GLN I 78 20.98 37.39 -21.21
C GLN I 78 20.75 36.50 -19.99
N LEU I 79 21.79 36.23 -19.20
CA LEU I 79 21.54 35.50 -17.96
C LEU I 79 20.70 36.32 -16.99
N SER I 80 21.10 37.56 -16.71
CA SER I 80 20.31 38.40 -15.82
C SER I 80 18.84 38.45 -16.23
N ARG I 81 18.58 38.69 -17.53
CA ARG I 81 17.23 38.66 -18.05
C ARG I 81 16.56 37.32 -17.76
N GLN I 82 17.12 36.24 -18.29
CA GLN I 82 16.49 34.92 -18.23
C GLN I 82 16.19 34.47 -16.80
N MET I 83 17.02 34.88 -15.86
CA MET I 83 16.83 34.49 -14.47
C MET I 83 15.67 35.26 -13.84
N LEU I 84 15.56 36.56 -14.13
CA LEU I 84 14.37 37.26 -13.64
C LEU I 84 13.11 36.68 -14.27
N ASP I 85 13.17 36.39 -15.57
CA ASP I 85 12.01 35.82 -16.27
C ASP I 85 11.61 34.47 -15.70
N ASP I 86 12.60 33.62 -15.38
CA ASP I 86 12.29 32.31 -14.79
C ASP I 86 11.56 32.48 -13.47
N ILE I 87 12.09 33.32 -12.58
CA ILE I 87 11.41 33.55 -11.31
C ILE I 87 10.02 34.13 -11.50
N GLN I 88 9.80 34.94 -12.54
CA GLN I 88 8.47 35.54 -12.66
C GLN I 88 7.45 34.54 -13.22
N LYS I 89 7.86 33.69 -14.16
CA LYS I 89 6.98 32.66 -14.69
C LYS I 89 6.56 31.70 -13.58
N LEU I 90 7.53 31.18 -12.84
CA LEU I 90 7.20 30.27 -11.75
C LEU I 90 6.35 30.97 -10.70
N SER I 91 6.68 32.20 -10.36
CA SER I 91 5.84 32.88 -9.37
C SER I 91 4.39 32.95 -9.85
N ALA I 92 4.18 33.23 -11.14
CA ALA I 92 2.82 33.24 -11.69
C ALA I 92 2.14 31.88 -11.50
N LEU I 93 2.89 30.82 -11.81
CA LEU I 93 2.41 29.45 -11.64
C LEU I 93 2.02 29.15 -10.20
N GLY I 94 2.80 29.63 -9.25
CA GLY I 94 2.47 29.39 -7.86
C GLY I 94 1.22 30.11 -7.43
N GLN I 95 1.09 31.38 -7.81
CA GLN I 95 -0.12 32.10 -7.45
C GLN I 95 -1.33 31.46 -8.09
N GLN I 96 -1.16 30.91 -9.28
CA GLN I 96 -2.30 30.28 -9.95
C GLN I 96 -2.73 29.02 -9.26
N PHE I 97 -1.76 28.15 -8.93
CA PHE I 97 -2.03 26.95 -8.15
C PHE I 97 -2.73 27.30 -6.83
N LYS I 98 -2.27 28.35 -6.16
CA LYS I 98 -2.92 28.71 -4.91
C LYS I 98 -4.37 29.14 -5.14
N GLU I 99 -4.60 30.01 -6.12
CA GLU I 99 -5.93 30.57 -6.33
C GLU I 99 -6.94 29.51 -6.77
N GLU I 100 -6.51 28.57 -7.62
CA GLU I 100 -7.40 27.48 -7.99
C GLU I 100 -7.69 26.56 -6.80
N LEU I 101 -6.68 26.30 -5.96
CA LEU I 101 -6.94 25.49 -4.77
C LEU I 101 -7.94 26.17 -3.84
N ASP I 102 -7.84 27.50 -3.69
CA ASP I 102 -8.76 28.24 -2.84
C ASP I 102 -10.17 28.26 -3.42
N VAL I 103 -10.27 28.26 -4.74
CA VAL I 103 -11.58 28.15 -5.39
C VAL I 103 -12.21 26.79 -5.09
N LEU I 104 -11.43 25.71 -5.26
CA LEU I 104 -11.92 24.36 -5.04
C LEU I 104 -12.27 24.14 -3.57
N THR I 105 -11.48 24.72 -2.67
CA THR I 105 -11.76 24.65 -1.25
C THR I 105 -13.04 25.38 -0.89
N ALA I 106 -13.22 26.61 -1.38
CA ALA I 106 -14.45 27.35 -1.09
C ALA I 106 -15.67 26.60 -1.58
N ASP I 107 -15.64 26.13 -2.82
CA ASP I 107 -16.81 25.43 -3.33
C ASP I 107 -16.99 24.08 -2.65
N GLY I 108 -15.90 23.48 -2.16
CA GLY I 108 -16.03 22.22 -1.44
C GLY I 108 -16.94 22.33 -0.23
N ILE I 109 -16.96 23.50 0.42
CA ILE I 109 -17.75 23.75 1.62
C ILE I 109 -19.26 23.74 1.32
N PHE J 9 35.65 24.43 -37.52
CA PHE J 9 35.27 23.80 -36.25
C PHE J 9 33.86 24.20 -35.82
N THR J 10 33.63 25.51 -35.72
CA THR J 10 32.38 26.03 -35.18
C THR J 10 31.17 25.55 -35.97
N GLU J 11 31.38 25.16 -37.24
CA GLU J 11 30.31 24.58 -38.03
C GLU J 11 29.58 23.49 -37.25
N GLN J 12 30.33 22.51 -36.75
CA GLN J 12 29.70 21.38 -36.07
C GLN J 12 28.98 21.79 -34.80
N MET J 13 29.21 23.01 -34.28
CA MET J 13 28.46 23.47 -33.13
C MET J 13 26.97 23.59 -33.42
N GLN J 14 26.60 23.88 -34.68
CA GLN J 14 25.19 23.83 -35.03
C GLN J 14 24.64 22.43 -34.80
N GLY J 15 25.38 21.41 -35.23
CA GLY J 15 25.00 20.03 -35.00
C GLY J 15 24.84 19.67 -33.53
N PHE J 16 25.15 20.60 -32.62
CA PHE J 16 24.88 20.36 -31.21
C PHE J 16 23.42 20.61 -30.88
N ALA J 17 22.86 21.71 -31.38
CA ALA J 17 21.61 22.22 -30.82
C ALA J 17 20.39 21.51 -31.36
N ALA J 18 20.50 20.79 -32.49
CA ALA J 18 19.42 19.92 -32.89
C ALA J 18 19.25 18.73 -31.94
N PRO J 19 20.28 17.89 -31.73
CA PRO J 19 20.10 16.79 -30.76
C PRO J 19 19.80 17.24 -29.33
N LEU J 20 20.56 18.21 -28.80
CA LEU J 20 20.32 18.73 -27.45
C LEU J 20 18.87 19.11 -27.25
N THR J 21 18.38 20.06 -28.05
CA THR J 21 16.97 20.43 -27.99
C THR J 21 16.08 19.20 -28.15
N ARG J 22 16.36 18.39 -29.17
CA ARG J 22 15.55 17.19 -29.40
C ARG J 22 15.53 16.33 -28.16
N TYR J 23 16.63 16.28 -27.43
CA TYR J 23 16.67 15.50 -26.21
C TYR J 23 15.76 16.11 -25.15
N ASN J 24 15.95 17.39 -24.85
CA ASN J 24 15.19 18.00 -23.76
C ASN J 24 13.70 17.91 -24.05
N GLN J 25 13.31 18.19 -25.31
CA GLN J 25 11.98 17.96 -25.86
C GLN J 25 11.43 16.62 -25.38
N LEU J 26 12.06 15.53 -25.85
CA LEU J 26 11.61 14.19 -25.50
C LEU J 26 11.45 14.01 -24.00
N LEU J 27 12.41 14.48 -23.20
CA LEU J 27 12.27 14.34 -21.76
C LEU J 27 10.93 14.88 -21.31
N ALA J 28 10.66 16.16 -21.60
CA ALA J 28 9.42 16.80 -21.18
C ALA J 28 8.21 16.07 -21.78
N SER J 29 8.32 15.69 -23.04
CA SER J 29 7.27 14.94 -23.69
C SER J 29 6.93 13.71 -22.89
N ASN J 30 7.95 12.92 -22.53
CA ASN J 30 7.70 11.68 -21.82
C ASN J 30 7.12 11.95 -20.45
N ILE J 31 7.61 12.99 -19.75
CA ILE J 31 7.00 13.32 -18.46
C ILE J 31 5.54 13.64 -18.66
N GLU J 32 5.26 14.48 -19.64
CA GLU J 32 3.91 14.98 -19.85
C GLU J 32 2.94 13.83 -20.09
N GLN J 33 3.23 13.00 -21.08
CA GLN J 33 2.37 11.87 -21.36
C GLN J 33 2.15 10.99 -20.13
N LEU J 34 3.20 10.71 -19.35
CA LEU J 34 3.02 9.85 -18.18
C LEU J 34 2.04 10.48 -17.19
N THR J 35 2.15 11.79 -16.97
CA THR J 35 1.15 12.47 -16.14
C THR J 35 -0.27 12.27 -16.69
N ARG J 36 -0.44 12.41 -18.02
CA ARG J 36 -1.75 12.17 -18.60
C ARG J 36 -2.24 10.75 -18.28
N LEU J 37 -1.37 9.75 -18.46
CA LEU J 37 -1.70 8.39 -18.08
C LEU J 37 -2.12 8.34 -16.61
N GLN J 38 -1.32 8.92 -15.73
CA GLN J 38 -1.69 8.87 -14.34
C GLN J 38 -2.99 9.59 -14.11
N LEU J 39 -3.23 10.67 -14.87
CA LEU J 39 -4.48 11.38 -14.70
C LEU J 39 -5.66 10.49 -15.05
N ALA J 40 -5.60 9.83 -16.21
CA ALA J 40 -6.72 9.00 -16.64
C ALA J 40 -7.06 7.96 -15.57
N SER J 41 -6.06 7.18 -15.16
CA SER J 41 -6.27 6.23 -14.08
C SER J 41 -6.82 6.92 -12.86
N ALA J 42 -6.16 8.00 -12.43
CA ALA J 42 -6.53 8.56 -11.16
C ALA J 42 -8.01 8.86 -11.11
N ASN J 43 -8.64 9.08 -12.27
CA ASN J 43 -10.05 9.43 -12.16
C ASN J 43 -10.99 8.37 -12.69
N ALA J 44 -10.50 7.38 -13.45
CA ALA J 44 -11.32 6.18 -13.67
C ALA J 44 -11.60 5.47 -12.34
N TYR J 45 -10.55 5.30 -11.53
CA TYR J 45 -10.72 4.91 -10.13
C TYR J 45 -11.78 5.75 -9.45
N ALA J 46 -11.79 7.06 -9.73
CA ALA J 46 -12.80 7.94 -9.14
C ALA J 46 -14.20 7.52 -9.56
N GLU J 47 -14.43 7.25 -10.84
CA GLU J 47 -15.74 6.76 -11.25
C GLU J 47 -16.12 5.47 -10.53
N LEU J 48 -15.16 4.58 -10.30
CA LEU J 48 -15.53 3.36 -9.59
C LEU J 48 -15.94 3.70 -8.16
N GLY J 49 -15.26 4.66 -7.53
CA GLY J 49 -15.73 5.14 -6.24
C GLY J 49 -17.12 5.77 -6.28
N LEU J 50 -17.48 6.40 -7.41
CA LEU J 50 -18.82 6.96 -7.57
C LEU J 50 -19.88 5.89 -7.80
N ASN J 51 -19.56 4.87 -8.60
CA ASN J 51 -20.51 3.79 -8.77
C ASN J 51 -20.37 2.73 -7.65
N THR J 62 -16.52 -6.11 -10.57
CA THR J 62 -15.21 -6.73 -10.59
C THR J 62 -14.73 -7.03 -12.00
N GLN J 63 -15.68 -7.18 -12.92
CA GLN J 63 -15.36 -7.26 -14.34
C GLN J 63 -14.65 -6.00 -14.82
N SER J 64 -15.19 -4.84 -14.42
CA SER J 64 -14.63 -3.57 -14.80
C SER J 64 -13.22 -3.41 -14.27
N LEU J 65 -12.91 -4.05 -13.14
CA LEU J 65 -11.58 -3.95 -12.58
C LEU J 65 -10.53 -4.60 -13.48
N ALA J 66 -10.73 -5.86 -13.85
CA ALA J 66 -9.79 -6.53 -14.77
C ALA J 66 -9.73 -5.82 -16.13
N ALA J 67 -10.88 -5.40 -16.65
CA ALA J 67 -10.86 -4.67 -17.92
C ALA J 67 -10.02 -3.40 -17.82
N LEU J 68 -10.21 -2.64 -16.73
CA LEU J 68 -9.46 -1.41 -16.53
C LEU J 68 -7.97 -1.68 -16.45
N GLY J 69 -7.57 -2.67 -15.63
CA GLY J 69 -6.17 -3.03 -15.55
C GLY J 69 -5.57 -3.35 -16.90
N THR J 70 -6.27 -4.16 -17.69
CA THR J 70 -5.76 -4.52 -19.01
C THR J 70 -5.61 -3.30 -19.92
N VAL J 71 -6.58 -2.39 -19.90
CA VAL J 71 -6.53 -1.28 -20.85
C VAL J 71 -5.44 -0.29 -20.45
N GLN J 72 -5.32 0.04 -19.15
CA GLN J 72 -4.19 0.82 -18.66
C GLN J 72 -2.87 0.23 -19.12
N LEU J 73 -2.73 -1.09 -18.96
CA LEU J 73 -1.51 -1.73 -19.39
C LEU J 73 -1.30 -1.60 -20.90
N GLU J 74 -2.37 -1.65 -21.69
CA GLU J 74 -2.19 -1.53 -23.13
C GLU J 74 -1.82 -0.11 -23.54
N THR J 75 -2.54 0.90 -23.05
CA THR J 75 -2.18 2.29 -23.32
C THR J 75 -0.70 2.53 -23.00
N ALA J 76 -0.28 2.13 -21.80
CA ALA J 76 1.11 2.28 -21.38
C ALA J 76 2.07 1.54 -22.32
N SER J 77 1.71 0.32 -22.72
CA SER J 77 2.55 -0.43 -23.67
C SER J 77 2.74 0.35 -24.98
N GLN J 78 1.64 0.93 -25.51
CA GLN J 78 1.72 1.72 -26.73
C GLN J 78 2.64 2.92 -26.54
N LEU J 79 2.45 3.67 -25.45
CA LEU J 79 3.34 4.78 -25.16
C LEU J 79 4.80 4.35 -25.10
N SER J 80 5.09 3.19 -24.49
CA SER J 80 6.47 2.70 -24.42
C SER J 80 7.00 2.35 -25.81
N ARG J 81 6.17 1.77 -26.67
CA ARG J 81 6.58 1.54 -28.05
C ARG J 81 7.00 2.86 -28.71
N GLN J 82 6.15 3.89 -28.58
CA GLN J 82 6.43 5.17 -29.24
C GLN J 82 7.67 5.82 -28.67
N MET J 83 7.79 5.84 -27.35
CA MET J 83 8.95 6.43 -26.68
C MET J 83 10.22 5.72 -27.07
N LEU J 84 10.19 4.39 -27.19
CA LEU J 84 11.41 3.71 -27.60
C LEU J 84 11.74 3.97 -29.06
N ASP J 85 10.73 4.09 -29.93
CA ASP J 85 11.03 4.42 -31.33
C ASP J 85 11.71 5.78 -31.44
N ASP J 86 11.13 6.81 -30.80
CA ASP J 86 11.74 8.14 -30.85
C ASP J 86 13.10 8.17 -30.16
N ILE J 87 13.27 7.41 -29.08
CA ILE J 87 14.56 7.37 -28.38
C ILE J 87 15.62 6.73 -29.27
N GLN J 88 15.28 5.62 -29.92
CA GLN J 88 16.21 4.99 -30.85
C GLN J 88 16.62 5.97 -31.94
N LYS J 89 15.65 6.71 -32.51
CA LYS J 89 16.00 7.68 -33.54
C LYS J 89 16.98 8.72 -33.01
N LEU J 90 16.70 9.29 -31.84
CA LEU J 90 17.60 10.29 -31.27
C LEU J 90 18.99 9.72 -30.98
N SER J 91 19.08 8.50 -30.45
CA SER J 91 20.39 7.94 -30.17
C SER J 91 21.17 7.69 -31.45
N ALA J 92 20.46 7.35 -32.53
CA ALA J 92 21.10 7.29 -33.84
C ALA J 92 21.69 8.64 -34.23
N LEU J 93 20.90 9.70 -34.08
CA LEU J 93 21.34 11.04 -34.45
C LEU J 93 22.61 11.44 -33.68
N GLY J 94 22.54 11.40 -32.36
CA GLY J 94 23.69 11.74 -31.55
C GLY J 94 24.90 10.85 -31.79
N GLN J 95 24.69 9.56 -32.08
CA GLN J 95 25.81 8.69 -32.41
C GLN J 95 26.50 9.15 -33.71
N GLN J 96 25.72 9.48 -34.75
CA GLN J 96 26.29 10.04 -35.98
C GLN J 96 27.11 11.28 -35.67
N PHE J 97 26.55 12.16 -34.84
CA PHE J 97 27.24 13.40 -34.46
C PHE J 97 28.57 13.10 -33.77
N LYS J 98 28.59 12.06 -32.94
CA LYS J 98 29.83 11.61 -32.31
C LYS J 98 30.84 11.13 -33.34
N GLU J 99 30.39 10.40 -34.35
CA GLU J 99 31.30 9.94 -35.41
C GLU J 99 31.95 11.11 -36.12
N GLU J 100 31.13 12.07 -36.57
CA GLU J 100 31.68 13.23 -37.28
C GLU J 100 32.61 14.05 -36.40
N LEU J 101 32.32 14.17 -35.10
CA LEU J 101 33.20 14.96 -34.24
C LEU J 101 34.51 14.25 -33.93
N ASP J 102 34.49 12.91 -33.83
CA ASP J 102 35.77 12.19 -33.74
C ASP J 102 36.59 12.41 -35.00
N VAL J 103 35.93 12.52 -36.16
CA VAL J 103 36.66 12.88 -37.38
C VAL J 103 37.25 14.28 -37.27
N LEU J 104 36.52 15.22 -36.65
CA LEU J 104 37.00 16.60 -36.58
C LEU J 104 38.16 16.77 -35.60
N THR J 105 38.08 16.13 -34.42
CA THR J 105 39.10 16.34 -33.39
C THR J 105 40.36 15.49 -33.60
N ALA J 106 40.29 14.46 -34.45
CA ALA J 106 41.45 13.61 -34.73
C ALA J 106 42.35 14.25 -35.77
N ALA K 17 27.19 27.35 -10.10
CA ALA K 17 26.00 26.76 -9.49
C ALA K 17 25.03 27.89 -9.16
N ALA K 18 24.74 28.07 -7.85
CA ALA K 18 24.18 29.31 -7.31
C ALA K 18 22.65 29.38 -7.45
N PRO K 19 22.01 30.56 -7.38
CA PRO K 19 20.56 30.62 -7.60
C PRO K 19 20.04 30.08 -8.94
N LEU K 20 20.85 30.06 -9.99
CA LEU K 20 20.41 29.43 -11.23
C LEU K 20 19.94 28.00 -10.99
N THR K 21 20.89 27.14 -10.59
CA THR K 21 20.52 25.79 -10.19
C THR K 21 19.42 25.83 -9.15
N ARG K 22 19.52 26.72 -8.14
CA ARG K 22 18.51 26.73 -7.07
C ARG K 22 17.08 26.80 -7.62
N TYR K 23 16.85 27.56 -8.69
CA TYR K 23 15.53 27.61 -9.30
C TYR K 23 15.19 26.31 -10.02
N ASN K 24 16.10 25.83 -10.86
CA ASN K 24 15.82 24.54 -11.50
C ASN K 24 15.53 23.43 -10.47
N GLN K 25 16.20 23.49 -9.33
CA GLN K 25 15.96 22.62 -8.18
C GLN K 25 14.52 22.75 -7.70
N LEU K 26 14.11 23.99 -7.40
CA LEU K 26 12.75 24.26 -6.94
C LEU K 26 11.71 23.65 -7.87
N LEU K 27 11.89 23.84 -9.17
CA LEU K 27 11.00 23.20 -10.14
C LEU K 27 10.99 21.70 -9.95
N ALA K 28 12.16 21.08 -10.03
CA ALA K 28 12.19 19.62 -10.05
C ALA K 28 11.55 19.05 -8.77
N SER K 29 11.88 19.63 -7.61
CA SER K 29 11.23 19.30 -6.36
C SER K 29 9.72 19.38 -6.45
N ASN K 30 9.21 20.50 -6.96
CA ASN K 30 7.77 20.68 -7.03
C ASN K 30 7.15 19.66 -7.95
N ILE K 31 7.82 19.33 -9.05
CA ILE K 31 7.30 18.24 -9.87
C ILE K 31 7.19 16.97 -9.04
N GLU K 32 8.24 16.64 -8.28
CA GLU K 32 8.24 15.40 -7.52
C GLU K 32 7.13 15.37 -6.48
N GLN K 33 7.07 16.38 -5.60
CA GLN K 33 6.01 16.45 -4.60
C GLN K 33 4.63 16.29 -5.24
N LEU K 34 4.37 16.98 -6.37
CA LEU K 34 3.07 16.83 -7.03
C LEU K 34 2.85 15.41 -7.57
N THR K 35 3.87 14.79 -8.17
CA THR K 35 3.75 13.40 -8.59
C THR K 35 3.37 12.47 -7.45
N ARG K 36 4.01 12.63 -6.29
CA ARG K 36 3.60 11.89 -5.11
C ARG K 36 2.13 12.13 -4.79
N LEU K 37 1.69 13.40 -4.72
CA LEU K 37 0.27 13.71 -4.46
C LEU K 37 -0.67 13.02 -5.45
N GLN K 38 -0.33 13.07 -6.72
CA GLN K 38 -1.17 12.43 -7.71
C GLN K 38 -1.26 10.94 -7.44
N LEU K 39 -0.14 10.33 -7.05
CA LEU K 39 -0.11 8.90 -6.73
C LEU K 39 -0.97 8.57 -5.52
N ALA K 40 -0.81 9.35 -4.45
CA ALA K 40 -1.59 9.17 -3.24
C ALA K 40 -3.08 9.19 -3.53
N SER K 41 -3.55 10.21 -4.25
CA SER K 41 -4.93 10.22 -4.67
C SER K 41 -5.28 8.99 -5.50
N ALA K 42 -4.49 8.68 -6.54
CA ALA K 42 -4.87 7.55 -7.38
C ALA K 42 -5.08 6.31 -6.52
N ASN K 43 -4.25 6.15 -5.50
CA ASN K 43 -4.35 4.99 -4.63
C ASN K 43 -5.57 5.08 -3.72
N ALA K 44 -5.81 6.23 -3.08
CA ALA K 44 -7.01 6.36 -2.27
C ALA K 44 -8.29 6.20 -3.09
N TYR K 45 -8.26 6.45 -4.39
CA TYR K 45 -9.48 6.14 -5.14
C TYR K 45 -9.54 4.64 -5.41
N ALA K 46 -8.39 4.00 -5.66
CA ALA K 46 -8.39 2.56 -5.91
C ALA K 46 -8.89 1.78 -4.67
N GLU K 47 -8.29 2.02 -3.50
CA GLU K 47 -8.98 1.65 -2.28
C GLU K 47 -10.25 2.46 -2.24
N LEU K 48 -11.20 2.05 -1.40
CA LEU K 48 -12.53 2.67 -1.40
C LEU K 48 -13.24 2.37 -2.72
N GLY K 49 -12.52 2.47 -3.85
CA GLY K 49 -13.04 1.94 -5.11
C GLY K 49 -13.24 0.43 -5.11
N LEU K 50 -12.39 -0.32 -4.38
CA LEU K 50 -12.63 -1.75 -4.16
C LEU K 50 -13.68 -1.98 -3.06
N GLN K 60 -21.71 5.11 6.15
CA GLN K 60 -20.70 6.09 6.51
C GLN K 60 -19.58 6.18 5.49
N ASP K 61 -19.94 6.19 4.20
CA ASP K 61 -18.91 6.23 3.15
C ASP K 61 -18.93 7.49 2.29
N THR K 62 -20.04 8.21 2.18
CA THR K 62 -19.95 9.57 1.65
C THR K 62 -19.18 10.46 2.63
N GLN K 63 -19.19 10.11 3.92
CA GLN K 63 -18.28 10.76 4.86
C GLN K 63 -16.84 10.54 4.44
N SER K 64 -16.49 9.30 4.11
CA SER K 64 -15.11 9.04 3.71
C SER K 64 -14.76 9.68 2.36
N LEU K 65 -15.71 9.76 1.41
CA LEU K 65 -15.40 10.43 0.13
C LEU K 65 -15.21 11.93 0.31
N ALA K 66 -16.20 12.60 0.93
CA ALA K 66 -16.06 14.03 1.21
C ALA K 66 -14.81 14.32 2.05
N ALA K 67 -14.54 13.47 3.04
CA ALA K 67 -13.34 13.60 3.86
C ALA K 67 -12.06 13.50 3.02
N LEU K 68 -12.03 12.55 2.09
CA LEU K 68 -10.88 12.42 1.21
C LEU K 68 -10.68 13.68 0.37
N GLY K 69 -11.75 14.21 -0.22
CA GLY K 69 -11.63 15.47 -0.91
C GLY K 69 -11.12 16.57 -0.01
N THR K 70 -11.63 16.66 1.22
CA THR K 70 -11.15 17.69 2.13
C THR K 70 -9.68 17.52 2.42
N VAL K 71 -9.22 16.27 2.62
CA VAL K 71 -7.85 16.08 3.04
C VAL K 71 -6.88 16.31 1.88
N GLN K 72 -7.20 15.81 0.67
CA GLN K 72 -6.30 16.05 -0.45
C GLN K 72 -6.28 17.53 -0.87
N LEU K 73 -7.38 18.25 -0.68
CA LEU K 73 -7.30 19.70 -0.82
C LEU K 73 -6.43 20.32 0.26
N GLU K 74 -6.51 19.83 1.49
CA GLU K 74 -5.70 20.49 2.51
C GLU K 74 -4.21 20.24 2.26
N THR K 75 -3.86 19.03 1.83
CA THR K 75 -2.47 18.74 1.50
C THR K 75 -1.98 19.63 0.37
N ALA K 76 -2.69 19.64 -0.77
CA ALA K 76 -2.26 20.50 -1.87
C ALA K 76 -2.16 21.95 -1.43
N SER K 77 -3.11 22.43 -0.61
CA SER K 77 -3.03 23.80 -0.09
C SER K 77 -1.72 24.05 0.66
N GLN K 78 -1.36 23.15 1.56
CA GLN K 78 -0.13 23.33 2.32
C GLN K 78 1.07 23.33 1.37
N LEU K 79 1.10 22.38 0.43
CA LEU K 79 2.18 22.31 -0.56
C LEU K 79 2.31 23.60 -1.36
N SER K 80 1.18 24.18 -1.80
CA SER K 80 1.21 25.42 -2.57
C SER K 80 1.72 26.59 -1.73
N ARG K 81 1.30 26.66 -0.47
CA ARG K 81 1.84 27.66 0.43
C ARG K 81 3.36 27.53 0.50
N GLN K 82 3.85 26.30 0.59
CA GLN K 82 5.29 26.09 0.68
C GLN K 82 5.98 26.52 -0.59
N MET K 83 5.43 26.19 -1.77
CA MET K 83 6.06 26.60 -3.03
C MET K 83 6.14 28.12 -3.15
N LEU K 84 5.12 28.83 -2.68
CA LEU K 84 5.24 30.28 -2.77
C LEU K 84 6.29 30.79 -1.81
N ASP K 85 6.36 30.18 -0.63
CA ASP K 85 7.37 30.57 0.34
C ASP K 85 8.77 30.39 -0.24
N ASP K 86 9.05 29.22 -0.80
CA ASP K 86 10.35 28.97 -1.42
C ASP K 86 10.61 29.91 -2.61
N ILE K 87 9.58 30.32 -3.35
CA ILE K 87 9.77 31.25 -4.48
C ILE K 87 10.21 32.63 -4.00
N GLN K 88 9.51 33.16 -3.00
CA GLN K 88 9.87 34.43 -2.42
C GLN K 88 11.31 34.40 -1.91
N LYS K 89 11.69 33.32 -1.21
CA LYS K 89 13.07 33.17 -0.74
C LYS K 89 14.05 33.13 -1.91
N LEU K 90 13.71 32.44 -3.00
CA LEU K 90 14.59 32.34 -4.17
C LEU K 90 14.97 33.71 -4.70
N SER K 91 14.02 34.66 -4.65
CA SER K 91 14.31 36.01 -5.18
C SER K 91 15.50 36.70 -4.50
N ALA K 92 15.79 36.43 -3.22
CA ALA K 92 16.83 37.21 -2.53
C ALA K 92 18.24 36.72 -2.87
N LEU K 93 18.50 35.42 -2.63
CA LEU K 93 19.72 34.80 -3.16
C LEU K 93 19.92 35.19 -4.62
N GLY K 94 18.82 35.18 -5.39
CA GLY K 94 18.87 35.70 -6.72
C GLY K 94 19.30 37.16 -6.83
N GLN K 95 18.98 37.99 -5.83
CA GLN K 95 19.42 39.39 -5.90
C GLN K 95 20.93 39.51 -5.91
N GLN K 96 21.59 38.83 -4.96
CA GLN K 96 23.05 38.95 -4.93
C GLN K 96 23.69 38.46 -6.22
N PHE K 97 23.26 37.29 -6.71
CA PHE K 97 23.89 36.77 -7.93
C PHE K 97 23.59 37.64 -9.15
N LYS K 98 22.33 38.07 -9.33
CA LYS K 98 21.98 38.82 -10.53
C LYS K 98 22.71 40.16 -10.55
N GLU K 99 23.01 40.68 -9.39
CA GLU K 99 23.74 41.93 -9.35
C GLU K 99 25.24 41.75 -9.61
N GLU K 100 25.82 40.63 -9.16
CA GLU K 100 27.12 40.22 -9.70
C GLU K 100 27.08 40.20 -11.23
N LEU K 101 26.02 39.63 -11.78
CA LEU K 101 25.90 39.56 -13.24
C LEU K 101 25.73 40.94 -13.88
N ASP K 102 25.03 41.88 -13.20
CA ASP K 102 24.97 43.26 -13.69
C ASP K 102 26.39 43.81 -13.87
N VAL K 103 27.26 43.62 -12.86
CA VAL K 103 28.65 44.07 -13.01
C VAL K 103 29.26 43.48 -14.27
N LEU K 104 29.11 42.18 -14.45
CA LEU K 104 29.72 41.60 -15.64
C LEU K 104 29.21 42.26 -16.92
N THR K 105 27.94 42.68 -16.97
CA THR K 105 27.48 43.27 -18.23
C THR K 105 28.02 44.69 -18.41
N ALA K 106 28.05 45.50 -17.34
CA ALA K 106 28.55 46.87 -17.50
C ALA K 106 30.05 46.88 -17.79
N ASP K 107 30.81 46.07 -17.05
CA ASP K 107 32.21 45.83 -17.38
C ASP K 107 32.35 45.37 -18.82
N GLY K 108 31.41 44.57 -19.31
CA GLY K 108 31.40 44.20 -20.71
C GLY K 108 31.17 45.36 -21.66
N ILE K 109 30.44 46.39 -21.22
CA ILE K 109 30.19 47.54 -22.09
C ILE K 109 31.45 48.39 -22.21
N LYS K 110 32.10 48.72 -21.09
CA LYS K 110 33.41 49.36 -21.16
C LYS K 110 34.37 48.52 -22.00
N LYS K 111 34.50 47.24 -21.68
CA LYS K 111 35.35 46.34 -22.45
C LYS K 111 35.01 46.38 -23.94
N SER K 112 33.78 46.71 -24.30
CA SER K 112 33.39 46.63 -25.71
C SER K 112 33.51 47.94 -26.46
N THR K 113 33.38 49.07 -25.76
CA THR K 113 33.51 50.39 -26.34
C THR K 113 34.83 51.07 -25.97
N GLY K 114 35.82 50.29 -25.51
CA GLY K 114 37.14 50.83 -25.23
C GLY K 114 38.24 50.22 -26.09
N LYS K 115 38.21 48.90 -26.26
CA LYS K 115 39.20 48.19 -27.08
C LYS K 115 38.93 48.40 -28.58
N MET L 3 -6.93 -2.09 13.75
CA MET L 3 -8.01 -2.47 12.85
C MET L 3 -7.61 -2.15 11.43
N ASP L 4 -6.67 -1.20 11.31
CA ASP L 4 -6.04 -0.93 10.03
C ASP L 4 -5.25 -2.15 9.54
N VAL L 5 -4.58 -2.83 10.48
CA VAL L 5 -3.68 -3.91 10.09
C VAL L 5 -4.46 -5.15 9.64
N ILE L 6 -5.51 -5.53 10.39
CA ILE L 6 -6.33 -6.68 10.00
C ILE L 6 -6.88 -6.48 8.59
N LYS L 7 -7.53 -5.33 8.40
CA LYS L 7 -8.22 -5.08 7.14
C LYS L 7 -7.23 -4.96 6.00
N SER L 8 -6.09 -4.31 6.23
CA SER L 8 -5.10 -4.19 5.16
C SER L 8 -4.46 -5.54 4.82
N PHE L 9 -4.34 -6.44 5.80
CA PHE L 9 -3.87 -7.79 5.51
C PHE L 9 -4.88 -8.52 4.62
N THR L 10 -6.17 -8.43 4.96
CA THR L 10 -7.20 -9.09 4.14
C THR L 10 -7.32 -8.46 2.75
N GLU L 11 -7.12 -7.15 2.64
CA GLU L 11 -7.11 -6.48 1.33
C GLU L 11 -5.93 -6.96 0.50
N GLN L 12 -4.74 -7.00 1.11
CA GLN L 12 -3.57 -7.54 0.43
C GLN L 12 -3.78 -8.99 0.01
N MET L 13 -4.64 -9.71 0.73
CA MET L 13 -4.85 -11.10 0.39
C MET L 13 -5.86 -11.25 -0.74
N GLN L 14 -6.93 -10.44 -0.74
CA GLN L 14 -7.83 -10.43 -1.90
C GLN L 14 -7.07 -10.11 -3.18
N GLY L 15 -6.29 -9.03 -3.16
CA GLY L 15 -5.45 -8.69 -4.29
C GLY L 15 -6.13 -7.94 -5.42
N PHE L 16 -7.08 -7.07 -5.12
CA PHE L 16 -7.72 -6.26 -6.16
C PHE L 16 -7.03 -4.92 -6.34
N ALA L 17 -6.65 -4.27 -5.24
CA ALA L 17 -5.95 -2.98 -5.34
C ALA L 17 -4.48 -3.13 -5.64
N ALA L 18 -3.89 -4.32 -5.43
CA ALA L 18 -2.45 -4.48 -5.59
C ALA L 18 -1.99 -4.26 -7.03
N PRO L 19 -2.55 -4.93 -8.06
CA PRO L 19 -2.02 -4.71 -9.42
C PRO L 19 -2.23 -3.29 -9.95
N LEU L 20 -3.37 -2.70 -9.64
CA LEU L 20 -3.63 -1.34 -10.07
C LEU L 20 -2.69 -0.35 -9.38
N THR L 21 -2.57 -0.43 -8.06
CA THR L 21 -1.59 0.38 -7.34
C THR L 21 -0.18 0.17 -7.88
N ARG L 22 0.13 -1.06 -8.30
CA ARG L 22 1.43 -1.35 -8.89
C ARG L 22 1.65 -0.55 -10.17
N TYR L 23 0.60 -0.41 -10.98
CA TYR L 23 0.68 0.39 -12.21
C TYR L 23 0.86 1.88 -11.91
N ASN L 24 0.05 2.42 -11.00
CA ASN L 24 0.23 3.81 -10.58
C ASN L 24 1.62 4.03 -9.97
N GLN L 25 2.12 3.02 -9.25
CA GLN L 25 3.45 3.06 -8.66
C GLN L 25 4.48 3.25 -9.76
N LEU L 26 4.44 2.36 -10.76
CA LEU L 26 5.39 2.37 -11.87
C LEU L 26 5.39 3.73 -12.59
N LEU L 27 4.20 4.26 -12.89
CA LEU L 27 4.12 5.56 -13.56
C LEU L 27 4.79 6.64 -12.72
N ALA L 28 4.37 6.76 -11.46
CA ALA L 28 4.94 7.81 -10.63
C ALA L 28 6.46 7.70 -10.56
N SER L 29 6.97 6.48 -10.47
CA SER L 29 8.41 6.26 -10.44
C SER L 29 9.08 6.79 -11.70
N ASN L 30 8.51 6.51 -12.87
CA ASN L 30 9.12 7.00 -14.10
C ASN L 30 9.05 8.52 -14.23
N ILE L 31 7.96 9.13 -13.79
CA ILE L 31 7.91 10.59 -13.81
C ILE L 31 9.05 11.14 -12.97
N GLU L 32 9.22 10.60 -11.77
CA GLU L 32 10.30 11.04 -10.89
C GLU L 32 11.67 10.88 -11.53
N GLN L 33 11.94 9.71 -12.12
CA GLN L 33 13.26 9.47 -12.69
C GLN L 33 13.54 10.39 -13.87
N LEU L 34 12.54 10.58 -14.72
CA LEU L 34 12.67 11.54 -15.82
C LEU L 34 12.94 12.94 -15.29
N THR L 35 12.18 13.34 -14.28
CA THR L 35 12.36 14.64 -13.66
C THR L 35 13.81 14.85 -13.20
N ARG L 36 14.36 13.84 -12.55
CA ARG L 36 15.74 13.95 -12.08
C ARG L 36 16.73 14.02 -13.23
N LEU L 37 16.49 13.26 -14.28
CA LEU L 37 17.34 13.33 -15.45
C LEU L 37 17.33 14.74 -16.05
N GLN L 38 16.14 15.33 -16.15
CA GLN L 38 15.99 16.67 -16.67
C GLN L 38 16.71 17.69 -15.80
N LEU L 39 16.55 17.58 -14.48
CA LEU L 39 17.26 18.49 -13.59
C LEU L 39 18.76 18.36 -13.78
N ALA L 40 19.26 17.14 -13.99
CA ALA L 40 20.68 16.93 -14.21
C ALA L 40 21.15 17.67 -15.44
N SER L 41 20.44 17.46 -16.54
CA SER L 41 20.80 18.12 -17.79
C SER L 41 20.81 19.63 -17.60
N ALA L 42 19.75 20.19 -17.02
CA ALA L 42 19.69 21.65 -16.83
C ALA L 42 20.87 22.15 -16.02
N ASN L 43 21.21 21.45 -14.93
CA ASN L 43 22.33 21.88 -14.10
C ASN L 43 23.64 21.87 -14.90
N ALA L 44 23.78 20.90 -15.80
CA ALA L 44 24.98 20.87 -16.65
C ALA L 44 25.05 22.09 -17.57
N TYR L 45 24.00 22.35 -18.35
CA TYR L 45 24.04 23.47 -19.29
C TYR L 45 24.33 24.78 -18.57
N ALA L 46 23.74 24.95 -17.38
CA ALA L 46 23.99 26.15 -16.57
C ALA L 46 25.44 26.23 -16.09
N GLU L 47 25.99 25.13 -15.58
CA GLU L 47 27.35 25.20 -15.08
C GLU L 47 28.33 25.49 -16.22
N LEU L 48 28.12 24.88 -17.39
CA LEU L 48 29.04 25.10 -18.50
C LEU L 48 28.97 26.56 -18.96
N GLY L 49 27.76 27.10 -19.07
CA GLY L 49 27.59 28.50 -19.39
C GLY L 49 28.26 29.42 -18.39
N LEU L 50 27.95 29.27 -17.10
CA LEU L 50 28.56 30.16 -16.11
C LEU L 50 30.07 30.02 -16.07
N ASN L 51 30.61 28.80 -16.19
CA ASN L 51 32.07 28.68 -16.15
C ASN L 51 32.70 29.41 -17.32
N GLN L 52 32.14 29.24 -18.51
CA GLN L 52 32.75 29.90 -19.66
C GLN L 52 32.60 31.41 -19.58
N LEU L 53 31.46 31.89 -19.06
CA LEU L 53 31.30 33.33 -18.77
C LEU L 53 32.36 33.84 -17.80
N GLN L 54 32.59 33.13 -16.69
CA GLN L 54 33.61 33.57 -15.74
C GLN L 54 34.97 33.63 -16.41
N ALA L 55 35.25 32.66 -17.26
CA ALA L 55 36.54 32.63 -17.94
C ALA L 55 36.67 33.84 -18.86
N VAL L 56 35.62 34.15 -19.62
CA VAL L 56 35.67 35.29 -20.53
C VAL L 56 35.80 36.59 -19.76
N SER L 57 35.20 36.68 -18.57
CA SER L 57 35.30 37.92 -17.82
C SER L 57 36.68 38.14 -17.24
N LYS L 58 37.36 37.06 -16.84
CA LYS L 58 38.69 37.25 -16.27
C LYS L 58 39.73 37.66 -17.30
N VAL L 59 39.51 37.42 -18.59
CA VAL L 59 40.52 37.47 -19.66
C VAL L 59 41.45 38.67 -19.47
N GLN L 60 41.18 39.78 -20.18
CA GLN L 60 42.10 40.91 -20.20
C GLN L 60 43.49 40.51 -20.71
N ASP L 61 44.08 41.34 -21.59
CA ASP L 61 45.38 41.07 -22.23
C ASP L 61 45.28 40.02 -23.33
N THR L 62 46.05 40.18 -24.40
CA THR L 62 45.99 39.24 -25.52
C THR L 62 46.64 37.90 -25.18
N GLN L 63 47.67 37.89 -24.33
CA GLN L 63 48.26 36.63 -23.87
C GLN L 63 47.26 35.75 -23.09
N SER L 64 46.01 36.18 -22.92
CA SER L 64 44.99 35.40 -22.23
C SER L 64 44.02 34.72 -23.20
N LEU L 65 44.38 34.62 -24.48
CA LEU L 65 43.69 33.80 -25.48
C LEU L 65 43.89 32.30 -25.26
N ALA L 66 44.81 31.91 -24.39
CA ALA L 66 44.94 30.49 -24.03
C ALA L 66 43.71 29.99 -23.28
N ALA L 67 43.22 30.78 -22.32
CA ALA L 67 42.04 30.38 -21.54
C ALA L 67 40.84 30.16 -22.45
N LEU L 68 40.68 31.00 -23.48
CA LEU L 68 39.58 30.83 -24.42
C LEU L 68 39.67 29.49 -25.14
N GLY L 69 40.83 29.16 -25.68
CA GLY L 69 40.95 27.91 -26.43
C GLY L 69 40.87 26.66 -25.57
N THR L 70 41.42 26.72 -24.36
CA THR L 70 41.42 25.54 -23.49
C THR L 70 40.06 25.29 -22.85
N VAL L 71 39.42 26.34 -22.32
CA VAL L 71 38.08 26.18 -21.76
C VAL L 71 37.07 25.94 -22.89
N GLN L 72 37.32 26.50 -24.07
CA GLN L 72 36.43 26.28 -25.21
C GLN L 72 36.45 24.82 -25.67
N LEU L 73 37.64 24.28 -25.97
CA LEU L 73 37.72 22.88 -26.38
C LEU L 73 37.28 21.95 -25.24
N GLU L 74 37.78 22.20 -24.03
CA GLU L 74 37.38 21.43 -22.86
C GLU L 74 35.87 21.42 -22.72
N THR L 75 35.27 22.60 -22.87
CA THR L 75 33.83 22.75 -22.73
C THR L 75 33.10 21.98 -23.82
N ALA L 76 33.65 21.99 -25.05
CA ALA L 76 32.99 21.31 -26.17
C ALA L 76 32.99 19.80 -25.97
N SER L 77 34.14 19.22 -25.61
CA SER L 77 34.16 17.78 -25.38
C SER L 77 33.31 17.41 -24.18
N GLN L 78 33.32 18.23 -23.12
CA GLN L 78 32.47 17.96 -21.97
C GLN L 78 30.99 17.99 -22.34
N LEU L 79 30.61 18.86 -23.28
CA LEU L 79 29.23 18.87 -23.74
C LEU L 79 28.90 17.63 -24.55
N SER L 80 29.82 17.19 -25.38
CA SER L 80 29.53 15.99 -26.13
C SER L 80 29.31 14.87 -25.14
N ARG L 81 30.20 14.76 -24.16
CA ARG L 81 30.09 13.72 -23.13
C ARG L 81 28.73 13.80 -22.44
N GLN L 82 28.39 14.99 -21.95
CA GLN L 82 27.12 15.21 -21.27
C GLN L 82 25.94 14.70 -22.11
N MET L 83 25.84 15.16 -23.36
CA MET L 83 24.69 14.82 -24.21
C MET L 83 24.66 13.34 -24.58
N LEU L 84 25.82 12.75 -24.91
CA LEU L 84 25.82 11.33 -25.23
C LEU L 84 25.40 10.48 -24.04
N ASP L 85 25.97 10.74 -22.86
CA ASP L 85 25.63 9.97 -21.68
C ASP L 85 24.17 10.15 -21.28
N ASP L 86 23.64 11.37 -21.41
CA ASP L 86 22.23 11.62 -21.13
C ASP L 86 21.32 10.84 -22.09
N ILE L 87 21.65 10.84 -23.39
CA ILE L 87 20.84 10.03 -24.31
C ILE L 87 20.91 8.55 -23.93
N GLN L 88 22.09 8.07 -23.51
CA GLN L 88 22.20 6.69 -23.09
C GLN L 88 21.33 6.43 -21.87
N LYS L 89 21.32 7.35 -20.91
CA LYS L 89 20.46 7.18 -19.74
C LYS L 89 18.99 7.09 -20.14
N LEU L 90 18.53 8.03 -20.96
CA LEU L 90 17.13 8.04 -21.37
C LEU L 90 16.77 6.75 -22.11
N SER L 91 17.68 6.28 -22.97
CA SER L 91 17.43 5.01 -23.66
C SER L 91 17.21 3.90 -22.66
N ALA L 92 18.06 3.84 -21.65
CA ALA L 92 17.93 2.81 -20.61
C ALA L 92 16.62 2.94 -19.84
N LEU L 93 16.31 4.15 -19.40
CA LEU L 93 15.10 4.42 -18.62
C LEU L 93 13.84 3.98 -19.36
N GLY L 94 13.78 4.26 -20.66
CA GLY L 94 12.64 3.82 -21.44
C GLY L 94 12.62 2.32 -21.59
N GLN L 95 13.78 1.72 -21.84
CA GLN L 95 13.86 0.27 -21.99
C GLN L 95 13.34 -0.45 -20.75
N GLN L 96 13.76 0.04 -19.59
CA GLN L 96 13.38 -0.58 -18.32
C GLN L 96 11.89 -0.40 -18.07
N PHE L 97 11.33 0.75 -18.44
CA PHE L 97 9.89 0.95 -18.34
C PHE L 97 9.13 -0.05 -19.20
N LYS L 98 9.65 -0.35 -20.40
CA LYS L 98 9.04 -1.37 -21.24
C LYS L 98 9.03 -2.69 -20.51
N GLU L 99 10.17 -3.02 -19.91
CA GLU L 99 10.32 -4.28 -19.19
C GLU L 99 9.34 -4.40 -18.03
N GLU L 100 9.28 -3.38 -17.17
CA GLU L 100 8.39 -3.50 -16.03
C GLU L 100 6.94 -3.63 -16.49
N LEU L 101 6.58 -2.93 -17.59
CA LEU L 101 5.24 -3.08 -18.16
C LEU L 101 4.96 -4.50 -18.63
N ASP L 102 5.95 -5.14 -19.27
CA ASP L 102 5.73 -6.52 -19.70
C ASP L 102 5.58 -7.47 -18.51
N VAL L 103 6.31 -7.21 -17.42
CA VAL L 103 6.13 -7.99 -16.20
C VAL L 103 4.72 -7.80 -15.66
N LEU L 104 4.23 -6.56 -15.66
CA LEU L 104 2.90 -6.26 -15.12
C LEU L 104 1.75 -6.88 -15.94
N THR L 105 1.84 -6.88 -17.27
CA THR L 105 0.79 -7.59 -18.01
C THR L 105 0.90 -9.09 -17.80
N ALA L 106 2.13 -9.61 -17.82
CA ALA L 106 2.29 -11.06 -17.64
C ALA L 106 1.60 -11.51 -16.36
N ASP L 107 1.90 -10.84 -15.24
CA ASP L 107 1.25 -11.22 -13.99
C ASP L 107 -0.25 -10.91 -13.99
N GLY L 108 -0.67 -9.86 -14.70
CA GLY L 108 -2.08 -9.54 -14.76
C GLY L 108 -2.93 -10.62 -15.41
N ILE L 109 -2.35 -11.35 -16.38
CA ILE L 109 -3.10 -12.42 -17.05
C ILE L 109 -3.50 -13.51 -16.06
N LYS L 110 -2.53 -14.05 -15.32
CA LYS L 110 -2.74 -15.18 -14.42
C LYS L 110 -3.76 -14.88 -13.29
N MET M 3 -18.19 -0.80 -17.34
CA MET M 3 -17.78 -0.80 -18.73
C MET M 3 -17.74 0.64 -19.23
N ASP M 4 -18.51 1.48 -18.53
CA ASP M 4 -18.47 2.94 -18.73
C ASP M 4 -17.08 3.49 -18.38
N VAL M 5 -16.42 2.89 -17.40
CA VAL M 5 -15.16 3.42 -16.90
C VAL M 5 -14.08 3.33 -17.97
N ILE M 6 -14.01 2.21 -18.70
CA ILE M 6 -13.07 2.14 -19.83
C ILE M 6 -13.35 3.26 -20.81
N LYS M 7 -14.61 3.50 -21.12
CA LYS M 7 -14.90 4.49 -22.16
C LYS M 7 -14.41 5.86 -21.71
N SER M 8 -14.67 6.25 -20.47
CA SER M 8 -14.18 7.55 -20.03
C SER M 8 -12.66 7.58 -19.93
N PHE M 9 -12.03 6.44 -19.62
CA PHE M 9 -10.57 6.36 -19.63
C PHE M 9 -10.02 6.66 -21.02
N THR M 10 -10.61 6.03 -22.05
CA THR M 10 -10.16 6.23 -23.41
C THR M 10 -10.50 7.63 -23.92
N GLU M 11 -11.63 8.20 -23.49
CA GLU M 11 -11.91 9.56 -23.87
C GLU M 11 -10.88 10.50 -23.26
N GLN M 12 -10.57 10.31 -21.98
CA GLN M 12 -9.53 11.09 -21.32
C GLN M 12 -8.20 10.91 -22.02
N MET M 13 -8.00 9.77 -22.67
CA MET M 13 -6.72 9.55 -23.33
C MET M 13 -6.70 10.21 -24.70
N GLN M 14 -7.81 10.11 -25.43
CA GLN M 14 -7.99 10.80 -26.71
C GLN M 14 -7.78 12.30 -26.58
N GLY M 15 -8.37 12.90 -25.55
CA GLY M 15 -8.13 14.28 -25.24
C GLY M 15 -8.90 15.23 -26.13
N PHE M 16 -10.07 14.82 -26.60
CA PHE M 16 -10.91 15.69 -27.41
C PHE M 16 -11.94 16.41 -26.58
N ALA M 17 -12.59 15.74 -25.64
CA ALA M 17 -13.59 16.43 -24.83
C ALA M 17 -12.96 17.25 -23.75
N ALA M 18 -11.72 16.92 -23.41
CA ALA M 18 -11.06 17.53 -22.26
C ALA M 18 -10.88 19.03 -22.41
N PRO M 19 -10.31 19.56 -23.50
CA PRO M 19 -10.14 21.01 -23.59
C PRO M 19 -11.46 21.76 -23.65
N LEU M 20 -12.44 21.23 -24.40
CA LEU M 20 -13.74 21.88 -24.49
C LEU M 20 -14.45 21.94 -23.14
N THR M 21 -14.52 20.80 -22.45
CA THR M 21 -15.09 20.75 -21.12
C THR M 21 -14.32 21.63 -20.13
N ARG M 22 -12.98 21.67 -20.22
CA ARG M 22 -12.21 22.59 -19.38
C ARG M 22 -12.60 24.05 -19.60
N TYR M 23 -12.80 24.45 -20.87
CA TYR M 23 -13.20 25.82 -21.19
C TYR M 23 -14.58 26.13 -20.62
N ASN M 24 -15.57 25.25 -20.89
CA ASN M 24 -16.90 25.39 -20.31
C ASN M 24 -16.86 25.56 -18.80
N GLN M 25 -16.29 24.59 -18.11
CA GLN M 25 -15.96 24.75 -16.70
C GLN M 25 -15.48 26.16 -16.37
N LEU M 26 -14.49 26.67 -17.10
CA LEU M 26 -13.87 27.95 -16.75
C LEU M 26 -14.86 29.11 -16.83
N LEU M 27 -15.69 29.13 -17.87
CA LEU M 27 -16.74 30.15 -17.99
C LEU M 27 -17.68 30.10 -16.80
N ALA M 28 -18.23 28.90 -16.54
CA ALA M 28 -19.19 28.73 -15.46
C ALA M 28 -18.60 29.08 -14.10
N SER M 29 -17.36 28.67 -13.86
CA SER M 29 -16.71 28.99 -12.60
C SER M 29 -16.59 30.50 -12.41
N ASN M 30 -16.16 31.21 -13.46
CA ASN M 30 -15.98 32.65 -13.27
C ASN M 30 -17.32 33.38 -13.12
N ILE M 31 -18.38 32.90 -13.79
CA ILE M 31 -19.72 33.44 -13.55
C ILE M 31 -20.10 33.31 -12.08
N GLU M 32 -19.92 32.10 -11.53
CA GLU M 32 -20.19 31.84 -10.13
C GLU M 32 -19.39 32.74 -9.19
N GLN M 33 -18.08 32.87 -9.42
CA GLN M 33 -17.28 33.65 -8.49
C GLN M 33 -17.68 35.11 -8.52
N LEU M 34 -17.90 35.66 -9.73
CA LEU M 34 -18.39 37.03 -9.83
C LEU M 34 -19.71 37.19 -9.09
N THR M 35 -20.64 36.24 -9.28
CA THR M 35 -21.91 36.34 -8.58
C THR M 35 -21.68 36.42 -7.07
N ARG M 36 -20.83 35.54 -6.53
CA ARG M 36 -20.60 35.52 -5.09
C ARG M 36 -19.99 36.84 -4.62
N LEU M 37 -19.06 37.40 -5.41
CA LEU M 37 -18.49 38.70 -5.10
C LEU M 37 -19.55 39.79 -5.06
N GLN M 38 -20.49 39.78 -6.02
CA GLN M 38 -21.58 40.75 -6.00
C GLN M 38 -22.39 40.61 -4.72
N LEU M 39 -22.71 39.37 -4.35
CA LEU M 39 -23.42 39.10 -3.10
C LEU M 39 -22.69 39.68 -1.90
N ALA M 40 -21.37 39.48 -1.85
CA ALA M 40 -20.61 40.01 -0.73
C ALA M 40 -20.71 41.53 -0.68
N SER M 41 -20.56 42.19 -1.84
CA SER M 41 -20.72 43.64 -1.88
C SER M 41 -22.09 44.06 -1.39
N ALA M 42 -23.14 43.38 -1.88
CA ALA M 42 -24.50 43.75 -1.49
C ALA M 42 -24.69 43.66 0.02
N ASN M 43 -24.28 42.54 0.62
CA ASN M 43 -24.41 42.41 2.07
C ASN M 43 -23.52 43.41 2.81
N ALA M 44 -22.37 43.77 2.24
CA ALA M 44 -21.51 44.76 2.88
C ALA M 44 -22.19 46.11 2.94
N TYR M 45 -22.63 46.62 1.78
CA TYR M 45 -23.33 47.90 1.72
C TYR M 45 -24.58 47.88 2.59
N ALA M 46 -25.30 46.76 2.59
CA ALA M 46 -26.48 46.64 3.43
C ALA M 46 -26.12 46.74 4.91
N GLU M 47 -25.06 46.04 5.34
CA GLU M 47 -24.71 46.12 6.76
C GLU M 47 -24.16 47.49 7.13
N LEU M 48 -23.61 48.25 6.17
CA LEU M 48 -23.23 49.63 6.47
C LEU M 48 -24.46 50.52 6.58
N GLY M 49 -25.46 50.32 5.72
CA GLY M 49 -26.68 51.10 5.83
C GLY M 49 -27.48 50.78 7.09
N LEU M 50 -27.51 49.51 7.50
CA LEU M 50 -28.29 49.12 8.66
C LEU M 50 -27.53 49.31 9.97
N ASN M 51 -26.21 49.15 9.96
CA ASN M 51 -25.43 49.50 11.15
C ASN M 51 -25.40 51.02 11.34
N GLN M 52 -25.49 51.78 10.25
CA GLN M 52 -25.57 53.24 10.35
C GLN M 52 -26.98 53.71 10.70
N LEU M 53 -28.00 52.94 10.30
CA LEU M 53 -29.37 53.24 10.69
C LEU M 53 -29.60 52.94 12.16
N GLN M 54 -29.22 51.73 12.58
CA GLN M 54 -29.27 51.37 14.00
C GLN M 54 -28.42 52.34 14.81
N ALA M 55 -27.30 52.78 14.24
CA ALA M 55 -26.42 53.72 14.93
C ALA M 55 -27.08 55.10 15.08
N VAL M 56 -27.73 55.60 14.02
CA VAL M 56 -28.42 56.89 14.14
C VAL M 56 -29.57 56.78 15.14
N SER M 57 -30.15 55.58 15.28
CA SER M 57 -31.21 55.38 16.28
C SER M 57 -30.65 55.33 17.70
N LYS M 58 -29.44 54.77 17.87
CA LYS M 58 -28.79 54.73 19.18
C LYS M 58 -28.26 56.11 19.60
N VAL M 59 -27.89 56.95 18.62
CA VAL M 59 -27.43 58.32 18.91
C VAL M 59 -28.60 59.29 19.03
N GLN M 60 -29.76 58.97 18.47
CA GLN M 60 -30.93 59.84 18.57
C GLN M 60 -31.48 59.92 19.98
N ASP M 61 -31.20 58.92 20.81
CA ASP M 61 -31.68 58.92 22.20
C ASP M 61 -30.77 59.72 23.13
N THR M 62 -29.51 59.93 22.75
CA THR M 62 -28.60 60.82 23.47
C THR M 62 -28.34 62.07 22.62
N GLN M 63 -27.72 63.07 23.24
CA GLN M 63 -27.39 64.31 22.54
C GLN M 63 -25.89 64.45 22.29
N SER M 64 -25.17 63.34 22.25
CA SER M 64 -23.71 63.35 22.14
C SER M 64 -23.29 63.46 20.68
N LEU M 65 -22.59 64.55 20.35
CA LEU M 65 -22.09 64.72 18.99
C LEU M 65 -20.88 63.83 18.70
N ALA M 66 -20.27 63.28 19.76
CA ALA M 66 -19.17 62.33 19.60
C ALA M 66 -19.65 61.04 18.94
N ALA M 67 -20.80 60.51 19.38
CA ALA M 67 -21.36 59.31 18.74
C ALA M 67 -21.70 59.59 17.27
N LEU M 68 -22.16 60.80 16.97
CA LEU M 68 -22.45 61.21 15.58
C LEU M 68 -21.18 61.18 14.73
N GLY M 69 -20.11 61.81 15.22
CA GLY M 69 -18.86 61.79 14.49
C GLY M 69 -18.27 60.40 14.37
N THR M 70 -18.54 59.54 15.36
CA THR M 70 -18.00 58.18 15.34
C THR M 70 -18.72 57.31 14.32
N VAL M 71 -20.05 57.42 14.22
CA VAL M 71 -20.73 56.66 13.18
C VAL M 71 -20.34 57.18 11.80
N GLN M 72 -20.15 58.49 11.68
CA GLN M 72 -19.69 59.04 10.41
C GLN M 72 -18.30 58.53 10.05
N LEU M 73 -17.38 58.59 11.01
CA LEU M 73 -16.01 58.12 10.80
C LEU M 73 -15.96 56.63 10.44
N GLU M 74 -16.59 55.80 11.28
CA GLU M 74 -16.56 54.36 11.07
C GLU M 74 -17.17 53.98 9.72
N THR M 75 -18.32 54.56 9.41
CA THR M 75 -18.98 54.19 8.17
C THR M 75 -18.16 54.66 6.96
N ALA M 76 -17.56 55.84 7.03
CA ALA M 76 -16.77 56.36 5.91
C ALA M 76 -15.49 55.55 5.72
N SER M 77 -14.73 55.32 6.79
CA SER M 77 -13.50 54.56 6.68
C SER M 77 -13.78 53.12 6.28
N GLN M 78 -14.84 52.53 6.83
CA GLN M 78 -15.24 51.19 6.45
C GLN M 78 -15.64 51.14 4.99
N LEU M 79 -16.22 52.23 4.49
CA LEU M 79 -16.51 52.32 3.06
C LEU M 79 -15.23 52.30 2.23
N SER M 80 -14.22 53.06 2.67
CA SER M 80 -12.92 53.02 2.00
C SER M 80 -12.36 51.60 1.97
N ARG M 81 -12.26 50.97 3.14
CA ARG M 81 -11.69 49.62 3.22
C ARG M 81 -12.46 48.63 2.37
N GLN M 82 -13.80 48.69 2.47
CA GLN M 82 -14.67 47.76 1.75
C GLN M 82 -14.52 47.92 0.24
N MET M 83 -14.53 49.17 -0.22
CA MET M 83 -14.36 49.43 -1.64
C MET M 83 -12.99 48.98 -2.14
N LEU M 84 -11.92 49.28 -1.39
CA LEU M 84 -10.58 48.91 -1.83
C LEU M 84 -10.40 47.39 -1.88
N ASP M 85 -10.91 46.70 -0.86
CA ASP M 85 -10.84 45.24 -0.85
C ASP M 85 -11.67 44.66 -2.00
N ASP M 86 -12.81 45.27 -2.32
CA ASP M 86 -13.60 44.81 -3.45
C ASP M 86 -12.79 44.90 -4.73
N ILE M 87 -12.16 46.06 -4.95
CA ILE M 87 -11.30 46.25 -6.12
C ILE M 87 -10.22 45.19 -6.16
N GLN M 88 -9.61 44.89 -5.01
CA GLN M 88 -8.57 43.88 -4.99
C GLN M 88 -9.12 42.50 -5.38
N LYS M 89 -10.25 42.09 -4.78
CA LYS M 89 -10.84 40.79 -5.09
C LYS M 89 -11.06 40.63 -6.59
N LEU M 90 -11.72 41.62 -7.20
CA LEU M 90 -11.97 41.54 -8.64
C LEU M 90 -10.65 41.47 -9.43
N SER M 91 -9.63 42.22 -9.02
CA SER M 91 -8.36 42.13 -9.73
C SER M 91 -7.78 40.72 -9.69
N ALA M 92 -7.80 40.07 -8.51
CA ALA M 92 -7.30 38.71 -8.42
C ALA M 92 -8.11 37.77 -9.29
N LEU M 93 -9.43 37.99 -9.33
CA LEU M 93 -10.31 37.20 -10.20
C LEU M 93 -9.93 37.34 -11.67
N GLY M 94 -9.68 38.57 -12.12
CA GLY M 94 -9.31 38.79 -13.50
C GLY M 94 -7.95 38.23 -13.85
N GLN M 95 -6.97 38.43 -12.96
CA GLN M 95 -5.67 37.78 -13.13
C GLN M 95 -5.84 36.28 -13.29
N GLN M 96 -6.64 35.68 -12.42
CA GLN M 96 -6.84 34.25 -12.46
C GLN M 96 -7.45 33.82 -13.79
N PHE M 97 -8.51 34.51 -14.21
CA PHE M 97 -9.19 34.19 -15.45
C PHE M 97 -8.23 34.28 -16.64
N LYS M 98 -7.35 35.28 -16.61
CA LYS M 98 -6.37 35.49 -17.67
C LYS M 98 -5.32 34.39 -17.68
N GLU M 99 -4.77 34.08 -16.50
CA GLU M 99 -3.75 33.03 -16.41
C GLU M 99 -4.31 31.70 -16.91
N GLU M 100 -5.49 31.32 -16.46
CA GLU M 100 -6.08 30.07 -16.92
C GLU M 100 -6.38 30.07 -18.41
N LEU M 101 -6.88 31.19 -18.93
CA LEU M 101 -7.08 31.27 -20.37
C LEU M 101 -5.78 31.08 -21.14
N ASP M 102 -4.69 31.69 -20.64
CA ASP M 102 -3.41 31.51 -21.32
C ASP M 102 -2.90 30.07 -21.20
N VAL M 103 -3.19 29.41 -20.07
CA VAL M 103 -2.80 28.02 -19.93
C VAL M 103 -3.54 27.14 -20.94
N LEU M 104 -4.86 27.36 -21.08
CA LEU M 104 -5.68 26.54 -21.98
C LEU M 104 -5.29 26.76 -23.43
N THR M 105 -4.96 28.02 -23.78
CA THR M 105 -4.48 28.35 -25.13
C THR M 105 -3.13 27.71 -25.42
N ALA M 106 -2.21 27.82 -24.46
CA ALA M 106 -0.89 27.21 -24.60
C ALA M 106 -1.00 25.70 -24.76
N ASP M 107 -1.76 25.06 -23.88
CA ASP M 107 -1.96 23.62 -23.88
C ASP M 107 -2.71 23.15 -25.11
N GLY M 108 -3.50 24.03 -25.73
CA GLY M 108 -4.14 23.68 -26.99
C GLY M 108 -3.14 23.24 -28.05
N ILE M 109 -2.02 23.95 -28.17
CA ILE M 109 -1.02 23.64 -29.21
C ILE M 109 -0.29 22.30 -29.02
N PHE N 9 -37.87 50.18 18.07
CA PHE N 9 -37.69 50.45 16.66
C PHE N 9 -36.44 49.76 16.12
N THR N 10 -35.40 49.71 16.96
CA THR N 10 -34.12 49.14 16.54
C THR N 10 -34.18 47.62 16.44
N GLU N 11 -34.93 46.98 17.35
CA GLU N 11 -35.05 45.53 17.32
C GLU N 11 -35.57 45.04 15.98
N GLN N 12 -36.50 45.82 15.38
CA GLN N 12 -37.06 45.43 14.09
C GLN N 12 -36.01 45.42 13.00
N MET N 13 -34.94 46.20 13.15
CA MET N 13 -33.86 46.16 12.17
C MET N 13 -33.08 44.85 12.22
N GLN N 14 -33.15 44.11 13.33
CA GLN N 14 -32.74 42.71 13.30
C GLN N 14 -33.53 41.94 12.25
N GLY N 15 -34.86 42.08 12.29
CA GLY N 15 -35.72 41.54 11.25
C GLY N 15 -35.49 42.17 9.88
N PHE N 16 -34.60 43.15 9.78
CA PHE N 16 -34.17 43.66 8.48
C PHE N 16 -32.97 42.90 7.95
N ALA N 17 -32.09 42.43 8.83
CA ALA N 17 -30.85 41.80 8.38
C ALA N 17 -31.12 40.42 7.77
N ALA N 18 -32.01 39.64 8.39
CA ALA N 18 -32.25 38.29 7.90
C ALA N 18 -32.84 38.29 6.49
N PRO N 19 -33.92 39.02 6.19
CA PRO N 19 -34.48 38.95 4.81
C PRO N 19 -33.52 39.44 3.74
N LEU N 20 -32.97 40.66 3.89
CA LEU N 20 -32.00 41.20 2.94
C LEU N 20 -30.97 40.17 2.51
N THR N 21 -30.16 39.68 3.46
CA THR N 21 -29.21 38.61 3.16
C THR N 21 -29.93 37.45 2.47
N ARG N 22 -30.98 36.93 3.12
CA ARG N 22 -31.76 35.82 2.55
C ARG N 22 -32.20 36.12 1.14
N TYR N 23 -32.60 37.37 0.87
CA TYR N 23 -32.96 37.74 -0.50
C TYR N 23 -31.73 37.66 -1.40
N ASN N 24 -30.70 38.44 -1.10
CA ASN N 24 -29.49 38.46 -1.93
C ASN N 24 -28.98 37.04 -2.16
N GLN N 25 -28.85 36.26 -1.08
CA GLN N 25 -28.44 34.87 -1.19
C GLN N 25 -29.19 34.14 -2.29
N LEU N 26 -30.52 34.09 -2.17
CA LEU N 26 -31.34 33.43 -3.19
C LEU N 26 -30.93 33.87 -4.59
N LEU N 27 -30.87 35.19 -4.83
CA LEU N 27 -30.41 35.70 -6.12
C LEU N 27 -29.14 34.98 -6.53
N ALA N 28 -28.08 35.18 -5.75
CA ALA N 28 -26.80 34.54 -6.05
C ALA N 28 -26.99 33.05 -6.21
N SER N 29 -27.67 32.43 -5.25
CA SER N 29 -27.97 31.01 -5.30
C SER N 29 -28.49 30.63 -6.68
N ASN N 30 -29.58 31.29 -7.11
CA ASN N 30 -30.23 30.89 -8.36
C ASN N 30 -29.30 31.08 -9.53
N ILE N 31 -28.54 32.17 -9.52
CA ILE N 31 -27.59 32.40 -10.62
C ILE N 31 -26.62 31.25 -10.71
N GLU N 32 -26.06 30.85 -9.55
CA GLU N 32 -25.11 29.74 -9.50
C GLU N 32 -25.75 28.51 -10.13
N GLN N 33 -26.95 28.16 -9.68
CA GLN N 33 -27.54 26.92 -10.16
C GLN N 33 -27.80 27.01 -11.66
N LEU N 34 -28.28 28.16 -12.12
CA LEU N 34 -28.55 28.32 -13.55
C LEU N 34 -27.27 28.17 -14.36
N THR N 35 -26.16 28.76 -13.89
CA THR N 35 -24.92 28.58 -14.63
C THR N 35 -24.53 27.12 -14.69
N ARG N 36 -24.66 26.42 -13.56
CA ARG N 36 -24.28 25.02 -13.53
C ARG N 36 -25.12 24.24 -14.52
N LEU N 37 -26.42 24.58 -14.61
CA LEU N 37 -27.28 23.87 -15.53
C LEU N 37 -26.77 24.05 -16.95
N GLN N 38 -26.36 25.28 -17.32
CA GLN N 38 -25.81 25.51 -18.64
C GLN N 38 -24.53 24.72 -18.84
N LEU N 39 -23.67 24.70 -17.84
CA LEU N 39 -22.45 23.89 -17.95
C LEU N 39 -22.79 22.42 -18.24
N ALA N 40 -23.76 21.83 -17.51
CA ALA N 40 -24.11 20.44 -17.80
C ALA N 40 -24.63 20.32 -19.22
N SER N 41 -25.54 21.21 -19.60
CA SER N 41 -26.03 21.21 -20.95
C SER N 41 -24.86 21.28 -21.93
N ALA N 42 -23.97 22.26 -21.71
CA ALA N 42 -22.92 22.46 -22.69
C ALA N 42 -22.16 21.18 -22.87
N ASN N 43 -21.83 20.51 -21.74
CA ASN N 43 -20.96 19.34 -21.79
C ASN N 43 -21.63 18.21 -22.53
N ALA N 44 -22.93 17.99 -22.25
CA ALA N 44 -23.63 16.93 -22.95
C ALA N 44 -23.55 17.12 -24.44
N TYR N 45 -23.81 18.35 -24.93
CA TYR N 45 -23.76 18.56 -26.37
C TYR N 45 -22.37 18.26 -26.88
N ALA N 46 -21.35 18.75 -26.15
CA ALA N 46 -19.97 18.49 -26.52
C ALA N 46 -19.72 17.00 -26.68
N GLU N 47 -20.22 16.20 -25.75
CA GLU N 47 -20.02 14.75 -25.82
C GLU N 47 -20.68 14.18 -27.07
N LEU N 48 -21.92 14.60 -27.33
CA LEU N 48 -22.56 14.26 -28.60
C LEU N 48 -21.76 14.78 -29.79
N GLY N 49 -21.21 16.00 -29.65
CA GLY N 49 -20.35 16.52 -30.69
C GLY N 49 -19.23 15.57 -31.05
N LEU N 50 -18.59 14.96 -30.03
CA LEU N 50 -17.46 14.10 -30.32
C LEU N 50 -17.89 12.91 -31.17
N ASN N 51 -19.19 12.66 -31.25
CA ASN N 51 -19.72 11.57 -32.06
C ASN N 51 -20.46 12.11 -33.30
N THR N 62 -30.17 8.91 -31.81
CA THR N 62 -31.06 10.06 -31.89
C THR N 62 -32.17 9.95 -30.84
N GLN N 63 -32.24 8.80 -30.17
CA GLN N 63 -33.08 8.69 -28.97
C GLN N 63 -32.45 9.45 -27.81
N SER N 64 -31.12 9.36 -27.68
CA SER N 64 -30.41 10.05 -26.61
C SER N 64 -30.62 11.55 -26.66
N LEU N 65 -31.08 12.07 -27.81
CA LEU N 65 -31.33 13.51 -27.98
C LEU N 65 -32.64 13.92 -27.30
N ALA N 66 -33.74 13.28 -27.66
CA ALA N 66 -35.01 13.54 -26.99
C ALA N 66 -34.93 13.22 -25.49
N ALA N 67 -34.26 12.12 -25.15
CA ALA N 67 -34.01 11.83 -23.75
C ALA N 67 -33.22 12.97 -23.08
N LEU N 68 -32.17 13.45 -23.77
CA LEU N 68 -31.36 14.57 -23.28
C LEU N 68 -32.19 15.79 -22.92
N GLY N 69 -33.11 16.18 -23.82
CA GLY N 69 -33.98 17.31 -23.52
C GLY N 69 -34.93 17.04 -22.38
N THR N 70 -35.36 15.79 -22.22
CA THR N 70 -36.11 15.48 -21.00
C THR N 70 -35.28 15.80 -19.76
N VAL N 71 -34.08 15.23 -19.65
CA VAL N 71 -33.33 15.41 -18.40
C VAL N 71 -33.03 16.89 -18.14
N GLN N 72 -32.71 17.67 -19.20
CA GLN N 72 -32.52 19.11 -18.99
C GLN N 72 -33.79 19.77 -18.46
N LEU N 73 -34.91 19.46 -19.09
CA LEU N 73 -36.15 20.09 -18.68
C LEU N 73 -36.49 19.75 -17.24
N GLU N 74 -36.37 18.47 -16.87
CA GLU N 74 -36.77 18.07 -15.54
C GLU N 74 -35.82 18.64 -14.48
N THR N 75 -34.53 18.69 -14.78
CA THR N 75 -33.64 19.29 -13.80
C THR N 75 -33.97 20.76 -13.61
N ALA N 76 -34.24 21.48 -14.69
CA ALA N 76 -34.60 22.88 -14.50
C ALA N 76 -35.93 23.00 -13.78
N SER N 77 -36.91 22.15 -14.08
CA SER N 77 -38.18 22.20 -13.36
C SER N 77 -38.00 21.92 -11.87
N GLN N 78 -37.12 20.99 -11.50
CA GLN N 78 -36.76 20.84 -10.10
C GLN N 78 -36.28 22.16 -9.51
N LEU N 79 -35.27 22.76 -10.15
CA LEU N 79 -34.71 24.00 -9.63
C LEU N 79 -35.78 25.07 -9.50
N SER N 80 -36.62 25.23 -10.53
CA SER N 80 -37.73 26.16 -10.46
C SER N 80 -38.62 25.87 -9.27
N ARG N 81 -38.99 24.61 -9.07
CA ARG N 81 -39.84 24.24 -7.95
C ARG N 81 -39.25 24.71 -6.62
N GLN N 82 -37.93 24.49 -6.41
CA GLN N 82 -37.35 24.91 -5.13
C GLN N 82 -37.06 26.40 -5.07
N MET N 83 -36.78 27.04 -6.20
CA MET N 83 -36.64 28.49 -6.16
C MET N 83 -37.97 29.12 -5.83
N LEU N 84 -39.07 28.54 -6.32
CA LEU N 84 -40.39 29.09 -6.02
C LEU N 84 -40.75 28.87 -4.56
N ASP N 85 -40.48 27.67 -4.03
CA ASP N 85 -40.75 27.46 -2.61
C ASP N 85 -39.92 28.42 -1.75
N ASP N 86 -38.62 28.53 -2.04
CA ASP N 86 -37.79 29.44 -1.26
C ASP N 86 -38.28 30.89 -1.38
N ILE N 87 -38.89 31.24 -2.51
CA ILE N 87 -39.46 32.58 -2.66
C ILE N 87 -40.76 32.70 -1.85
N GLN N 88 -41.50 31.59 -1.70
CA GLN N 88 -42.65 31.61 -0.80
C GLN N 88 -42.21 31.88 0.63
N LYS N 89 -41.13 31.26 1.06
CA LYS N 89 -40.70 31.46 2.45
C LYS N 89 -40.12 32.86 2.65
N LEU N 90 -39.34 33.36 1.68
CA LEU N 90 -38.78 34.71 1.80
C LEU N 90 -39.87 35.77 1.76
N SER N 91 -40.84 35.61 0.85
CA SER N 91 -41.98 36.51 0.82
C SER N 91 -42.81 36.41 2.10
N ALA N 92 -42.86 35.22 2.70
CA ALA N 92 -43.53 35.04 3.99
C ALA N 92 -42.83 35.84 5.08
N LEU N 93 -41.58 35.46 5.41
CA LEU N 93 -40.72 36.23 6.31
C LEU N 93 -40.86 37.74 6.10
N GLY N 94 -40.73 38.17 4.83
CA GLY N 94 -40.74 39.59 4.55
C GLY N 94 -42.10 40.24 4.78
N GLN N 95 -43.17 39.46 4.59
CA GLN N 95 -44.53 40.02 4.73
C GLN N 95 -44.97 40.08 6.18
N GLN N 96 -44.57 39.09 7.00
CA GLN N 96 -44.75 39.19 8.44
C GLN N 96 -43.93 40.33 9.02
N PHE N 97 -42.68 40.46 8.55
CA PHE N 97 -41.83 41.57 8.98
C PHE N 97 -42.42 42.91 8.56
N LYS N 98 -43.04 43.00 7.38
CA LYS N 98 -43.62 44.26 6.94
C LYS N 98 -44.93 44.54 7.65
N GLU N 99 -45.65 43.49 8.08
CA GLU N 99 -46.82 43.70 8.92
C GLU N 99 -46.43 44.27 10.27
N GLU N 100 -45.37 43.71 10.87
CA GLU N 100 -44.83 44.25 12.12
C GLU N 100 -44.25 45.65 11.91
N LEU N 101 -43.75 45.93 10.71
CA LEU N 101 -43.20 47.25 10.40
C LEU N 101 -44.32 48.27 10.25
N ASP N 102 -45.46 47.85 9.72
CA ASP N 102 -46.63 48.72 9.66
C ASP N 102 -47.23 48.92 11.05
N VAL N 103 -47.15 47.91 11.93
CA VAL N 103 -47.54 48.12 13.32
C VAL N 103 -46.58 49.09 14.00
N LEU N 104 -45.31 49.10 13.59
CA LEU N 104 -44.35 50.06 14.13
C LEU N 104 -44.64 51.47 13.63
N THR N 105 -44.83 51.62 12.32
CA THR N 105 -44.99 52.94 11.73
C THR N 105 -46.38 53.51 11.95
N ALA N 106 -47.35 52.70 12.38
CA ALA N 106 -48.68 53.20 12.69
C ALA N 106 -48.82 53.48 14.18
N ALA O 17 -24.13 57.36 -5.96
CA ALA O 17 -23.57 56.97 -7.26
C ALA O 17 -22.16 56.42 -7.04
N ALA O 18 -21.18 57.08 -7.66
CA ALA O 18 -19.77 56.95 -7.34
C ALA O 18 -19.09 55.70 -7.93
N PRO O 19 -17.78 55.57 -7.72
CA PRO O 19 -17.09 54.33 -8.14
C PRO O 19 -17.70 53.07 -7.58
N LEU O 20 -18.41 53.15 -6.45
CA LEU O 20 -19.14 52.00 -5.92
C LEU O 20 -20.08 51.43 -6.99
N THR O 21 -21.04 52.24 -7.45
CA THR O 21 -21.89 51.85 -8.56
C THR O 21 -21.08 51.43 -9.77
N ARG O 22 -20.04 52.18 -10.12
CA ARG O 22 -19.29 51.76 -11.29
C ARG O 22 -18.74 50.33 -11.13
N TYR O 23 -18.35 49.96 -9.90
CA TYR O 23 -17.79 48.63 -9.61
C TYR O 23 -18.84 47.54 -9.75
N ASN O 24 -19.99 47.70 -9.06
CA ASN O 24 -21.06 46.72 -9.18
C ASN O 24 -21.51 46.57 -10.64
N GLN O 25 -21.49 47.68 -11.38
CA GLN O 25 -21.75 47.66 -12.82
C GLN O 25 -20.74 46.77 -13.55
N LEU O 26 -19.44 46.92 -13.23
CA LEU O 26 -18.45 46.06 -13.88
C LEU O 26 -18.73 44.60 -13.61
N LEU O 27 -19.05 44.26 -12.36
CA LEU O 27 -19.38 42.88 -11.99
C LEU O 27 -20.47 42.31 -12.88
N ALA O 28 -21.64 42.99 -12.87
CA ALA O 28 -22.78 42.48 -13.62
C ALA O 28 -22.51 42.43 -15.12
N SER O 29 -21.82 43.45 -15.64
CA SER O 29 -21.41 43.47 -17.04
C SER O 29 -20.64 42.21 -17.42
N ASN O 30 -19.66 41.84 -16.59
CA ASN O 30 -18.86 40.66 -16.87
C ASN O 30 -19.66 39.37 -16.75
N ILE O 31 -20.54 39.29 -15.73
CA ILE O 31 -21.41 38.12 -15.61
C ILE O 31 -22.21 37.91 -16.88
N GLU O 32 -22.76 39.01 -17.40
CA GLU O 32 -23.54 38.97 -18.63
C GLU O 32 -22.69 38.52 -19.82
N GLN O 33 -21.57 39.20 -20.09
CA GLN O 33 -20.69 38.80 -21.20
C GLN O 33 -20.27 37.33 -21.13
N LEU O 34 -19.91 36.87 -19.93
CA LEU O 34 -19.55 35.46 -19.78
C LEU O 34 -20.74 34.56 -20.09
N THR O 35 -21.92 34.94 -19.59
CA THR O 35 -23.12 34.17 -19.86
C THR O 35 -23.35 34.04 -21.36
N ARG O 36 -23.21 35.13 -22.10
CA ARG O 36 -23.40 35.05 -23.53
C ARG O 36 -22.33 34.17 -24.14
N LEU O 37 -21.10 34.27 -23.65
CA LEU O 37 -20.06 33.40 -24.16
C LEU O 37 -20.43 31.95 -24.01
N GLN O 38 -20.96 31.58 -22.83
CA GLN O 38 -21.38 30.22 -22.57
C GLN O 38 -22.51 29.80 -23.48
N LEU O 39 -23.46 30.70 -23.71
CA LEU O 39 -24.52 30.40 -24.66
C LEU O 39 -23.96 30.14 -26.05
N ALA O 40 -23.03 30.99 -26.49
CA ALA O 40 -22.36 30.81 -27.78
C ALA O 40 -21.68 29.46 -27.90
N SER O 41 -20.83 29.11 -26.92
CA SER O 41 -20.18 27.81 -26.91
C SER O 41 -21.19 26.68 -26.98
N ALA O 42 -22.21 26.73 -26.12
CA ALA O 42 -23.19 25.65 -26.06
C ALA O 42 -23.88 25.46 -27.41
N ASN O 43 -24.35 26.55 -28.00
CA ASN O 43 -24.93 26.50 -29.35
C ASN O 43 -23.94 25.92 -30.36
N ALA O 44 -22.70 26.39 -30.34
CA ALA O 44 -21.74 25.93 -31.34
C ALA O 44 -21.53 24.42 -31.24
N TYR O 45 -21.49 23.86 -30.02
CA TYR O 45 -21.47 22.40 -29.88
C TYR O 45 -22.78 21.76 -30.35
N ALA O 46 -23.93 22.39 -30.06
CA ALA O 46 -25.23 21.83 -30.44
C ALA O 46 -25.37 21.72 -31.95
N GLU O 47 -25.04 22.79 -32.68
CA GLU O 47 -24.74 22.61 -34.08
C GLU O 47 -23.54 21.69 -34.16
N LEU O 48 -23.51 20.80 -35.16
CA LEU O 48 -22.43 19.81 -35.26
C LEU O 48 -22.61 18.64 -34.28
N GLY O 49 -23.16 18.88 -33.10
CA GLY O 49 -23.61 17.78 -32.25
C GLY O 49 -24.73 16.96 -32.87
N LEU O 50 -25.61 17.58 -33.64
CA LEU O 50 -26.57 16.82 -34.45
C LEU O 50 -25.86 16.26 -35.69
N GLN O 60 -12.49 15.87 -42.00
CA GLN O 60 -12.88 17.13 -42.61
C GLN O 60 -13.78 17.95 -41.69
N ASP O 61 -14.01 17.42 -40.48
CA ASP O 61 -14.80 18.09 -39.46
C ASP O 61 -14.08 18.25 -38.13
N THR O 62 -13.16 17.33 -37.80
CA THR O 62 -12.29 17.56 -36.65
C THR O 62 -11.56 18.89 -36.79
N GLN O 63 -11.33 19.31 -38.03
CA GLN O 63 -10.88 20.68 -38.27
C GLN O 63 -11.88 21.68 -37.70
N SER O 64 -13.18 21.44 -37.91
CA SER O 64 -14.20 22.34 -37.36
C SER O 64 -14.16 22.35 -35.84
N LEU O 65 -13.82 21.22 -35.22
CA LEU O 65 -13.72 21.13 -33.76
C LEU O 65 -12.53 21.93 -33.21
N ALA O 66 -11.33 21.67 -33.73
CA ALA O 66 -10.17 22.47 -33.30
C ALA O 66 -10.40 23.94 -33.59
N ALA O 67 -11.01 24.25 -34.74
CA ALA O 67 -11.36 25.62 -35.10
C ALA O 67 -12.24 26.25 -34.05
N LEU O 68 -13.26 25.52 -33.59
CA LEU O 68 -14.18 26.05 -32.59
C LEU O 68 -13.47 26.36 -31.28
N GLY O 69 -12.65 25.41 -30.80
CA GLY O 69 -11.88 25.64 -29.58
C GLY O 69 -10.95 26.85 -29.67
N THR O 70 -10.23 26.96 -30.78
CA THR O 70 -9.33 28.11 -30.92
C THR O 70 -10.10 29.43 -30.91
N VAL O 71 -11.21 29.47 -31.64
CA VAL O 71 -11.93 30.75 -31.72
C VAL O 71 -12.52 31.12 -30.36
N GLN O 72 -13.13 30.16 -29.65
CA GLN O 72 -13.72 30.55 -28.37
C GLN O 72 -12.64 30.94 -27.37
N LEU O 73 -11.47 30.34 -27.50
CA LEU O 73 -10.36 30.76 -26.65
C LEU O 73 -9.94 32.19 -26.95
N GLU O 74 -9.75 32.55 -28.23
CA GLU O 74 -9.42 33.95 -28.54
C GLU O 74 -10.51 34.89 -28.05
N THR O 75 -11.79 34.49 -28.19
CA THR O 75 -12.88 35.36 -27.80
C THR O 75 -12.87 35.60 -26.29
N ALA O 76 -12.75 34.52 -25.53
CA ALA O 76 -12.64 34.67 -24.08
C ALA O 76 -11.41 35.51 -23.70
N SER O 77 -10.25 35.21 -24.32
CA SER O 77 -9.04 35.99 -24.06
C SER O 77 -9.27 37.47 -24.27
N GLN O 78 -9.96 37.82 -25.36
CA GLN O 78 -10.31 39.20 -25.60
C GLN O 78 -11.15 39.75 -24.45
N LEU O 79 -12.14 38.98 -24.01
CA LEU O 79 -12.96 39.43 -22.89
C LEU O 79 -12.10 39.70 -21.65
N SER O 80 -11.12 38.83 -21.39
CA SER O 80 -10.26 39.02 -20.21
C SER O 80 -9.44 40.28 -20.34
N ARG O 81 -8.95 40.57 -21.57
CA ARG O 81 -8.28 41.85 -21.85
C ARG O 81 -9.17 43.02 -21.47
N GLN O 82 -10.41 43.03 -21.97
CA GLN O 82 -11.30 44.14 -21.65
C GLN O 82 -11.57 44.22 -20.15
N MET O 83 -11.78 43.07 -19.51
CA MET O 83 -12.06 43.12 -18.07
C MET O 83 -10.88 43.70 -17.30
N LEU O 84 -9.65 43.34 -17.67
CA LEU O 84 -8.51 43.85 -16.91
C LEU O 84 -8.26 45.34 -17.17
N ASP O 85 -8.45 45.80 -18.41
CA ASP O 85 -8.35 47.24 -18.66
C ASP O 85 -9.38 48.00 -17.84
N ASP O 86 -10.62 47.53 -17.89
CA ASP O 86 -11.68 48.17 -17.12
C ASP O 86 -11.40 48.11 -15.63
N ILE O 87 -10.68 47.07 -15.17
CA ILE O 87 -10.35 46.98 -13.76
C ILE O 87 -9.34 48.07 -13.39
N GLN O 88 -8.31 48.27 -14.20
CA GLN O 88 -7.36 49.34 -13.90
C GLN O 88 -8.07 50.70 -13.87
N LYS O 89 -8.89 51.00 -14.88
CA LYS O 89 -9.58 52.29 -14.87
C LYS O 89 -10.46 52.43 -13.63
N LEU O 90 -11.17 51.36 -13.25
CA LEU O 90 -11.98 51.38 -12.04
C LEU O 90 -11.13 51.68 -10.80
N SER O 91 -9.92 51.11 -10.72
CA SER O 91 -9.12 51.38 -9.53
C SER O 91 -8.72 52.84 -9.46
N ALA O 92 -8.48 53.48 -10.62
CA ALA O 92 -8.17 54.91 -10.64
C ALA O 92 -9.34 55.74 -10.08
N LEU O 93 -10.53 55.57 -10.66
CA LEU O 93 -11.70 56.20 -10.05
C LEU O 93 -11.75 55.92 -8.55
N GLY O 94 -11.33 54.70 -8.16
CA GLY O 94 -11.19 54.36 -6.74
C GLY O 94 -10.23 55.27 -6.02
N GLN O 95 -9.20 55.77 -6.73
CA GLN O 95 -8.37 56.81 -6.12
C GLN O 95 -9.20 58.05 -5.83
N GLN O 96 -10.05 58.46 -6.79
CA GLN O 96 -10.88 59.64 -6.56
C GLN O 96 -11.79 59.50 -5.34
N PHE O 97 -12.58 58.43 -5.27
CA PHE O 97 -13.49 58.29 -4.13
C PHE O 97 -12.74 58.06 -2.83
N LYS O 98 -11.57 57.41 -2.89
CA LYS O 98 -10.71 57.34 -1.71
C LYS O 98 -10.32 58.74 -1.23
N GLU O 99 -10.08 59.66 -2.18
CA GLU O 99 -9.71 61.04 -1.84
C GLU O 99 -10.87 61.77 -1.18
N GLU O 100 -12.04 61.80 -1.83
CA GLU O 100 -13.20 62.46 -1.23
C GLU O 100 -13.57 61.85 0.13
N LEU O 101 -13.36 60.54 0.28
CA LEU O 101 -13.72 59.83 1.51
C LEU O 101 -12.77 60.09 2.66
N ASP O 102 -11.49 60.28 2.36
CA ASP O 102 -10.52 60.62 3.41
C ASP O 102 -10.89 61.91 4.13
N VAL O 103 -11.43 62.89 3.41
CA VAL O 103 -11.86 64.15 4.03
C VAL O 103 -13.02 63.91 4.99
N LEU O 104 -14.01 63.11 4.58
CA LEU O 104 -15.14 62.83 5.45
C LEU O 104 -14.71 62.05 6.69
N THR O 105 -13.74 61.14 6.54
CA THR O 105 -13.18 60.48 7.73
C THR O 105 -12.47 61.48 8.62
N ALA O 106 -11.81 62.48 8.04
CA ALA O 106 -11.21 63.55 8.83
C ALA O 106 -12.26 64.31 9.64
N ASP O 107 -13.37 64.70 8.99
CA ASP O 107 -14.44 65.36 9.72
C ASP O 107 -15.06 64.45 10.78
N GLY O 108 -15.03 63.13 10.54
CA GLY O 108 -15.53 62.19 11.56
C GLY O 108 -14.65 62.18 12.79
N ILE O 109 -13.32 62.22 12.59
CA ILE O 109 -12.40 62.41 13.71
C ILE O 109 -12.69 63.72 14.43
N LYS O 110 -13.05 64.76 13.68
CA LYS O 110 -13.34 66.06 14.28
C LYS O 110 -14.56 66.00 15.19
N LYS O 111 -15.72 65.57 14.65
CA LYS O 111 -16.92 65.46 15.46
C LYS O 111 -16.78 64.44 16.58
N SER O 112 -15.83 63.51 16.46
CA SER O 112 -15.57 62.58 17.55
C SER O 112 -14.85 63.27 18.71
N THR O 113 -13.73 63.97 18.42
CA THR O 113 -12.98 64.63 19.49
C THR O 113 -13.56 65.97 19.91
N GLY O 114 -14.66 66.41 19.30
CA GLY O 114 -15.26 67.69 19.66
C GLY O 114 -16.13 67.67 20.91
N LYS O 115 -16.93 66.61 21.07
CA LYS O 115 -17.86 66.52 22.20
C LYS O 115 -17.11 66.18 23.49
N MET P 3 -25.13 29.26 -49.15
CA MET P 3 -25.07 27.87 -48.69
C MET P 3 -25.32 27.72 -47.19
N ASP P 4 -24.87 28.70 -46.40
CA ASP P 4 -25.21 28.72 -44.98
C ASP P 4 -26.69 28.92 -44.78
N VAL P 5 -27.31 29.72 -45.64
CA VAL P 5 -28.73 30.03 -45.48
C VAL P 5 -29.58 28.82 -45.84
N ILE P 6 -29.26 28.14 -46.95
CA ILE P 6 -29.99 26.91 -47.30
C ILE P 6 -29.90 25.91 -46.16
N LYS P 7 -28.69 25.74 -45.60
CA LYS P 7 -28.52 24.80 -44.51
C LYS P 7 -29.32 25.22 -43.29
N SER P 8 -29.31 26.50 -42.94
CA SER P 8 -30.04 26.90 -41.74
C SER P 8 -31.54 26.77 -41.94
N PHE P 9 -32.03 26.97 -43.16
CA PHE P 9 -33.44 26.71 -43.43
C PHE P 9 -33.77 25.24 -43.27
N THR P 10 -32.99 24.37 -43.91
CA THR P 10 -33.29 22.94 -43.80
C THR P 10 -33.09 22.45 -42.37
N GLU P 11 -32.13 23.02 -41.67
CA GLU P 11 -31.90 22.71 -40.26
C GLU P 11 -33.06 23.16 -39.40
N GLN P 12 -33.53 24.38 -39.62
CA GLN P 12 -34.72 24.89 -38.92
C GLN P 12 -35.93 24.02 -39.19
N MET P 13 -35.96 23.36 -40.35
CA MET P 13 -37.12 22.56 -40.72
C MET P 13 -37.05 21.16 -40.11
N GLN P 14 -35.89 20.53 -40.16
CA GLN P 14 -35.70 19.27 -39.46
C GLN P 14 -35.94 19.46 -37.96
N GLY P 15 -35.32 20.50 -37.40
CA GLY P 15 -35.65 20.90 -36.04
C GLY P 15 -34.98 20.16 -34.91
N PHE P 16 -33.69 19.81 -35.05
CA PHE P 16 -33.02 19.09 -33.97
C PHE P 16 -32.29 20.02 -33.00
N ALA P 17 -31.54 21.01 -33.49
CA ALA P 17 -30.85 21.94 -32.58
C ALA P 17 -31.76 23.04 -32.06
N ALA P 18 -32.92 23.25 -32.70
CA ALA P 18 -33.79 24.35 -32.30
C ALA P 18 -34.35 24.18 -30.88
N PRO P 19 -34.99 23.05 -30.51
CA PRO P 19 -35.57 22.96 -29.15
C PRO P 19 -34.55 22.97 -28.04
N LEU P 20 -33.43 22.26 -28.25
CA LEU P 20 -32.36 22.22 -27.25
C LEU P 20 -31.74 23.61 -27.08
N THR P 21 -31.43 24.27 -28.20
CA THR P 21 -30.96 25.65 -28.17
C THR P 21 -31.93 26.57 -27.43
N ARG P 22 -33.24 26.41 -27.64
CA ARG P 22 -34.21 27.22 -26.92
C ARG P 22 -34.09 27.02 -25.41
N TYR P 23 -33.77 25.79 -24.97
CA TYR P 23 -33.52 25.56 -23.55
C TYR P 23 -32.31 26.38 -23.07
N ASN P 24 -31.20 26.28 -23.79
CA ASN P 24 -30.02 27.06 -23.45
C ASN P 24 -30.30 28.56 -23.41
N GLN P 25 -30.90 29.08 -24.48
CA GLN P 25 -31.37 30.45 -24.52
C GLN P 25 -32.06 30.82 -23.21
N LEU P 26 -33.08 30.04 -22.82
CA LEU P 26 -33.89 30.35 -21.63
C LEU P 26 -33.07 30.43 -20.34
N LEU P 27 -32.12 29.50 -20.14
CA LEU P 27 -31.21 29.60 -19.00
C LEU P 27 -30.44 30.93 -19.03
N ALA P 28 -29.83 31.23 -20.18
CA ALA P 28 -29.05 32.46 -20.30
C ALA P 28 -29.90 33.68 -20.00
N SER P 29 -31.14 33.70 -20.49
CA SER P 29 -32.08 34.78 -20.21
C SER P 29 -32.32 34.95 -18.72
N ASN P 30 -32.56 33.86 -18.01
CA ASN P 30 -32.83 34.04 -16.60
C ASN P 30 -31.59 34.45 -15.82
N ILE P 31 -30.42 33.94 -16.20
CA ILE P 31 -29.19 34.41 -15.57
C ILE P 31 -29.08 35.91 -15.73
N GLU P 32 -29.25 36.39 -16.95
CA GLU P 32 -29.18 37.81 -17.27
C GLU P 32 -30.17 38.63 -16.42
N GLN P 33 -31.42 38.17 -16.32
CA GLN P 33 -32.40 38.94 -15.57
C GLN P 33 -32.10 38.95 -14.07
N LEU P 34 -31.74 37.80 -13.51
CA LEU P 34 -31.35 37.73 -12.10
C LEU P 34 -30.16 38.62 -11.81
N THR P 35 -29.13 38.53 -12.65
CA THR P 35 -27.95 39.39 -12.50
C THR P 35 -28.33 40.86 -12.48
N ARG P 36 -29.20 41.28 -13.41
CA ARG P 36 -29.56 42.70 -13.46
C ARG P 36 -30.29 43.10 -12.18
N LEU P 37 -31.17 42.23 -11.69
CA LEU P 37 -31.84 42.49 -10.42
C LEU P 37 -30.84 42.63 -9.29
N GLN P 38 -29.82 41.76 -9.24
CA GLN P 38 -28.84 41.82 -8.19
C GLN P 38 -28.08 43.14 -8.22
N LEU P 39 -27.66 43.56 -9.41
CA LEU P 39 -26.99 44.85 -9.58
C LEU P 39 -27.86 46.01 -9.14
N ALA P 40 -29.15 45.98 -9.48
CA ALA P 40 -30.06 47.06 -9.09
C ALA P 40 -30.18 47.12 -7.57
N SER P 41 -30.33 45.97 -6.92
CA SER P 41 -30.35 45.93 -5.46
C SER P 41 -29.06 46.51 -4.89
N ALA P 42 -27.91 46.11 -5.44
CA ALA P 42 -26.61 46.59 -4.97
C ALA P 42 -26.50 48.11 -5.07
N ASN P 43 -26.88 48.66 -6.22
CA ASN P 43 -26.86 50.09 -6.41
C ASN P 43 -27.82 50.80 -5.46
N ALA P 44 -28.96 50.16 -5.19
CA ALA P 44 -29.95 50.74 -4.28
C ALA P 44 -29.44 50.81 -2.85
N TYR P 45 -28.98 49.68 -2.30
CA TYR P 45 -28.45 49.67 -0.94
C TYR P 45 -27.25 50.60 -0.80
N ALA P 46 -26.37 50.61 -1.82
CA ALA P 46 -25.21 51.51 -1.80
C ALA P 46 -25.61 52.98 -1.83
N GLU P 47 -26.53 53.33 -2.72
CA GLU P 47 -27.00 54.71 -2.86
C GLU P 47 -27.72 55.16 -1.58
N LEU P 48 -28.58 54.31 -1.03
CA LEU P 48 -29.35 54.69 0.17
C LEU P 48 -28.43 54.88 1.36
N GLY P 49 -27.56 53.89 1.61
CA GLY P 49 -26.60 54.03 2.70
C GLY P 49 -25.69 55.23 2.55
N LEU P 50 -25.32 55.58 1.30
CA LEU P 50 -24.46 56.74 1.04
C LEU P 50 -25.21 58.06 1.21
N ASN P 51 -26.52 58.06 0.99
CA ASN P 51 -27.29 59.25 1.34
C ASN P 51 -27.46 59.38 2.85
N GLN P 52 -27.44 58.25 3.58
CA GLN P 52 -27.40 58.37 5.03
C GLN P 52 -26.02 58.80 5.53
N LEU P 53 -24.95 58.41 4.83
CA LEU P 53 -23.60 58.84 5.20
C LEU P 53 -23.40 60.32 4.94
N GLN P 54 -23.74 60.79 3.74
CA GLN P 54 -23.69 62.23 3.50
C GLN P 54 -24.65 62.96 4.42
N ALA P 55 -25.78 62.33 4.77
CA ALA P 55 -26.74 62.95 5.68
C ALA P 55 -26.14 63.12 7.08
N VAL P 56 -25.48 62.08 7.59
CA VAL P 56 -24.82 62.15 8.90
C VAL P 56 -23.60 63.07 8.87
N SER P 57 -22.94 63.20 7.70
CA SER P 57 -21.77 64.09 7.59
C SER P 57 -22.20 65.56 7.55
N LYS P 58 -23.33 65.86 6.91
CA LYS P 58 -23.89 67.20 6.86
C LYS P 58 -24.54 67.65 8.18
N VAL P 59 -24.57 66.79 9.21
CA VAL P 59 -25.16 67.14 10.50
C VAL P 59 -24.24 68.14 11.21
N GLN P 60 -23.62 67.70 12.31
CA GLN P 60 -22.99 68.57 13.30
C GLN P 60 -24.02 69.54 13.88
N ASP P 61 -23.68 70.18 15.00
CA ASP P 61 -24.62 71.00 15.76
C ASP P 61 -25.72 70.13 16.35
N THR P 62 -26.14 70.45 17.56
CA THR P 62 -27.23 69.74 18.20
C THR P 62 -28.60 70.19 17.71
N GLN P 63 -28.64 71.01 16.65
CA GLN P 63 -29.89 71.47 16.05
C GLN P 63 -30.34 70.62 14.88
N SER P 64 -29.53 69.64 14.47
CA SER P 64 -29.84 68.83 13.29
C SER P 64 -30.36 67.45 13.68
N LEU P 65 -31.42 67.40 14.51
CA LEU P 65 -32.08 66.15 14.83
C LEU P 65 -33.24 65.83 13.88
N ALA P 66 -33.71 66.81 13.12
CA ALA P 66 -34.73 66.56 12.10
C ALA P 66 -34.18 65.69 10.98
N ALA P 67 -32.97 65.98 10.52
CA ALA P 67 -32.35 65.16 9.47
C ALA P 67 -32.20 63.72 9.92
N LEU P 68 -31.88 63.52 11.20
CA LEU P 68 -31.78 62.18 11.75
C LEU P 68 -33.12 61.44 11.72
N GLY P 69 -34.19 62.07 12.22
CA GLY P 69 -35.47 61.39 12.25
C GLY P 69 -36.08 61.16 10.87
N THR P 70 -35.93 62.14 9.97
CA THR P 70 -36.51 62.02 8.63
C THR P 70 -35.70 61.09 7.73
N VAL P 71 -34.37 61.18 7.78
CA VAL P 71 -33.55 60.27 7.00
C VAL P 71 -33.72 58.86 7.55
N GLN P 72 -33.90 58.74 8.87
CA GLN P 72 -34.12 57.44 9.49
C GLN P 72 -35.44 56.80 9.05
N LEU P 73 -36.57 57.49 9.28
CA LEU P 73 -37.85 56.87 8.94
C LEU P 73 -38.01 56.71 7.43
N GLU P 74 -37.75 57.79 6.66
CA GLU P 74 -37.79 57.67 5.20
C GLU P 74 -36.86 56.59 4.70
N THR P 75 -35.68 56.48 5.31
CA THR P 75 -34.74 55.45 4.92
C THR P 75 -35.31 54.07 5.22
N ALA P 76 -36.00 53.92 6.34
CA ALA P 76 -36.60 52.64 6.70
C ALA P 76 -37.73 52.27 5.75
N SER P 77 -38.65 53.21 5.51
CA SER P 77 -39.78 52.91 4.62
C SER P 77 -39.30 52.72 3.18
N GLN P 78 -38.30 53.48 2.76
CA GLN P 78 -37.72 53.32 1.42
C GLN P 78 -36.96 52.01 1.28
N LEU P 79 -36.35 51.52 2.37
CA LEU P 79 -35.73 50.20 2.32
C LEU P 79 -36.80 49.11 2.36
N SER P 80 -37.95 49.46 2.91
CA SER P 80 -39.10 48.60 2.96
C SER P 80 -39.64 48.51 1.53
N ARG P 81 -39.45 49.57 0.76
CA ARG P 81 -39.92 49.59 -0.60
C ARG P 81 -38.98 48.84 -1.50
N GLN P 82 -37.70 49.14 -1.40
CA GLN P 82 -36.74 48.48 -2.27
C GLN P 82 -36.71 46.98 -2.04
N MET P 83 -36.72 46.56 -0.76
CA MET P 83 -36.60 45.14 -0.44
C MET P 83 -37.87 44.37 -0.83
N LEU P 84 -39.05 44.92 -0.52
CA LEU P 84 -40.29 44.25 -0.89
C LEU P 84 -40.48 44.23 -2.41
N ASP P 85 -40.19 45.34 -3.10
CA ASP P 85 -40.29 45.36 -4.56
C ASP P 85 -39.32 44.36 -5.17
N ASP P 86 -38.13 44.23 -4.59
CA ASP P 86 -37.16 43.24 -5.04
C ASP P 86 -37.72 41.82 -4.87
N ILE P 87 -38.32 41.54 -3.71
CA ILE P 87 -38.94 40.22 -3.51
C ILE P 87 -40.03 39.98 -4.56
N GLN P 88 -40.79 41.02 -4.88
CA GLN P 88 -41.83 40.87 -5.90
C GLN P 88 -41.22 40.52 -7.25
N LYS P 89 -40.26 41.32 -7.70
CA LYS P 89 -39.61 41.05 -8.98
C LYS P 89 -39.06 39.62 -9.02
N LEU P 90 -38.40 39.19 -7.94
CA LEU P 90 -37.81 37.85 -7.91
C LEU P 90 -38.88 36.75 -8.00
N SER P 91 -40.01 36.92 -7.31
CA SER P 91 -41.09 35.95 -7.46
C SER P 91 -41.60 35.91 -8.89
N ALA P 92 -41.80 37.09 -9.49
CA ALA P 92 -42.27 37.19 -10.87
C ALA P 92 -41.31 36.50 -11.82
N LEU P 93 -40.03 36.73 -11.62
CA LEU P 93 -39.02 36.07 -12.43
C LEU P 93 -39.15 34.56 -12.32
N GLY P 94 -39.36 34.06 -11.08
CA GLY P 94 -39.48 32.63 -10.88
C GLY P 94 -40.70 32.03 -11.55
N GLN P 95 -41.85 32.72 -11.43
CA GLN P 95 -43.05 32.28 -12.12
C GLN P 95 -42.80 32.17 -13.62
N GLN P 96 -42.15 33.18 -14.21
CA GLN P 96 -41.93 33.14 -15.66
C GLN P 96 -41.04 31.97 -16.05
N PHE P 97 -39.98 31.74 -15.28
CA PHE P 97 -39.09 30.62 -15.55
C PHE P 97 -39.88 29.31 -15.57
N LYS P 98 -40.80 29.17 -14.61
CA LYS P 98 -41.65 27.97 -14.51
C LYS P 98 -42.55 27.82 -15.73
N GLU P 99 -43.26 28.89 -16.09
CA GLU P 99 -44.12 28.88 -17.28
C GLU P 99 -43.36 28.40 -18.50
N GLU P 100 -42.22 29.06 -18.81
CA GLU P 100 -41.50 28.75 -20.04
C GLU P 100 -40.98 27.33 -20.07
N LEU P 101 -40.50 26.84 -18.92
CA LEU P 101 -40.09 25.44 -18.83
C LEU P 101 -41.23 24.50 -19.16
N ASP P 102 -42.43 24.81 -18.64
CA ASP P 102 -43.58 23.94 -18.87
C ASP P 102 -44.00 23.92 -20.34
N VAL P 103 -43.97 25.08 -21.02
CA VAL P 103 -44.29 25.07 -22.44
C VAL P 103 -43.21 24.34 -23.23
N LEU P 104 -41.95 24.51 -22.87
CA LEU P 104 -40.90 23.79 -23.59
C LEU P 104 -41.09 22.28 -23.45
N THR P 105 -41.51 21.80 -22.27
CA THR P 105 -41.80 20.39 -22.12
C THR P 105 -42.96 19.99 -23.03
N ALA P 106 -44.04 20.77 -23.00
CA ALA P 106 -45.23 20.48 -23.79
C ALA P 106 -44.90 20.40 -25.28
N ASP P 107 -44.16 21.40 -25.80
CA ASP P 107 -43.76 21.41 -27.20
C ASP P 107 -42.81 20.27 -27.53
N GLY P 108 -42.02 19.81 -26.55
CA GLY P 108 -41.15 18.67 -26.80
C GLY P 108 -41.92 17.38 -26.97
N ILE P 109 -43.00 17.19 -26.18
CA ILE P 109 -43.83 15.99 -26.29
C ILE P 109 -44.32 15.79 -27.71
N LYS P 110 -44.90 16.84 -28.30
CA LYS P 110 -45.34 16.81 -29.68
C LYS P 110 -44.19 17.11 -30.63
CD CD Q . 2.11 -11.29 -8.49
CD CD R . 16.97 -4.19 -18.69
CD CD S . 9.39 -5.60 -10.58
CD CD T . -1.91 2.16 6.11
CD CD U . 15.73 -8.90 19.19
CD CD V . 20.96 -11.50 17.66
CD CD W . 16.29 -23.48 5.56
CD CD X . 2.10 -35.98 10.09
CD CD Y . 8.45 -26.86 10.36
CD CD Z . 4.51 -21.99 23.21
CD CD AA . 36.08 -26.91 26.75
CD CD BA . 34.61 -34.75 28.75
CD CD CA . 17.97 -36.05 36.45
CD CD DA . 13.84 -25.19 52.57
CD CD EA . 18.85 -28.58 42.95
CD CD FA . 30.84 -21.00 44.40
CD CD GA . 6.98 -27.43 15.77
CD CD HA . -23.28 3.25 -20.43
CD CD IA . -20.01 9.05 -15.57
CD CD JA . -2.77 19.47 -20.51
CD CD KA . -5.78 25.18 -14.28
CD CD LA . -18.79 25.51 -8.43
CD CD MA . 10.05 7.70 -5.29
CD CD NA . -6.71 0.01 3.00
CD CD OA . 9.85 0.34 -10.68
CD CD PA . -18.32 9.62 -22.49
CD CD QA . -10.51 27.63 -12.43
CD CD RA . -27.60 29.93 -38.31
CD CD SA . -37.84 34.06 -21.85
#